data_2LRJ
#
_entry.id   2LRJ
#
_entity_poly.entity_id   1
_entity_poly.type   'polypeptide(L)'
_entity_poly.pdbx_seq_one_letter_code
;GSSISHSGNLYTAGQCTWYVYDKVGGEIGSTWGNANNWAAAAQGAGFTVNHTPSKGAILQSSEGPFGHVAYVESVNSDGS
VTISEMNYSGGPFSVSSRTISASEAGNYNYIHI
;
_entity_poly.pdbx_strand_id   A
#
# COMPACT_ATOMS: atom_id res chain seq x y z
N GLY A 1 14.34 5.35 -29.17
CA GLY A 1 14.59 6.24 -28.03
C GLY A 1 13.32 6.59 -27.28
N SER A 2 13.31 6.34 -25.99
CA SER A 2 12.15 6.66 -25.16
C SER A 2 12.59 7.47 -23.94
N SER A 3 11.89 8.56 -23.69
CA SER A 3 12.20 9.42 -22.55
C SER A 3 12.06 8.66 -21.23
N ILE A 4 10.86 8.12 -21.00
CA ILE A 4 10.54 7.40 -19.77
C ILE A 4 10.98 8.20 -18.54
N SER A 5 10.25 9.26 -18.26
CA SER A 5 10.55 10.13 -17.14
C SER A 5 9.24 10.58 -16.51
N HIS A 6 8.42 11.27 -17.29
CA HIS A 6 7.06 11.57 -16.85
C HIS A 6 6.17 10.38 -17.15
N SER A 7 6.47 9.28 -16.48
CA SER A 7 5.71 8.07 -16.59
C SER A 7 5.65 7.39 -15.23
N GLY A 8 6.81 6.92 -14.79
CA GLY A 8 6.96 6.36 -13.46
C GLY A 8 6.05 5.19 -13.19
N ASN A 9 4.91 5.49 -12.59
CA ASN A 9 3.95 4.46 -12.20
C ASN A 9 3.11 4.06 -13.41
N LEU A 10 2.91 2.75 -13.56
CA LEU A 10 2.12 2.20 -14.65
C LEU A 10 0.63 2.37 -14.39
N TYR A 11 0.31 2.78 -13.18
CA TYR A 11 -1.07 2.95 -12.77
C TYR A 11 -1.68 4.22 -13.34
N THR A 12 -2.89 4.51 -12.86
CA THR A 12 -3.66 5.65 -13.30
C THR A 12 -3.08 6.97 -12.76
N ALA A 13 -3.93 7.87 -12.28
CA ALA A 13 -3.46 9.13 -11.75
C ALA A 13 -4.04 9.35 -10.36
N GLY A 14 -4.49 8.27 -9.76
CA GLY A 14 -5.10 8.33 -8.46
C GLY A 14 -5.68 6.99 -8.07
N GLN A 15 -4.81 6.10 -7.65
CA GLN A 15 -5.23 4.77 -7.22
C GLN A 15 -4.60 4.43 -5.88
N CYS A 16 -5.22 3.52 -5.15
CA CYS A 16 -4.68 3.09 -3.86
C CYS A 16 -3.31 2.45 -4.07
N THR A 17 -3.23 1.61 -5.09
CA THR A 17 -2.00 0.91 -5.41
C THR A 17 -1.10 1.76 -6.33
N TRP A 18 -1.56 2.98 -6.62
CA TRP A 18 -0.78 3.94 -7.37
C TRP A 18 0.04 4.78 -6.40
N TYR A 19 -0.66 5.43 -5.48
CA TYR A 19 -0.03 6.30 -4.48
C TYR A 19 1.01 5.52 -3.69
N VAL A 20 0.63 4.31 -3.27
CA VAL A 20 1.54 3.41 -2.55
C VAL A 20 2.85 3.21 -3.31
N TYR A 21 2.73 2.87 -4.59
CA TYR A 21 3.90 2.54 -5.41
C TYR A 21 4.84 3.74 -5.54
N ASP A 22 4.27 4.92 -5.72
CA ASP A 22 5.07 6.13 -5.84
C ASP A 22 5.71 6.53 -4.50
N LYS A 23 5.07 6.17 -3.40
CA LYS A 23 5.56 6.54 -2.07
C LYS A 23 6.67 5.59 -1.62
N VAL A 24 6.80 4.44 -2.28
CA VAL A 24 7.87 3.50 -1.96
C VAL A 24 9.02 3.63 -2.95
N GLY A 25 8.93 4.62 -3.83
CA GLY A 25 9.99 4.89 -4.78
C GLY A 25 10.04 3.89 -5.91
N GLY A 26 9.04 3.01 -5.98
CA GLY A 26 9.00 2.01 -7.02
C GLY A 26 9.88 0.81 -6.70
N GLU A 27 10.24 0.65 -5.44
CA GLU A 27 11.03 -0.50 -5.01
C GLU A 27 10.26 -1.79 -5.27
N ILE A 28 9.06 -1.87 -4.72
CA ILE A 28 8.21 -3.03 -4.93
C ILE A 28 6.94 -2.59 -5.65
N GLY A 29 6.33 -3.48 -6.41
CA GLY A 29 5.02 -3.19 -6.95
C GLY A 29 4.81 -3.62 -8.37
N SER A 30 4.01 -2.81 -9.07
CA SER A 30 3.60 -3.02 -10.47
C SER A 30 2.86 -4.35 -10.69
N THR A 31 3.56 -5.46 -10.46
CA THR A 31 3.02 -6.77 -10.79
C THR A 31 2.28 -7.39 -9.59
N TRP A 32 2.02 -6.58 -8.56
CA TRP A 32 1.31 -7.09 -7.39
C TRP A 32 -0.20 -7.20 -7.65
N GLY A 33 -0.63 -6.78 -8.84
CA GLY A 33 -2.03 -6.87 -9.18
C GLY A 33 -2.80 -5.69 -8.66
N ASN A 34 -3.55 -5.92 -7.60
CA ASN A 34 -4.21 -4.87 -6.85
C ASN A 34 -4.25 -5.27 -5.38
N ALA A 35 -4.90 -4.44 -4.58
CA ALA A 35 -4.84 -4.57 -3.13
C ALA A 35 -5.29 -5.94 -2.61
N ASN A 36 -6.29 -6.54 -3.25
CA ASN A 36 -6.84 -7.81 -2.77
C ASN A 36 -6.01 -9.02 -3.22
N ASN A 37 -5.05 -8.77 -4.10
CA ASN A 37 -4.21 -9.85 -4.63
C ASN A 37 -2.75 -9.58 -4.26
N TRP A 38 -2.56 -8.59 -3.40
CA TRP A 38 -1.23 -8.11 -3.03
C TRP A 38 -0.33 -9.23 -2.54
N ALA A 39 -0.68 -9.82 -1.39
CA ALA A 39 0.16 -10.82 -0.76
C ALA A 39 0.53 -11.94 -1.73
N ALA A 40 -0.42 -12.32 -2.57
CA ALA A 40 -0.22 -13.39 -3.53
C ALA A 40 0.76 -12.98 -4.64
N ALA A 41 0.54 -11.81 -5.21
CA ALA A 41 1.39 -11.33 -6.30
C ALA A 41 2.74 -10.88 -5.77
N ALA A 42 2.74 -10.30 -4.58
CA ALA A 42 3.96 -9.89 -3.91
C ALA A 42 4.90 -11.08 -3.75
N GLN A 43 4.37 -12.16 -3.19
CA GLN A 43 5.15 -13.39 -3.00
C GLN A 43 5.56 -13.97 -4.34
N GLY A 44 4.69 -13.87 -5.32
CA GLY A 44 5.00 -14.34 -6.66
C GLY A 44 6.17 -13.56 -7.27
N ALA A 45 6.17 -12.25 -7.05
CA ALA A 45 7.26 -11.40 -7.53
C ALA A 45 8.53 -11.67 -6.75
N GLY A 46 8.38 -12.00 -5.48
CA GLY A 46 9.53 -12.36 -4.67
C GLY A 46 9.65 -11.52 -3.41
N PHE A 47 8.54 -10.94 -2.96
CA PHE A 47 8.54 -10.16 -1.73
C PHE A 47 8.28 -11.07 -0.54
N THR A 48 8.73 -10.64 0.62
CA THR A 48 8.43 -11.32 1.86
C THR A 48 7.27 -10.62 2.55
N VAL A 49 6.12 -11.25 2.59
CA VAL A 49 4.96 -10.63 3.19
C VAL A 49 4.74 -11.18 4.59
N ASN A 50 4.63 -10.28 5.54
CA ASN A 50 4.26 -10.60 6.88
C ASN A 50 3.03 -9.78 7.18
N HIS A 51 2.85 -9.37 8.41
CA HIS A 51 1.78 -8.47 8.73
C HIS A 51 2.14 -7.58 9.91
N THR A 52 3.01 -6.62 9.64
CA THR A 52 3.47 -5.68 10.64
C THR A 52 3.81 -4.35 9.97
N PRO A 53 2.83 -3.43 9.84
CA PRO A 53 3.06 -2.13 9.22
C PRO A 53 4.21 -1.36 9.86
N SER A 54 4.94 -0.62 9.04
CA SER A 54 6.13 0.08 9.50
C SER A 54 6.44 1.24 8.57
N LYS A 55 7.25 2.17 9.04
CA LYS A 55 7.57 3.38 8.30
C LYS A 55 8.25 3.05 6.98
N GLY A 56 7.56 3.33 5.88
CA GLY A 56 8.12 3.07 4.57
C GLY A 56 7.53 1.83 3.92
N ALA A 57 6.76 1.08 4.70
CA ALA A 57 6.12 -0.13 4.17
C ALA A 57 4.68 0.16 3.79
N ILE A 58 3.90 -0.88 3.56
CA ILE A 58 2.52 -0.71 3.11
C ILE A 58 1.58 -1.63 3.89
N LEU A 59 0.38 -1.14 4.14
CA LEU A 59 -0.67 -1.89 4.80
C LEU A 59 -1.50 -2.62 3.75
N GLN A 60 -2.00 -3.83 4.06
CA GLN A 60 -2.73 -4.60 3.06
C GLN A 60 -3.71 -5.59 3.68
N SER A 61 -4.83 -5.76 3.01
CA SER A 61 -5.81 -6.77 3.37
C SER A 61 -6.58 -7.17 2.12
N SER A 62 -7.19 -8.35 2.15
CA SER A 62 -7.92 -8.84 1.00
C SER A 62 -9.38 -8.42 1.04
N GLU A 63 -9.80 -7.82 2.16
CA GLU A 63 -11.17 -7.37 2.31
C GLU A 63 -11.39 -6.07 1.54
N GLY A 64 -12.47 -6.02 0.78
CA GLY A 64 -12.79 -4.84 -0.01
C GLY A 64 -13.04 -5.17 -1.46
N PRO A 65 -13.59 -4.22 -2.24
CA PRO A 65 -13.88 -4.45 -3.65
C PRO A 65 -12.62 -4.65 -4.48
N PHE A 66 -11.57 -3.93 -4.14
CA PHE A 66 -10.28 -4.08 -4.80
C PHE A 66 -9.21 -4.45 -3.78
N GLY A 67 -9.65 -4.74 -2.56
CA GLY A 67 -8.73 -5.02 -1.47
C GLY A 67 -8.49 -3.79 -0.63
N HIS A 68 -7.45 -3.81 0.20
CA HIS A 68 -7.12 -2.66 1.03
C HIS A 68 -5.61 -2.51 1.18
N VAL A 69 -4.98 -1.68 0.37
CA VAL A 69 -3.60 -1.31 0.61
C VAL A 69 -3.48 0.17 0.92
N ALA A 70 -2.64 0.48 1.87
CA ALA A 70 -2.40 1.86 2.26
C ALA A 70 -0.95 2.02 2.69
N TYR A 71 -0.26 2.94 2.07
CA TYR A 71 1.16 3.11 2.32
C TYR A 71 1.39 3.66 3.73
N VAL A 72 2.28 3.00 4.45
CA VAL A 72 2.54 3.35 5.84
C VAL A 72 3.62 4.41 5.93
N GLU A 73 3.24 5.60 6.39
CA GLU A 73 4.18 6.69 6.52
C GLU A 73 4.98 6.55 7.80
N SER A 74 4.41 5.85 8.77
CA SER A 74 5.05 5.65 10.06
C SER A 74 4.17 4.82 10.99
N VAL A 75 4.79 4.00 11.81
CA VAL A 75 4.08 3.32 12.88
C VAL A 75 4.45 3.97 14.21
N ASN A 76 3.44 4.32 14.97
CA ASN A 76 3.66 5.06 16.21
C ASN A 76 4.03 4.10 17.33
N SER A 77 4.84 4.58 18.27
CA SER A 77 5.29 3.76 19.39
C SER A 77 4.13 3.38 20.30
N ASP A 78 2.98 3.99 20.08
CA ASP A 78 1.77 3.71 20.85
C ASP A 78 1.13 2.40 20.37
N GLY A 79 1.53 1.93 19.21
CA GLY A 79 0.91 0.76 18.63
C GLY A 79 -0.11 1.12 17.57
N SER A 80 -0.19 2.41 17.27
CA SER A 80 -1.07 2.90 16.22
C SER A 80 -0.27 3.21 14.98
N VAL A 81 -0.82 2.90 13.83
CA VAL A 81 -0.11 3.03 12.57
C VAL A 81 -0.67 4.19 11.75
N THR A 82 0.22 5.04 11.27
CA THR A 82 -0.15 6.18 10.45
C THR A 82 0.04 5.85 8.97
N ILE A 83 -1.05 5.60 8.28
CA ILE A 83 -1.00 5.21 6.88
C ILE A 83 -1.57 6.31 5.98
N SER A 84 -1.37 6.14 4.68
CA SER A 84 -1.91 7.05 3.69
C SER A 84 -2.40 6.29 2.47
N GLU A 85 -3.67 6.44 2.16
CA GLU A 85 -4.29 5.75 1.04
C GLU A 85 -5.03 6.76 0.15
N MET A 86 -4.52 7.00 -1.04
CA MET A 86 -5.12 7.99 -1.94
C MET A 86 -6.14 7.33 -2.86
N ASN A 87 -7.36 7.87 -2.84
CA ASN A 87 -8.46 7.45 -3.72
C ASN A 87 -9.05 6.11 -3.30
N TYR A 88 -8.16 5.15 -3.01
CA TYR A 88 -8.56 3.80 -2.63
C TYR A 88 -9.23 3.11 -3.82
N SER A 89 -10.53 3.31 -3.92
CA SER A 89 -11.32 2.73 -5.00
C SER A 89 -12.62 3.51 -5.13
N GLY A 90 -12.58 4.79 -4.74
CA GLY A 90 -13.80 5.56 -4.65
C GLY A 90 -13.59 7.03 -4.98
N GLY A 91 -13.15 7.80 -4.00
CA GLY A 91 -12.99 9.23 -4.18
C GLY A 91 -11.67 9.59 -4.81
N PRO A 92 -11.70 10.12 -6.05
CA PRO A 92 -10.48 10.52 -6.76
C PRO A 92 -9.67 11.55 -6.00
N PHE A 93 -8.42 11.19 -5.71
CA PHE A 93 -7.48 12.05 -5.01
C PHE A 93 -7.85 12.23 -3.54
N SER A 94 -8.84 11.49 -3.06
CA SER A 94 -9.12 11.50 -1.64
C SER A 94 -7.96 10.90 -0.90
N VAL A 95 -7.03 11.73 -0.46
CA VAL A 95 -5.93 11.27 0.34
C VAL A 95 -6.47 10.83 1.69
N SER A 96 -6.88 9.57 1.75
CA SER A 96 -7.56 9.05 2.91
C SER A 96 -6.57 8.80 4.03
N SER A 97 -6.81 9.48 5.13
CA SER A 97 -6.00 9.30 6.32
C SER A 97 -6.65 8.24 7.20
N ARG A 98 -5.83 7.37 7.77
CA ARG A 98 -6.36 6.30 8.59
C ARG A 98 -5.33 5.91 9.65
N THR A 99 -5.82 5.57 10.83
CA THR A 99 -4.97 5.17 11.93
C THR A 99 -5.24 3.72 12.30
N ILE A 100 -4.23 2.88 12.15
CA ILE A 100 -4.38 1.44 12.36
C ILE A 100 -3.94 1.05 13.76
N SER A 101 -4.88 0.57 14.56
CA SER A 101 -4.55 0.01 15.87
C SER A 101 -3.80 -1.31 15.71
N ALA A 102 -2.98 -1.66 16.69
CA ALA A 102 -2.22 -2.91 16.67
C ALA A 102 -3.08 -4.13 16.37
N SER A 103 -4.28 -4.17 16.97
CA SER A 103 -5.21 -5.27 16.73
C SER A 103 -5.60 -5.32 15.24
N GLU A 104 -5.81 -4.16 14.66
CA GLU A 104 -6.16 -4.06 13.24
C GLU A 104 -4.94 -4.38 12.39
N ALA A 105 -3.77 -3.97 12.88
CA ALA A 105 -2.50 -4.23 12.20
C ALA A 105 -2.24 -5.73 12.09
N GLY A 106 -2.76 -6.48 13.06
CA GLY A 106 -2.67 -7.93 13.01
C GLY A 106 -3.44 -8.52 11.84
N ASN A 107 -4.42 -7.79 11.35
CA ASN A 107 -5.21 -8.21 10.20
C ASN A 107 -4.47 -7.89 8.91
N TYR A 108 -3.84 -6.72 8.90
CA TYR A 108 -3.23 -6.20 7.69
C TYR A 108 -1.83 -6.78 7.46
N ASN A 109 -1.62 -7.31 6.28
CA ASN A 109 -0.33 -7.81 5.85
C ASN A 109 0.53 -6.66 5.37
N TYR A 110 1.81 -6.91 5.18
CA TYR A 110 2.68 -5.92 4.57
C TYR A 110 3.77 -6.62 3.79
N ILE A 111 4.08 -6.09 2.61
CA ILE A 111 5.02 -6.75 1.74
C ILE A 111 6.32 -5.97 1.69
N HIS A 112 7.41 -6.64 2.02
CA HIS A 112 8.72 -6.04 1.96
C HIS A 112 9.67 -6.98 1.25
N ILE A 113 10.77 -6.46 0.75
CA ILE A 113 11.82 -7.28 0.23
C ILE A 113 12.35 -8.19 1.33
N GLY A 1 -2.11 12.41 -22.38
CA GLY A 1 -1.50 11.53 -21.35
C GLY A 1 -0.86 12.34 -20.24
N SER A 2 -1.68 12.72 -19.27
CA SER A 2 -1.20 13.54 -18.16
C SER A 2 -0.50 12.67 -17.11
N SER A 3 0.81 12.57 -17.22
CA SER A 3 1.61 11.86 -16.24
C SER A 3 2.34 12.85 -15.34
N ILE A 4 2.90 12.37 -14.23
CA ILE A 4 3.64 13.23 -13.32
C ILE A 4 4.87 13.84 -14.00
N SER A 5 5.77 12.98 -14.43
CA SER A 5 6.95 13.39 -15.18
C SER A 5 7.43 12.22 -16.04
N HIS A 6 7.16 12.30 -17.35
CA HIS A 6 7.43 11.21 -18.28
C HIS A 6 6.53 10.01 -17.98
N SER A 7 6.93 9.23 -16.99
CA SER A 7 6.18 8.07 -16.57
C SER A 7 6.52 7.77 -15.11
N GLY A 8 5.55 7.27 -14.36
CA GLY A 8 5.78 6.98 -12.96
C GLY A 8 5.09 5.70 -12.53
N ASN A 9 3.83 5.58 -12.88
CA ASN A 9 3.05 4.40 -12.55
C ASN A 9 2.15 4.04 -13.73
N LEU A 10 1.90 2.75 -13.90
CA LEU A 10 1.08 2.25 -14.98
C LEU A 10 -0.41 2.31 -14.60
N TYR A 11 -0.66 2.66 -13.36
CA TYR A 11 -2.01 2.63 -12.83
C TYR A 11 -2.79 3.90 -13.14
N THR A 12 -4.02 3.92 -12.66
CA THR A 12 -4.95 5.01 -12.93
C THR A 12 -4.64 6.22 -12.07
N ALA A 13 -5.14 7.38 -12.48
CA ALA A 13 -4.81 8.64 -11.84
C ALA A 13 -5.39 8.71 -10.43
N GLY A 14 -4.54 8.52 -9.43
CA GLY A 14 -4.98 8.62 -8.06
C GLY A 14 -5.67 7.37 -7.59
N GLN A 15 -4.90 6.29 -7.49
CA GLN A 15 -5.42 5.03 -6.97
C GLN A 15 -4.72 4.66 -5.68
N CYS A 16 -5.32 3.77 -4.91
CA CYS A 16 -4.72 3.29 -3.68
C CYS A 16 -3.38 2.63 -3.98
N THR A 17 -3.38 1.76 -4.99
CA THR A 17 -2.19 1.04 -5.38
C THR A 17 -1.23 1.95 -6.13
N TRP A 18 -1.79 2.95 -6.79
CA TRP A 18 -1.02 3.93 -7.54
C TRP A 18 -0.14 4.74 -6.59
N TYR A 19 -0.75 5.25 -5.53
CA TYR A 19 -0.05 6.10 -4.58
C TYR A 19 0.96 5.32 -3.75
N VAL A 20 0.59 4.11 -3.38
CA VAL A 20 1.52 3.22 -2.66
C VAL A 20 2.79 3.03 -3.48
N TYR A 21 2.64 2.82 -4.78
CA TYR A 21 3.78 2.62 -5.65
C TYR A 21 4.60 3.90 -5.76
N ASP A 22 3.90 5.04 -5.74
CA ASP A 22 4.57 6.35 -5.76
C ASP A 22 5.42 6.54 -4.51
N LYS A 23 4.84 6.24 -3.36
CA LYS A 23 5.50 6.45 -2.07
C LYS A 23 6.73 5.56 -1.90
N VAL A 24 6.69 4.36 -2.47
CA VAL A 24 7.83 3.44 -2.33
C VAL A 24 8.90 3.74 -3.37
N GLY A 25 8.69 4.81 -4.13
CA GLY A 25 9.66 5.22 -5.13
C GLY A 25 9.71 4.27 -6.30
N GLY A 26 8.60 3.59 -6.55
CA GLY A 26 8.52 2.64 -7.63
C GLY A 26 9.51 1.50 -7.48
N GLU A 27 9.71 1.05 -6.25
CA GLU A 27 10.68 0.00 -5.96
C GLU A 27 10.04 -1.38 -5.97
N ILE A 28 8.96 -1.55 -5.21
CA ILE A 28 8.30 -2.85 -5.13
C ILE A 28 7.26 -3.05 -6.25
N GLY A 29 6.22 -3.81 -5.96
CA GLY A 29 5.31 -4.31 -6.98
C GLY A 29 4.76 -3.27 -7.94
N SER A 30 4.95 -3.50 -9.22
CA SER A 30 4.27 -2.72 -10.24
C SER A 30 3.26 -3.61 -10.95
N THR A 31 3.39 -4.90 -10.74
CA THR A 31 2.52 -5.90 -11.35
C THR A 31 1.78 -6.70 -10.29
N TRP A 32 1.61 -6.11 -9.11
CA TRP A 32 0.94 -6.79 -8.00
C TRP A 32 -0.58 -6.91 -8.24
N GLY A 33 -1.06 -6.23 -9.28
CA GLY A 33 -2.48 -6.23 -9.54
C GLY A 33 -3.19 -5.14 -8.78
N ASN A 34 -4.14 -5.52 -7.96
CA ASN A 34 -4.85 -4.59 -7.11
C ASN A 34 -4.65 -4.96 -5.65
N ALA A 35 -5.34 -4.25 -4.77
CA ALA A 35 -5.09 -4.36 -3.34
C ALA A 35 -5.47 -5.73 -2.77
N ASN A 36 -6.36 -6.44 -3.45
CA ASN A 36 -6.82 -7.76 -2.97
C ASN A 36 -5.87 -8.85 -3.44
N ASN A 37 -5.24 -8.63 -4.58
CA ASN A 37 -4.36 -9.62 -5.20
C ASN A 37 -2.92 -9.40 -4.76
N TRP A 38 -2.73 -8.41 -3.87
CA TRP A 38 -1.41 -7.96 -3.47
C TRP A 38 -0.49 -9.09 -3.02
N ALA A 39 -0.80 -9.70 -1.90
CA ALA A 39 0.07 -10.70 -1.29
C ALA A 39 0.43 -11.80 -2.30
N ALA A 40 -0.54 -12.23 -3.09
CA ALA A 40 -0.33 -13.26 -4.09
C ALA A 40 0.69 -12.82 -5.14
N ALA A 41 0.50 -11.63 -5.70
CA ALA A 41 1.41 -11.10 -6.72
C ALA A 41 2.76 -10.73 -6.13
N ALA A 42 2.72 -10.22 -4.91
CA ALA A 42 3.92 -9.79 -4.21
C ALA A 42 4.83 -10.97 -3.88
N GLN A 43 4.23 -12.07 -3.43
CA GLN A 43 4.99 -13.28 -3.11
C GLN A 43 5.70 -13.79 -4.36
N GLY A 44 5.01 -13.71 -5.50
CA GLY A 44 5.60 -14.15 -6.76
C GLY A 44 6.63 -13.17 -7.28
N ALA A 45 6.67 -11.98 -6.67
CA ALA A 45 7.65 -10.97 -7.05
C ALA A 45 8.93 -11.12 -6.23
N GLY A 46 8.85 -11.91 -5.16
CA GLY A 46 10.01 -12.14 -4.32
C GLY A 46 10.04 -11.25 -3.09
N PHE A 47 8.88 -10.83 -2.64
CA PHE A 47 8.80 -9.98 -1.46
C PHE A 47 8.71 -10.84 -0.19
N THR A 48 9.07 -10.26 0.93
CA THR A 48 8.89 -10.90 2.21
C THR A 48 7.52 -10.50 2.76
N VAL A 49 6.55 -11.39 2.63
CA VAL A 49 5.18 -11.07 2.97
C VAL A 49 4.81 -11.59 4.35
N ASN A 50 4.67 -10.68 5.29
CA ASN A 50 4.22 -11.01 6.63
C ASN A 50 2.94 -10.24 6.88
N HIS A 51 2.75 -9.79 8.10
CA HIS A 51 1.60 -8.96 8.42
C HIS A 51 1.85 -8.13 9.68
N THR A 52 2.55 -7.02 9.49
CA THR A 52 2.91 -6.10 10.56
C THR A 52 3.38 -4.78 9.96
N PRO A 53 2.56 -3.71 10.02
CA PRO A 53 2.93 -2.41 9.46
C PRO A 53 4.26 -1.88 10.02
N SER A 54 4.94 -1.06 9.22
CA SER A 54 6.27 -0.57 9.57
C SER A 54 6.56 0.68 8.73
N LYS A 55 7.34 1.59 9.27
CA LYS A 55 7.72 2.80 8.54
C LYS A 55 8.46 2.46 7.26
N GLY A 56 7.85 2.77 6.13
CA GLY A 56 8.50 2.51 4.85
C GLY A 56 7.95 1.26 4.19
N ALA A 57 7.04 0.58 4.88
CA ALA A 57 6.41 -0.61 4.36
C ALA A 57 4.96 -0.33 4.00
N ILE A 58 4.16 -1.37 3.82
CA ILE A 58 2.79 -1.19 3.38
C ILE A 58 1.80 -1.83 4.33
N LEU A 59 0.53 -1.78 3.96
CA LEU A 59 -0.56 -2.33 4.75
C LEU A 59 -1.60 -2.91 3.79
N GLN A 60 -1.92 -4.19 3.92
CA GLN A 60 -2.77 -4.86 2.95
C GLN A 60 -3.84 -5.73 3.60
N SER A 61 -5.05 -5.62 3.08
CA SER A 61 -6.16 -6.45 3.51
C SER A 61 -6.80 -7.11 2.30
N SER A 62 -7.19 -8.36 2.44
CA SER A 62 -7.89 -9.07 1.38
C SER A 62 -9.34 -9.27 1.77
N GLU A 63 -9.73 -8.64 2.87
CA GLU A 63 -11.05 -8.79 3.43
C GLU A 63 -12.02 -7.78 2.82
N GLY A 64 -11.59 -7.17 1.72
CA GLY A 64 -12.41 -6.17 1.05
C GLY A 64 -12.70 -6.56 -0.38
N PRO A 65 -13.57 -5.82 -1.08
CA PRO A 65 -13.99 -6.14 -2.45
C PRO A 65 -12.81 -6.11 -3.41
N PHE A 66 -11.99 -5.09 -3.28
CA PHE A 66 -10.76 -4.99 -4.06
C PHE A 66 -9.56 -4.92 -3.13
N GLY A 67 -9.78 -5.38 -1.91
CA GLY A 67 -8.71 -5.41 -0.92
C GLY A 67 -8.53 -4.08 -0.22
N HIS A 68 -7.34 -3.85 0.29
CA HIS A 68 -7.02 -2.61 0.98
C HIS A 68 -5.51 -2.45 1.10
N VAL A 69 -4.89 -1.62 0.28
CA VAL A 69 -3.49 -1.34 0.46
C VAL A 69 -3.25 0.12 0.79
N ALA A 70 -2.46 0.33 1.82
CA ALA A 70 -2.11 1.66 2.28
C ALA A 70 -0.64 1.70 2.63
N TYR A 71 0.08 2.68 2.12
CA TYR A 71 1.49 2.79 2.40
C TYR A 71 1.70 3.28 3.83
N VAL A 72 2.56 2.59 4.57
CA VAL A 72 2.79 2.89 5.97
C VAL A 72 3.94 3.86 6.14
N GLU A 73 3.66 5.04 6.67
CA GLU A 73 4.70 6.04 6.85
C GLU A 73 5.29 5.96 8.25
N SER A 74 4.48 5.55 9.22
CA SER A 74 4.91 5.52 10.62
C SER A 74 4.03 4.62 11.46
N VAL A 75 4.65 3.86 12.35
CA VAL A 75 3.92 3.21 13.43
C VAL A 75 4.20 3.96 14.71
N ASN A 76 3.17 4.55 15.28
CA ASN A 76 3.31 5.45 16.41
C ASN A 76 3.75 4.70 17.66
N SER A 77 4.33 5.44 18.60
CA SER A 77 4.84 4.87 19.83
C SER A 77 3.72 4.21 20.65
N ASP A 78 2.52 4.75 20.54
CA ASP A 78 1.37 4.24 21.31
C ASP A 78 0.85 2.93 20.72
N GLY A 79 1.17 2.67 19.46
CA GLY A 79 0.71 1.45 18.82
C GLY A 79 -0.11 1.71 17.57
N SER A 80 -0.66 2.91 17.46
CA SER A 80 -1.45 3.27 16.30
C SER A 80 -0.54 3.47 15.09
N VAL A 81 -1.02 3.11 13.92
CA VAL A 81 -0.23 3.20 12.70
C VAL A 81 -0.76 4.29 11.79
N THR A 82 0.13 5.16 11.34
CA THR A 82 -0.23 6.22 10.42
C THR A 82 0.08 5.79 8.99
N ILE A 83 -0.98 5.61 8.21
CA ILE A 83 -0.85 5.15 6.83
C ILE A 83 -1.23 6.24 5.85
N SER A 84 -0.71 6.14 4.64
CA SER A 84 -1.00 7.10 3.60
C SER A 84 -1.51 6.37 2.35
N GLU A 85 -2.82 6.31 2.23
CA GLU A 85 -3.47 5.66 1.09
C GLU A 85 -4.29 6.69 0.30
N MET A 86 -3.80 7.09 -0.87
CA MET A 86 -4.52 8.04 -1.69
C MET A 86 -5.71 7.39 -2.37
N ASN A 87 -6.86 8.05 -2.25
CA ASN A 87 -8.09 7.60 -2.87
C ASN A 87 -8.61 6.33 -2.21
N TYR A 88 -8.20 5.18 -2.74
CA TYR A 88 -8.71 3.87 -2.31
C TYR A 88 -10.25 3.76 -2.48
N SER A 89 -10.97 4.55 -1.71
CA SER A 89 -12.41 4.39 -1.56
C SER A 89 -13.21 5.18 -2.60
N GLY A 90 -12.54 5.75 -3.60
CA GLY A 90 -13.25 6.44 -4.66
C GLY A 90 -13.17 7.95 -4.55
N GLY A 91 -12.31 8.45 -3.68
CA GLY A 91 -12.08 9.88 -3.61
C GLY A 91 -10.83 10.29 -4.35
N PRO A 92 -10.97 10.93 -5.52
CA PRO A 92 -9.82 11.32 -6.35
C PRO A 92 -8.81 12.16 -5.59
N PHE A 93 -7.63 11.58 -5.37
CA PHE A 93 -6.52 12.23 -4.67
C PHE A 93 -6.82 12.46 -3.20
N SER A 94 -7.87 11.83 -2.69
CA SER A 94 -8.14 11.85 -1.27
C SER A 94 -7.09 11.02 -0.55
N VAL A 95 -5.96 11.64 -0.25
CA VAL A 95 -4.89 10.94 0.43
C VAL A 95 -5.34 10.61 1.85
N SER A 96 -5.90 9.42 2.00
CA SER A 96 -6.49 9.00 3.25
C SER A 96 -5.42 8.85 4.32
N SER A 97 -5.39 9.81 5.22
CA SER A 97 -4.50 9.75 6.36
C SER A 97 -5.20 9.02 7.49
N ARG A 98 -5.19 7.70 7.41
CA ARG A 98 -5.97 6.88 8.32
C ARG A 98 -5.08 6.33 9.44
N THR A 99 -5.69 6.10 10.59
CA THR A 99 -4.98 5.56 11.72
C THR A 99 -5.37 4.09 11.94
N ILE A 100 -4.41 3.21 11.75
CA ILE A 100 -4.63 1.79 11.98
C ILE A 100 -4.29 1.44 13.42
N SER A 101 -5.30 1.06 14.18
CA SER A 101 -5.05 0.59 15.54
C SER A 101 -4.43 -0.80 15.46
N ALA A 102 -3.71 -1.19 16.50
CA ALA A 102 -3.09 -2.50 16.57
C ALA A 102 -4.10 -3.62 16.28
N SER A 103 -5.36 -3.39 16.66
CA SER A 103 -6.42 -4.35 16.45
C SER A 103 -6.64 -4.63 14.96
N GLU A 104 -6.44 -3.63 14.12
CA GLU A 104 -6.55 -3.83 12.68
C GLU A 104 -5.20 -4.25 12.10
N ALA A 105 -4.13 -3.73 12.69
CA ALA A 105 -2.78 -4.01 12.22
C ALA A 105 -2.51 -5.51 12.18
N GLY A 106 -3.13 -6.24 13.11
CA GLY A 106 -2.99 -7.68 13.16
C GLY A 106 -3.39 -8.39 11.87
N ASN A 107 -4.51 -7.99 11.27
CA ASN A 107 -5.02 -8.68 10.08
C ASN A 107 -4.40 -8.13 8.80
N TYR A 108 -3.76 -6.98 8.90
CA TYR A 108 -3.16 -6.35 7.73
C TYR A 108 -1.80 -6.94 7.38
N ASN A 109 -1.66 -7.36 6.14
CA ASN A 109 -0.42 -7.91 5.63
C ASN A 109 0.46 -6.78 5.10
N TYR A 110 1.70 -7.06 4.80
CA TYR A 110 2.56 -6.06 4.17
C TYR A 110 3.66 -6.76 3.38
N ILE A 111 4.11 -6.11 2.32
CA ILE A 111 5.07 -6.73 1.43
C ILE A 111 6.33 -5.89 1.36
N HIS A 112 7.39 -6.42 1.92
CA HIS A 112 8.66 -5.70 1.95
C HIS A 112 9.76 -6.60 1.43
N ILE A 113 10.69 -6.02 0.68
CA ILE A 113 11.76 -6.76 0.05
C ILE A 113 12.59 -7.54 1.07
N GLY A 1 12.43 22.14 -23.00
CA GLY A 1 12.62 20.70 -23.24
C GLY A 1 11.87 19.86 -22.24
N SER A 2 11.43 18.69 -22.66
CA SER A 2 10.72 17.78 -21.78
C SER A 2 11.72 16.91 -21.04
N SER A 3 11.93 17.21 -19.76
CA SER A 3 12.88 16.48 -18.95
C SER A 3 12.29 15.17 -18.46
N ILE A 4 10.97 15.15 -18.27
CA ILE A 4 10.32 13.94 -17.78
C ILE A 4 9.64 13.18 -18.91
N SER A 5 9.93 11.90 -18.99
CA SER A 5 9.34 11.05 -20.00
C SER A 5 8.61 9.88 -19.34
N HIS A 6 9.30 9.26 -18.39
CA HIS A 6 8.68 8.25 -17.52
C HIS A 6 8.27 8.90 -16.21
N SER A 7 6.96 8.98 -15.97
CA SER A 7 6.46 9.57 -14.75
C SER A 7 6.91 8.75 -13.53
N GLY A 8 6.95 7.44 -13.71
CA GLY A 8 7.45 6.57 -12.67
C GLY A 8 6.50 5.43 -12.36
N ASN A 9 5.20 5.72 -12.41
CA ASN A 9 4.20 4.73 -12.07
C ASN A 9 3.43 4.30 -13.31
N LEU A 10 3.01 3.05 -13.34
CA LEU A 10 2.24 2.49 -14.45
C LEU A 10 0.76 2.72 -14.25
N TYR A 11 0.37 2.98 -13.00
CA TYR A 11 -1.02 3.16 -12.64
C TYR A 11 -1.59 4.48 -13.15
N THR A 12 -2.85 4.71 -12.84
CA THR A 12 -3.58 5.88 -13.34
C THR A 12 -3.07 7.17 -12.68
N ALA A 13 -3.67 7.54 -11.56
CA ALA A 13 -3.32 8.77 -10.87
C ALA A 13 -4.11 8.90 -9.57
N GLY A 14 -3.40 9.09 -8.46
CA GLY A 14 -4.05 9.30 -7.18
C GLY A 14 -4.82 8.09 -6.70
N GLN A 15 -4.40 6.92 -7.12
CA GLN A 15 -5.05 5.69 -6.70
C GLN A 15 -4.31 5.07 -5.53
N CYS A 16 -4.99 4.25 -4.76
CA CYS A 16 -4.39 3.58 -3.60
C CYS A 16 -3.11 2.85 -3.99
N THR A 17 -3.21 1.96 -4.98
CA THR A 17 -2.07 1.17 -5.39
C THR A 17 -1.08 2.04 -6.19
N TRP A 18 -1.60 3.16 -6.71
CA TRP A 18 -0.77 4.13 -7.40
C TRP A 18 0.09 4.88 -6.39
N TYR A 19 -0.56 5.43 -5.37
CA TYR A 19 0.13 6.22 -4.36
C TYR A 19 1.22 5.39 -3.70
N VAL A 20 0.90 4.15 -3.37
CA VAL A 20 1.87 3.24 -2.75
C VAL A 20 3.10 3.05 -3.64
N TYR A 21 2.86 2.77 -4.92
CA TYR A 21 3.94 2.51 -5.86
C TYR A 21 4.80 3.75 -6.07
N ASP A 22 4.17 4.92 -6.02
CA ASP A 22 4.89 6.19 -6.16
C ASP A 22 5.74 6.46 -4.94
N LYS A 23 5.16 6.22 -3.75
CA LYS A 23 5.85 6.48 -2.49
C LYS A 23 7.09 5.61 -2.32
N VAL A 24 7.03 4.37 -2.81
CA VAL A 24 8.18 3.48 -2.71
C VAL A 24 9.18 3.74 -3.83
N GLY A 25 8.83 4.64 -4.74
CA GLY A 25 9.74 5.04 -5.80
C GLY A 25 9.80 4.03 -6.93
N GLY A 26 8.74 3.25 -7.08
CA GLY A 26 8.70 2.24 -8.13
C GLY A 26 9.63 1.08 -7.84
N GLU A 27 10.21 1.07 -6.66
CA GLU A 27 11.15 0.03 -6.26
C GLU A 27 10.43 -1.30 -6.06
N ILE A 28 9.17 -1.22 -5.67
CA ILE A 28 8.36 -2.38 -5.43
C ILE A 28 6.95 -2.16 -5.95
N GLY A 29 6.44 -3.11 -6.73
CA GLY A 29 5.04 -3.08 -7.08
C GLY A 29 4.76 -3.38 -8.54
N SER A 30 3.61 -2.89 -9.02
CA SER A 30 3.13 -3.10 -10.39
C SER A 30 2.72 -4.55 -10.64
N THR A 31 3.65 -5.48 -10.43
CA THR A 31 3.38 -6.89 -10.67
C THR A 31 2.58 -7.51 -9.53
N TRP A 32 2.27 -6.70 -8.52
CA TRP A 32 1.49 -7.16 -7.37
C TRP A 32 0.01 -7.29 -7.73
N GLY A 33 -0.36 -6.84 -8.93
CA GLY A 33 -1.74 -6.91 -9.34
C GLY A 33 -2.52 -5.69 -8.95
N ASN A 34 -3.36 -5.87 -7.94
CA ASN A 34 -4.08 -4.78 -7.32
C ASN A 34 -4.17 -5.05 -5.84
N ALA A 35 -4.94 -4.25 -5.13
CA ALA A 35 -4.96 -4.29 -3.66
C ALA A 35 -5.15 -5.70 -3.10
N ASN A 36 -6.25 -6.36 -3.46
CA ASN A 36 -6.59 -7.66 -2.87
C ASN A 36 -5.74 -8.79 -3.47
N ASN A 37 -4.95 -8.46 -4.48
CA ASN A 37 -4.12 -9.45 -5.14
C ASN A 37 -2.70 -9.37 -4.61
N TRP A 38 -2.48 -8.39 -3.73
CA TRP A 38 -1.16 -8.07 -3.21
C TRP A 38 -0.42 -9.27 -2.65
N ALA A 39 -0.89 -9.79 -1.53
CA ALA A 39 -0.19 -10.84 -0.79
C ALA A 39 0.18 -12.02 -1.69
N ALA A 40 -0.61 -12.25 -2.73
CA ALA A 40 -0.34 -13.32 -3.67
C ALA A 40 0.78 -12.94 -4.64
N ALA A 41 0.59 -11.82 -5.36
CA ALA A 41 1.53 -11.40 -6.39
C ALA A 41 2.84 -10.90 -5.80
N ALA A 42 2.74 -10.19 -4.69
CA ALA A 42 3.90 -9.67 -3.99
C ALA A 42 4.88 -10.79 -3.64
N GLN A 43 4.36 -11.86 -3.06
CA GLN A 43 5.17 -13.01 -2.70
C GLN A 43 5.74 -13.67 -3.96
N GLY A 44 4.96 -13.65 -5.04
CA GLY A 44 5.42 -14.19 -6.31
C GLY A 44 6.55 -13.37 -6.90
N ALA A 45 6.49 -12.06 -6.73
CA ALA A 45 7.55 -11.17 -7.17
C ALA A 45 8.80 -11.37 -6.31
N GLY A 46 8.59 -11.81 -5.08
CA GLY A 46 9.72 -12.12 -4.21
C GLY A 46 9.68 -11.38 -2.89
N PHE A 47 8.56 -10.73 -2.58
CA PHE A 47 8.44 -9.99 -1.34
C PHE A 47 8.12 -10.95 -0.19
N THR A 48 8.34 -10.49 1.03
CA THR A 48 8.02 -11.28 2.20
C THR A 48 6.90 -10.61 3.00
N VAL A 49 5.87 -11.36 3.37
CA VAL A 49 4.78 -10.77 4.13
C VAL A 49 4.79 -11.30 5.58
N ASN A 50 4.79 -10.37 6.53
CA ASN A 50 4.77 -10.73 7.95
C ASN A 50 3.50 -10.19 8.59
N HIS A 51 2.73 -9.46 7.77
CA HIS A 51 1.56 -8.69 8.20
C HIS A 51 1.79 -7.95 9.52
N THR A 52 2.59 -6.90 9.45
CA THR A 52 2.88 -6.05 10.60
C THR A 52 3.42 -4.69 10.11
N PRO A 53 2.53 -3.72 9.83
CA PRO A 53 2.90 -2.42 9.25
C PRO A 53 4.06 -1.73 9.98
N SER A 54 4.85 -1.01 9.22
CA SER A 54 6.03 -0.34 9.74
C SER A 54 6.31 0.91 8.93
N LYS A 55 7.21 1.75 9.42
CA LYS A 55 7.55 2.97 8.73
C LYS A 55 8.23 2.67 7.41
N GLY A 56 7.55 2.98 6.31
CA GLY A 56 8.11 2.73 4.99
C GLY A 56 7.51 1.50 4.34
N ALA A 57 6.55 0.90 5.01
CA ALA A 57 5.89 -0.30 4.50
C ALA A 57 4.51 0.04 3.96
N ILE A 58 3.65 -0.97 3.86
CA ILE A 58 2.30 -0.77 3.33
C ILE A 58 1.30 -1.58 4.16
N LEU A 59 0.01 -1.38 3.90
CA LEU A 59 -1.05 -2.09 4.59
C LEU A 59 -1.90 -2.87 3.58
N GLN A 60 -2.70 -3.82 4.08
CA GLN A 60 -3.57 -4.62 3.22
C GLN A 60 -4.81 -5.07 3.97
N SER A 61 -5.96 -4.75 3.42
CA SER A 61 -7.23 -5.16 3.98
C SER A 61 -8.04 -5.87 2.91
N SER A 62 -8.30 -7.15 3.11
CA SER A 62 -9.06 -7.93 2.15
C SER A 62 -10.53 -7.51 2.14
N GLU A 63 -10.84 -6.57 1.26
CA GLU A 63 -12.20 -6.08 1.13
C GLU A 63 -12.87 -6.69 -0.10
N GLY A 64 -14.20 -6.76 -0.04
CA GLY A 64 -14.99 -7.35 -1.11
C GLY A 64 -14.70 -6.80 -2.51
N PRO A 65 -14.71 -5.47 -2.72
CA PRO A 65 -14.55 -4.89 -4.07
C PRO A 65 -13.25 -5.30 -4.75
N PHE A 66 -12.12 -4.95 -4.15
CA PHE A 66 -10.82 -5.27 -4.72
C PHE A 66 -9.73 -5.20 -3.65
N GLY A 67 -10.12 -5.37 -2.40
CA GLY A 67 -9.17 -5.29 -1.31
C GLY A 67 -8.81 -3.85 -0.97
N HIS A 68 -7.67 -3.67 -0.34
CA HIS A 68 -7.25 -2.36 0.11
C HIS A 68 -5.79 -2.36 0.49
N VAL A 69 -4.97 -1.54 -0.14
CA VAL A 69 -3.61 -1.34 0.32
C VAL A 69 -3.31 0.14 0.51
N ALA A 70 -2.70 0.46 1.65
CA ALA A 70 -2.38 1.83 2.00
C ALA A 70 -0.95 1.93 2.52
N TYR A 71 -0.19 2.86 1.98
CA TYR A 71 1.23 2.97 2.29
C TYR A 71 1.45 3.48 3.71
N VAL A 72 2.25 2.76 4.48
CA VAL A 72 2.50 3.11 5.86
C VAL A 72 3.74 4.00 5.98
N GLU A 73 3.53 5.24 6.34
CA GLU A 73 4.64 6.18 6.46
C GLU A 73 5.32 6.07 7.81
N SER A 74 4.64 5.48 8.80
CA SER A 74 5.20 5.35 10.14
C SER A 74 4.25 4.64 11.09
N VAL A 75 4.81 4.16 12.20
CA VAL A 75 4.01 3.63 13.30
C VAL A 75 4.15 4.56 14.51
N ASN A 76 3.05 4.88 15.15
CA ASN A 76 3.06 5.84 16.24
C ASN A 76 3.41 5.15 17.55
N SER A 77 3.91 5.92 18.50
CA SER A 77 4.27 5.41 19.82
C SER A 77 3.04 4.83 20.54
N ASP A 78 1.85 5.27 20.11
CA ASP A 78 0.59 4.76 20.63
C ASP A 78 0.46 3.26 20.36
N GLY A 79 1.22 2.77 19.38
CA GLY A 79 1.13 1.38 18.99
C GLY A 79 0.36 1.22 17.70
N SER A 80 -0.38 2.25 17.35
CA SER A 80 -1.14 2.29 16.13
C SER A 80 -0.29 2.90 15.02
N VAL A 81 -0.49 2.45 13.79
CA VAL A 81 0.32 2.93 12.67
C VAL A 81 -0.41 4.00 11.89
N THR A 82 0.34 4.84 11.20
CA THR A 82 -0.21 5.89 10.38
C THR A 82 -0.06 5.55 8.90
N ILE A 83 -1.17 5.22 8.26
CA ILE A 83 -1.15 4.88 6.85
C ILE A 83 -1.53 6.09 6.00
N SER A 84 -0.92 6.19 4.84
CA SER A 84 -1.19 7.27 3.91
C SER A 84 -1.38 6.71 2.51
N GLU A 85 -2.60 6.78 2.04
CA GLU A 85 -2.94 6.36 0.70
C GLU A 85 -3.70 7.47 0.02
N MET A 86 -3.82 7.42 -1.28
CA MET A 86 -4.78 8.26 -1.97
C MET A 86 -5.88 7.38 -2.50
N ASN A 87 -7.08 7.57 -2.02
CA ASN A 87 -8.17 6.72 -2.41
C ASN A 87 -8.77 7.19 -3.72
N TYR A 88 -8.41 6.54 -4.81
CA TYR A 88 -9.11 6.82 -6.06
C TYR A 88 -10.29 5.89 -6.23
N SER A 89 -10.08 4.60 -5.99
CA SER A 89 -11.16 3.63 -6.08
C SER A 89 -12.03 3.68 -4.81
N GLY A 90 -13.00 4.59 -4.84
CA GLY A 90 -13.82 4.85 -3.68
C GLY A 90 -14.28 6.29 -3.68
N GLY A 91 -13.51 7.16 -3.05
CA GLY A 91 -13.71 8.59 -3.18
C GLY A 91 -12.47 9.24 -3.73
N PRO A 92 -12.29 9.26 -5.06
CA PRO A 92 -11.01 9.63 -5.71
C PRO A 92 -10.33 10.86 -5.12
N PHE A 93 -9.04 10.67 -4.83
CA PHE A 93 -8.17 11.68 -4.24
C PHE A 93 -8.44 11.90 -2.76
N SER A 94 -9.24 11.02 -2.16
CA SER A 94 -9.32 10.99 -0.72
C SER A 94 -8.04 10.39 -0.17
N VAL A 95 -7.02 11.22 0.00
CA VAL A 95 -5.80 10.74 0.59
C VAL A 95 -6.07 10.32 2.03
N SER A 96 -6.31 9.03 2.19
CA SER A 96 -6.79 8.47 3.42
C SER A 96 -5.67 8.28 4.42
N SER A 97 -5.96 8.63 5.66
CA SER A 97 -5.02 8.44 6.75
C SER A 97 -5.75 7.89 7.97
N ARG A 98 -5.82 6.58 8.06
CA ARG A 98 -6.49 5.93 9.18
C ARG A 98 -5.47 5.52 10.23
N THR A 99 -5.90 5.45 11.48
CA THR A 99 -5.05 5.02 12.56
C THR A 99 -5.26 3.54 12.81
N ILE A 100 -4.32 2.73 12.34
CA ILE A 100 -4.44 1.28 12.42
C ILE A 100 -4.04 0.78 13.80
N SER A 101 -5.01 0.24 14.53
CA SER A 101 -4.74 -0.33 15.84
C SER A 101 -3.72 -1.46 15.76
N ALA A 102 -2.92 -1.63 16.80
CA ALA A 102 -1.90 -2.68 16.84
C ALA A 102 -2.50 -4.07 16.60
N SER A 103 -3.72 -4.28 17.08
CA SER A 103 -4.41 -5.55 16.88
C SER A 103 -4.67 -5.78 15.39
N GLU A 104 -5.05 -4.71 14.69
CA GLU A 104 -5.33 -4.78 13.27
C GLU A 104 -4.01 -4.81 12.49
N ALA A 105 -2.99 -4.18 13.06
CA ALA A 105 -1.66 -4.18 12.49
C ALA A 105 -1.14 -5.61 12.34
N GLY A 106 -1.34 -6.40 13.39
CA GLY A 106 -0.97 -7.81 13.33
C GLY A 106 -1.99 -8.64 12.57
N ASN A 107 -2.53 -8.07 11.51
CA ASN A 107 -3.54 -8.73 10.70
C ASN A 107 -3.36 -8.33 9.23
N TYR A 108 -3.25 -7.03 9.00
CA TYR A 108 -3.06 -6.50 7.65
C TYR A 108 -1.69 -6.90 7.10
N ASN A 109 -1.69 -7.52 5.92
CA ASN A 109 -0.47 -8.10 5.35
C ASN A 109 0.34 -7.05 4.60
N TYR A 110 1.58 -6.82 5.02
CA TYR A 110 2.44 -5.88 4.32
C TYR A 110 3.49 -6.66 3.54
N ILE A 111 4.00 -6.07 2.48
CA ILE A 111 4.96 -6.77 1.63
C ILE A 111 6.36 -6.17 1.77
N HIS A 112 7.27 -6.99 2.23
CA HIS A 112 8.63 -6.55 2.56
C HIS A 112 9.59 -6.85 1.43
N ILE A 113 10.55 -5.95 1.23
CA ILE A 113 11.62 -6.17 0.28
C ILE A 113 12.75 -6.94 0.96
N GLY A 1 6.29 14.85 -11.66
CA GLY A 1 5.16 14.46 -12.52
C GLY A 1 4.24 15.63 -12.80
N SER A 2 4.47 16.29 -13.93
CA SER A 2 3.66 17.42 -14.33
C SER A 2 2.58 16.97 -15.31
N SER A 3 2.84 15.86 -15.99
CA SER A 3 1.87 15.25 -16.86
C SER A 3 2.17 13.76 -16.96
N ILE A 4 1.24 12.99 -17.51
CA ILE A 4 1.38 11.54 -17.53
C ILE A 4 1.79 11.02 -18.91
N SER A 5 3.08 10.79 -19.07
CA SER A 5 3.61 10.15 -20.27
C SER A 5 4.53 9.01 -19.84
N HIS A 6 5.29 9.26 -18.79
CA HIS A 6 6.11 8.24 -18.15
C HIS A 6 6.26 8.59 -16.68
N SER A 7 5.35 8.09 -15.86
CA SER A 7 5.33 8.40 -14.45
C SER A 7 6.23 7.44 -13.70
N GLY A 8 6.41 6.25 -14.24
CA GLY A 8 7.16 5.22 -13.57
C GLY A 8 6.25 4.36 -12.72
N ASN A 9 4.96 4.42 -13.04
CA ASN A 9 3.94 3.71 -12.27
C ASN A 9 2.98 3.00 -13.21
N LEU A 10 2.79 1.72 -12.99
CA LEU A 10 1.98 0.88 -13.86
C LEU A 10 0.49 1.22 -13.78
N TYR A 11 0.06 1.82 -12.68
CA TYR A 11 -1.36 2.01 -12.43
C TYR A 11 -1.89 3.29 -13.08
N THR A 12 -3.17 3.56 -12.84
CA THR A 12 -3.88 4.67 -13.48
C THR A 12 -3.26 6.03 -13.16
N ALA A 13 -3.73 6.67 -12.09
CA ALA A 13 -3.27 7.98 -11.70
C ALA A 13 -3.91 8.41 -10.39
N GLY A 14 -3.11 8.48 -9.34
CA GLY A 14 -3.62 8.89 -8.04
C GLY A 14 -4.55 7.86 -7.42
N GLN A 15 -4.36 6.61 -7.82
CA GLN A 15 -5.20 5.51 -7.32
C GLN A 15 -4.61 4.97 -6.03
N CYS A 16 -5.27 3.97 -5.44
CA CYS A 16 -4.84 3.42 -4.16
C CYS A 16 -3.44 2.81 -4.24
N THR A 17 -3.29 1.82 -5.11
CA THR A 17 -2.02 1.15 -5.29
C THR A 17 -1.03 2.05 -6.02
N TRP A 18 -1.55 3.02 -6.74
CA TRP A 18 -0.73 3.97 -7.49
C TRP A 18 0.08 4.82 -6.50
N TYR A 19 -0.61 5.46 -5.57
CA TYR A 19 0.03 6.31 -4.57
C TYR A 19 1.07 5.51 -3.78
N VAL A 20 0.71 4.29 -3.44
CA VAL A 20 1.62 3.38 -2.75
C VAL A 20 2.92 3.17 -3.54
N TYR A 21 2.77 2.82 -4.81
CA TYR A 21 3.91 2.50 -5.67
C TYR A 21 4.83 3.71 -5.82
N ASP A 22 4.24 4.89 -5.97
CA ASP A 22 4.99 6.12 -6.10
C ASP A 22 5.81 6.40 -4.84
N LYS A 23 5.17 6.28 -3.69
CA LYS A 23 5.80 6.60 -2.42
C LYS A 23 6.93 5.64 -2.06
N VAL A 24 6.80 4.38 -2.46
CA VAL A 24 7.82 3.38 -2.14
C VAL A 24 9.01 3.47 -3.10
N GLY A 25 8.93 4.37 -4.06
CA GLY A 25 10.06 4.60 -4.96
C GLY A 25 9.96 3.79 -6.24
N GLY A 26 8.94 2.97 -6.35
CA GLY A 26 8.73 2.19 -7.55
C GLY A 26 9.65 0.98 -7.65
N GLU A 27 10.36 0.67 -6.58
CA GLU A 27 11.22 -0.51 -6.57
C GLU A 27 10.39 -1.77 -6.29
N ILE A 28 9.30 -1.58 -5.56
CA ILE A 28 8.49 -2.69 -5.12
C ILE A 28 7.07 -2.57 -5.67
N GLY A 29 6.59 -3.66 -6.27
CA GLY A 29 5.17 -3.77 -6.55
C GLY A 29 4.81 -3.62 -8.01
N SER A 30 5.76 -3.77 -8.90
CA SER A 30 5.50 -3.67 -10.32
C SER A 30 4.85 -4.94 -10.85
N THR A 31 3.87 -5.47 -10.13
CA THR A 31 3.28 -6.76 -10.48
C THR A 31 2.14 -7.17 -9.53
N TRP A 32 1.93 -6.44 -8.44
CA TRP A 32 1.01 -6.90 -7.39
C TRP A 32 -0.46 -6.89 -7.83
N GLY A 33 -0.77 -6.17 -8.89
CA GLY A 33 -2.16 -6.04 -9.31
C GLY A 33 -2.89 -4.93 -8.58
N ASN A 34 -3.80 -5.33 -7.69
CA ASN A 34 -4.56 -4.40 -6.89
C ASN A 34 -4.48 -4.84 -5.43
N ALA A 35 -4.99 -4.00 -4.53
CA ALA A 35 -4.81 -4.18 -3.09
C ALA A 35 -5.15 -5.59 -2.60
N ASN A 36 -6.29 -6.12 -3.01
CA ASN A 36 -6.77 -7.38 -2.42
C ASN A 36 -6.09 -8.59 -3.05
N ASN A 37 -5.24 -8.35 -4.04
CA ASN A 37 -4.48 -9.42 -4.68
C ASN A 37 -2.99 -9.26 -4.34
N TRP A 38 -2.72 -8.34 -3.42
CA TRP A 38 -1.36 -7.97 -3.06
C TRP A 38 -0.50 -9.18 -2.68
N ALA A 39 -0.86 -9.83 -1.59
CA ALA A 39 -0.06 -10.93 -1.05
C ALA A 39 0.26 -11.98 -2.11
N ALA A 40 -0.71 -12.27 -2.96
CA ALA A 40 -0.56 -13.29 -4.00
C ALA A 40 0.45 -12.86 -5.06
N ALA A 41 0.29 -11.66 -5.58
CA ALA A 41 1.14 -11.17 -6.66
C ALA A 41 2.52 -10.75 -6.13
N ALA A 42 2.52 -10.15 -4.94
CA ALA A 42 3.76 -9.69 -4.30
C ALA A 42 4.69 -10.86 -4.02
N GLN A 43 4.15 -11.92 -3.41
CA GLN A 43 4.94 -13.11 -3.09
C GLN A 43 5.44 -13.78 -4.36
N GLY A 44 4.71 -13.60 -5.46
CA GLY A 44 5.13 -14.13 -6.74
C GLY A 44 6.38 -13.45 -7.25
N ALA A 45 6.59 -12.21 -6.84
CA ALA A 45 7.76 -11.45 -7.22
C ALA A 45 8.91 -11.71 -6.27
N GLY A 46 8.61 -12.40 -5.17
CA GLY A 46 9.63 -12.71 -4.19
C GLY A 46 9.66 -11.72 -3.05
N PHE A 47 8.54 -11.06 -2.80
CA PHE A 47 8.45 -10.12 -1.68
C PHE A 47 8.34 -10.87 -0.37
N THR A 48 8.67 -10.20 0.71
CA THR A 48 8.57 -10.79 2.04
C THR A 48 7.32 -10.29 2.74
N VAL A 49 6.38 -11.20 2.99
CA VAL A 49 5.12 -10.84 3.64
C VAL A 49 5.05 -11.43 5.04
N ASN A 50 4.92 -10.58 6.05
CA ASN A 50 4.83 -11.02 7.44
C ASN A 50 3.61 -10.44 8.11
N HIS A 51 2.81 -9.73 7.32
CA HIS A 51 1.65 -8.96 7.80
C HIS A 51 1.94 -8.25 9.13
N THR A 52 2.69 -7.17 9.04
CA THR A 52 3.08 -6.35 10.19
C THR A 52 3.59 -4.99 9.69
N PRO A 53 2.75 -3.94 9.70
CA PRO A 53 3.11 -2.61 9.18
C PRO A 53 4.38 -2.03 9.82
N SER A 54 5.03 -1.12 9.10
CA SER A 54 6.30 -0.55 9.53
C SER A 54 6.52 0.76 8.80
N LYS A 55 7.43 1.59 9.31
CA LYS A 55 7.72 2.87 8.69
C LYS A 55 8.35 2.68 7.31
N GLY A 56 7.59 3.01 6.27
CA GLY A 56 8.07 2.85 4.92
C GLY A 56 7.48 1.64 4.23
N ALA A 57 6.65 0.90 4.95
CA ALA A 57 6.01 -0.28 4.40
C ALA A 57 4.59 0.06 3.93
N ILE A 58 3.79 -0.96 3.67
CA ILE A 58 2.43 -0.75 3.20
C ILE A 58 1.46 -1.70 3.91
N LEU A 59 0.25 -1.23 4.15
CA LEU A 59 -0.78 -2.01 4.83
C LEU A 59 -1.60 -2.82 3.81
N GLN A 60 -2.30 -3.84 4.30
CA GLN A 60 -3.18 -4.63 3.45
C GLN A 60 -4.34 -5.20 4.24
N SER A 61 -5.53 -4.90 3.77
CA SER A 61 -6.75 -5.44 4.32
C SER A 61 -7.66 -5.89 3.19
N SER A 62 -7.67 -7.19 2.93
CA SER A 62 -8.51 -7.75 1.89
C SER A 62 -9.92 -7.95 2.44
N GLU A 63 -10.75 -6.93 2.27
CA GLU A 63 -12.08 -6.91 2.88
C GLU A 63 -13.16 -6.65 1.83
N GLY A 64 -12.82 -6.86 0.58
CA GLY A 64 -13.76 -6.60 -0.49
C GLY A 64 -13.14 -6.71 -1.87
N PRO A 65 -13.76 -6.09 -2.89
CA PRO A 65 -13.33 -6.18 -4.28
C PRO A 65 -11.97 -5.54 -4.52
N PHE A 66 -11.69 -4.46 -3.80
CA PHE A 66 -10.43 -3.76 -3.93
C PHE A 66 -9.57 -3.95 -2.70
N GLY A 67 -10.12 -3.69 -1.53
CA GLY A 67 -9.37 -3.84 -0.29
C GLY A 67 -8.52 -2.63 0.01
N HIS A 68 -7.75 -2.69 1.08
CA HIS A 68 -6.90 -1.58 1.51
C HIS A 68 -5.43 -1.92 1.37
N VAL A 69 -4.73 -1.24 0.49
CA VAL A 69 -3.30 -1.14 0.65
C VAL A 69 -2.92 0.32 0.84
N ALA A 70 -2.53 0.63 2.06
CA ALA A 70 -2.21 1.99 2.43
C ALA A 70 -0.76 2.08 2.82
N TYR A 71 -0.05 3.02 2.23
CA TYR A 71 1.36 3.17 2.47
C TYR A 71 1.61 3.68 3.88
N VAL A 72 2.35 2.88 4.65
CA VAL A 72 2.60 3.17 6.05
C VAL A 72 3.69 4.22 6.19
N GLU A 73 3.28 5.41 6.59
CA GLU A 73 4.23 6.50 6.76
C GLU A 73 5.13 6.23 7.96
N SER A 74 4.57 5.55 8.95
CA SER A 74 5.26 5.29 10.20
C SER A 74 4.32 4.65 11.21
N VAL A 75 4.88 3.94 12.17
CA VAL A 75 4.13 3.42 13.29
C VAL A 75 4.17 4.43 14.44
N ASN A 76 3.11 4.50 15.21
CA ASN A 76 3.01 5.48 16.29
C ASN A 76 3.55 4.91 17.58
N SER A 77 3.65 5.77 18.58
CA SER A 77 4.22 5.40 19.87
C SER A 77 3.33 4.41 20.63
N ASP A 78 2.02 4.49 20.40
CA ASP A 78 1.08 3.66 21.11
C ASP A 78 0.99 2.26 20.50
N GLY A 79 1.33 2.16 19.23
CA GLY A 79 1.23 0.89 18.55
C GLY A 79 0.41 0.97 17.28
N SER A 80 -0.40 2.03 17.17
CA SER A 80 -1.19 2.25 15.98
C SER A 80 -0.28 2.71 14.84
N VAL A 81 -0.73 2.54 13.60
CA VAL A 81 0.08 2.97 12.47
C VAL A 81 -0.59 4.08 11.67
N THR A 82 0.22 5.04 11.25
CA THR A 82 -0.26 6.13 10.41
C THR A 82 -0.01 5.79 8.94
N ILE A 83 -1.08 5.73 8.16
CA ILE A 83 -1.00 5.29 6.78
C ILE A 83 -1.69 6.26 5.84
N SER A 84 -1.27 6.28 4.59
CA SER A 84 -1.87 7.12 3.58
C SER A 84 -2.25 6.31 2.34
N GLU A 85 -3.53 6.33 2.01
CA GLU A 85 -4.03 5.61 0.84
C GLU A 85 -4.82 6.55 -0.07
N MET A 86 -4.18 7.07 -1.10
CA MET A 86 -4.83 7.99 -2.02
C MET A 86 -5.89 7.27 -2.85
N ASN A 87 -7.06 7.89 -2.96
CA ASN A 87 -8.19 7.38 -3.75
C ASN A 87 -8.87 6.22 -3.05
N TYR A 88 -8.13 5.12 -2.88
CA TYR A 88 -8.67 3.88 -2.33
C TYR A 88 -9.71 3.28 -3.28
N SER A 89 -10.89 3.90 -3.31
CA SER A 89 -11.98 3.47 -4.16
C SER A 89 -13.12 4.47 -4.07
N GLY A 90 -13.23 5.33 -5.06
CA GLY A 90 -14.29 6.32 -5.07
C GLY A 90 -13.86 7.63 -5.69
N GLY A 91 -13.40 8.55 -4.87
CA GLY A 91 -13.00 9.85 -5.37
C GLY A 91 -11.53 9.88 -5.73
N PRO A 92 -11.20 10.18 -6.99
CA PRO A 92 -9.81 10.24 -7.46
C PRO A 92 -8.97 11.24 -6.66
N PHE A 93 -7.83 10.75 -6.18
CA PHE A 93 -6.85 11.57 -5.45
C PHE A 93 -7.33 11.94 -4.06
N SER A 94 -8.38 11.30 -3.57
CA SER A 94 -8.77 11.48 -2.19
C SER A 94 -7.78 10.74 -1.31
N VAL A 95 -6.73 11.43 -0.90
CA VAL A 95 -5.74 10.83 -0.04
C VAL A 95 -6.38 10.44 1.30
N SER A 96 -6.79 9.18 1.37
CA SER A 96 -7.51 8.65 2.50
C SER A 96 -6.58 8.58 3.72
N SER A 97 -6.98 9.28 4.76
CA SER A 97 -6.22 9.31 6.00
C SER A 97 -6.75 8.27 6.98
N ARG A 98 -5.94 7.26 7.25
CA ARG A 98 -6.36 6.16 8.11
C ARG A 98 -5.39 5.95 9.26
N THR A 99 -5.86 5.25 10.28
CA THR A 99 -5.03 4.91 11.41
C THR A 99 -5.42 3.52 11.94
N ILE A 100 -4.51 2.58 11.82
CA ILE A 100 -4.81 1.20 12.16
C ILE A 100 -4.41 0.88 13.59
N SER A 101 -5.33 0.30 14.32
CA SER A 101 -5.06 -0.20 15.66
C SER A 101 -4.12 -1.40 15.57
N ALA A 102 -3.18 -1.48 16.51
CA ALA A 102 -2.21 -2.58 16.56
C ALA A 102 -2.88 -3.95 16.45
N SER A 103 -4.06 -4.08 17.04
CA SER A 103 -4.81 -5.33 17.03
C SER A 103 -5.07 -5.79 15.59
N GLU A 104 -5.62 -4.91 14.76
CA GLU A 104 -5.91 -5.25 13.37
C GLU A 104 -4.67 -5.15 12.50
N ALA A 105 -3.70 -4.36 12.96
CA ALA A 105 -2.45 -4.19 12.23
C ALA A 105 -1.68 -5.50 12.16
N GLY A 106 -1.77 -6.30 13.23
CA GLY A 106 -1.13 -7.60 13.25
C GLY A 106 -1.69 -8.55 12.21
N ASN A 107 -2.96 -8.34 11.85
CA ASN A 107 -3.63 -9.16 10.85
C ASN A 107 -3.31 -8.65 9.46
N TYR A 108 -3.29 -7.34 9.30
CA TYR A 108 -3.10 -6.71 8.02
C TYR A 108 -1.73 -7.03 7.44
N ASN A 109 -1.71 -7.41 6.17
CA ASN A 109 -0.48 -7.84 5.52
C ASN A 109 0.37 -6.65 5.11
N TYR A 110 1.63 -6.92 4.82
CA TYR A 110 2.52 -5.92 4.30
C TYR A 110 3.59 -6.61 3.48
N ILE A 111 4.01 -5.99 2.41
CA ILE A 111 4.99 -6.59 1.54
C ILE A 111 6.27 -5.75 1.52
N HIS A 112 7.37 -6.34 1.93
CA HIS A 112 8.65 -5.65 1.83
C HIS A 112 9.63 -6.52 1.06
N ILE A 113 10.50 -5.89 0.30
CA ILE A 113 11.42 -6.58 -0.59
C ILE A 113 12.29 -7.59 0.17
N GLY A 1 13.17 8.17 -24.57
CA GLY A 1 13.04 8.99 -23.35
C GLY A 1 12.27 8.27 -22.26
N SER A 2 12.39 8.77 -21.03
CA SER A 2 11.71 8.17 -19.90
C SER A 2 10.22 8.47 -19.95
N SER A 3 9.88 9.74 -20.18
CA SER A 3 8.50 10.18 -20.29
C SER A 3 7.73 9.90 -19.00
N ILE A 4 8.16 10.52 -17.91
CA ILE A 4 7.46 10.41 -16.63
C ILE A 4 6.58 11.62 -16.40
N SER A 5 5.71 11.56 -15.41
CA SER A 5 4.83 12.67 -15.12
C SER A 5 5.18 13.28 -13.76
N HIS A 6 4.66 12.70 -12.70
CA HIS A 6 5.02 13.11 -11.35
C HIS A 6 5.56 11.91 -10.60
N SER A 7 5.05 10.75 -10.95
CA SER A 7 5.54 9.51 -10.40
C SER A 7 5.98 8.58 -11.53
N GLY A 8 6.96 7.74 -11.24
CA GLY A 8 7.39 6.76 -12.22
C GLY A 8 6.55 5.51 -12.15
N ASN A 9 5.24 5.69 -12.17
CA ASN A 9 4.32 4.58 -12.02
C ASN A 9 3.35 4.54 -13.19
N LEU A 10 2.99 3.34 -13.60
CA LEU A 10 2.18 3.12 -14.79
C LEU A 10 0.69 3.11 -14.46
N TYR A 11 0.37 2.99 -13.18
CA TYR A 11 -1.00 2.81 -12.73
C TYR A 11 -1.83 4.07 -12.96
N THR A 12 -3.14 3.93 -12.80
CA THR A 12 -4.08 5.02 -12.98
C THR A 12 -3.78 6.15 -11.99
N ALA A 13 -3.86 7.38 -12.48
CA ALA A 13 -3.56 8.55 -11.66
C ALA A 13 -4.55 8.67 -10.51
N GLY A 14 -4.05 8.47 -9.30
CA GLY A 14 -4.91 8.56 -8.15
C GLY A 14 -5.47 7.22 -7.73
N GLN A 15 -4.62 6.20 -7.75
CA GLN A 15 -5.01 4.89 -7.25
C GLN A 15 -4.35 4.59 -5.92
N CYS A 16 -4.99 3.74 -5.13
CA CYS A 16 -4.41 3.29 -3.87
C CYS A 16 -3.08 2.59 -4.12
N THR A 17 -3.08 1.71 -5.11
CA THR A 17 -1.88 0.97 -5.47
C THR A 17 -0.87 1.88 -6.17
N TRP A 18 -1.38 2.94 -6.77
CA TRP A 18 -0.55 3.93 -7.44
C TRP A 18 0.23 4.74 -6.41
N TYR A 19 -0.48 5.21 -5.38
CA TYR A 19 0.12 6.01 -4.32
C TYR A 19 1.19 5.22 -3.59
N VAL A 20 0.87 3.97 -3.24
CA VAL A 20 1.80 3.10 -2.55
C VAL A 20 3.10 2.94 -3.35
N TYR A 21 2.95 2.69 -4.64
CA TYR A 21 4.10 2.45 -5.51
C TYR A 21 5.00 3.67 -5.55
N ASP A 22 4.41 4.86 -5.60
CA ASP A 22 5.18 6.10 -5.59
C ASP A 22 5.96 6.27 -4.30
N LYS A 23 5.27 6.05 -3.19
CA LYS A 23 5.85 6.28 -1.86
C LYS A 23 7.00 5.32 -1.57
N VAL A 24 7.01 4.15 -2.22
CA VAL A 24 8.08 3.19 -2.02
C VAL A 24 9.20 3.39 -3.04
N GLY A 25 9.07 4.43 -3.86
CA GLY A 25 10.09 4.76 -4.83
C GLY A 25 10.06 3.85 -6.04
N GLY A 26 8.90 3.26 -6.31
CA GLY A 26 8.77 2.35 -7.43
C GLY A 26 9.66 1.13 -7.29
N GLU A 27 9.82 0.66 -6.06
CA GLU A 27 10.71 -0.45 -5.79
C GLU A 27 10.00 -1.79 -5.95
N ILE A 28 8.84 -1.93 -5.31
CA ILE A 28 8.11 -3.17 -5.37
C ILE A 28 6.76 -2.97 -6.06
N GLY A 29 6.35 -3.95 -6.84
CA GLY A 29 4.99 -3.98 -7.30
C GLY A 29 4.82 -3.73 -8.79
N SER A 30 3.81 -2.92 -9.11
CA SER A 30 3.35 -2.67 -10.48
C SER A 30 2.68 -3.92 -11.08
N THR A 31 3.25 -5.08 -10.80
CA THR A 31 2.71 -6.34 -11.27
C THR A 31 1.93 -7.07 -10.17
N TRP A 32 1.77 -6.42 -9.01
CA TRP A 32 1.09 -7.03 -7.87
C TRP A 32 -0.42 -7.13 -8.09
N GLY A 33 -0.87 -6.61 -9.22
CA GLY A 33 -2.29 -6.64 -9.50
C GLY A 33 -3.02 -5.52 -8.81
N ASN A 34 -3.92 -5.89 -7.93
CA ASN A 34 -4.69 -4.91 -7.18
C ASN A 34 -4.59 -5.21 -5.69
N ALA A 35 -5.33 -4.46 -4.90
CA ALA A 35 -5.15 -4.45 -3.45
C ALA A 35 -5.46 -5.81 -2.80
N ASN A 36 -6.54 -6.48 -3.22
CA ASN A 36 -6.91 -7.75 -2.58
C ASN A 36 -6.10 -8.91 -3.17
N ASN A 37 -5.27 -8.59 -4.14
CA ASN A 37 -4.45 -9.59 -4.83
C ASN A 37 -2.99 -9.44 -4.40
N TRP A 38 -2.73 -8.45 -3.56
CA TRP A 38 -1.38 -8.08 -3.17
C TRP A 38 -0.56 -9.25 -2.63
N ALA A 39 -1.01 -9.82 -1.53
CA ALA A 39 -0.23 -10.84 -0.83
C ALA A 39 0.14 -11.99 -1.76
N ALA A 40 -0.78 -12.32 -2.65
CA ALA A 40 -0.55 -13.39 -3.61
C ALA A 40 0.48 -12.97 -4.66
N ALA A 41 0.25 -11.83 -5.28
CA ALA A 41 1.14 -11.33 -6.32
C ALA A 41 2.53 -11.02 -5.76
N ALA A 42 2.53 -10.35 -4.61
CA ALA A 42 3.77 -9.96 -3.96
C ALA A 42 4.68 -11.15 -3.70
N GLN A 43 4.12 -12.21 -3.13
CA GLN A 43 4.89 -13.41 -2.84
C GLN A 43 5.31 -14.11 -4.13
N GLY A 44 4.46 -14.02 -5.14
CA GLY A 44 4.79 -14.60 -6.44
C GLY A 44 5.89 -13.84 -7.14
N ALA A 45 5.94 -12.53 -6.92
CA ALA A 45 7.00 -11.68 -7.47
C ALA A 45 8.29 -11.88 -6.68
N GLY A 46 8.17 -12.34 -5.45
CA GLY A 46 9.33 -12.63 -4.64
C GLY A 46 9.57 -11.62 -3.54
N PHE A 47 8.50 -10.97 -3.09
CA PHE A 47 8.62 -9.98 -2.03
C PHE A 47 8.70 -10.65 -0.66
N THR A 48 9.25 -9.94 0.31
CA THR A 48 9.35 -10.45 1.67
C THR A 48 8.26 -9.84 2.54
N VAL A 49 7.38 -10.69 3.08
CA VAL A 49 6.26 -10.20 3.87
C VAL A 49 6.33 -10.72 5.30
N ASN A 50 6.08 -9.82 6.25
CA ASN A 50 5.95 -10.19 7.66
C ASN A 50 4.82 -9.37 8.28
N HIS A 51 4.79 -8.11 7.88
CA HIS A 51 3.83 -7.13 8.33
C HIS A 51 4.03 -6.76 9.79
N THR A 52 4.98 -5.89 9.99
CA THR A 52 5.20 -5.24 11.25
C THR A 52 5.22 -3.73 11.00
N PRO A 53 4.12 -3.02 11.32
CA PRO A 53 3.98 -1.57 11.13
C PRO A 53 5.28 -0.81 11.25
N SER A 54 5.70 -0.20 10.15
CA SER A 54 6.96 0.53 10.08
C SER A 54 6.94 1.49 8.91
N LYS A 55 7.62 2.61 9.05
CA LYS A 55 7.75 3.57 7.97
C LYS A 55 8.45 2.94 6.77
N GLY A 56 7.77 2.95 5.63
CA GLY A 56 8.34 2.36 4.43
C GLY A 56 7.77 0.97 4.17
N ALA A 57 6.80 0.60 4.98
CA ALA A 57 6.10 -0.66 4.80
C ALA A 57 4.71 -0.39 4.25
N ILE A 58 3.93 -1.45 4.05
CA ILE A 58 2.59 -1.29 3.51
C ILE A 58 1.55 -2.01 4.36
N LEU A 59 0.32 -2.02 3.89
CA LEU A 59 -0.79 -2.62 4.60
C LEU A 59 -1.83 -3.11 3.61
N GLN A 60 -2.37 -4.29 3.81
CA GLN A 60 -3.36 -4.83 2.88
C GLN A 60 -4.50 -5.52 3.62
N SER A 61 -5.69 -5.32 3.09
CA SER A 61 -6.90 -5.94 3.60
C SER A 61 -7.69 -6.52 2.44
N SER A 62 -8.38 -7.60 2.70
CA SER A 62 -9.22 -8.24 1.69
C SER A 62 -10.65 -7.70 1.78
N GLU A 63 -10.86 -6.80 2.74
CA GLU A 63 -12.17 -6.23 3.00
C GLU A 63 -12.38 -4.97 2.17
N GLY A 64 -12.99 -5.13 1.00
CA GLY A 64 -13.23 -4.02 0.11
C GLY A 64 -13.57 -4.47 -1.29
N PRO A 65 -13.79 -3.53 -2.23
CA PRO A 65 -14.11 -3.88 -3.61
C PRO A 65 -12.90 -4.40 -4.37
N PHE A 66 -11.86 -3.58 -4.42
CA PHE A 66 -10.60 -3.97 -5.05
C PHE A 66 -9.60 -4.37 -3.99
N GLY A 67 -10.08 -4.51 -2.77
CA GLY A 67 -9.22 -4.80 -1.64
C GLY A 67 -8.94 -3.57 -0.83
N HIS A 68 -7.75 -3.50 -0.24
CA HIS A 68 -7.36 -2.35 0.56
C HIS A 68 -5.86 -2.36 0.81
N VAL A 69 -5.09 -1.64 0.00
CA VAL A 69 -3.67 -1.48 0.30
C VAL A 69 -3.32 -0.02 0.57
N ALA A 70 -2.72 0.20 1.70
CA ALA A 70 -2.33 1.53 2.13
C ALA A 70 -0.87 1.55 2.54
N TYR A 71 -0.17 2.60 2.14
CA TYR A 71 1.24 2.72 2.44
C TYR A 71 1.45 3.24 3.85
N VAL A 72 2.36 2.60 4.58
CA VAL A 72 2.63 2.95 5.96
C VAL A 72 3.69 4.03 6.05
N GLU A 73 3.28 5.22 6.44
CA GLU A 73 4.21 6.33 6.56
C GLU A 73 4.90 6.32 7.91
N SER A 74 4.20 5.86 8.95
CA SER A 74 4.74 5.82 10.30
C SER A 74 3.87 4.97 11.21
N VAL A 75 4.47 4.33 12.20
CA VAL A 75 3.72 3.68 13.26
C VAL A 75 3.90 4.46 14.55
N ASN A 76 2.79 4.76 15.20
CA ASN A 76 2.83 5.54 16.42
C ASN A 76 3.27 4.65 17.57
N SER A 77 3.97 5.24 18.52
CA SER A 77 4.53 4.49 19.64
C SER A 77 3.43 3.93 20.55
N ASP A 78 2.25 4.54 20.45
CA ASP A 78 1.09 4.08 21.22
C ASP A 78 0.62 2.71 20.73
N GLY A 79 1.05 2.33 19.54
CA GLY A 79 0.66 1.05 18.98
C GLY A 79 -0.26 1.23 17.78
N SER A 80 -0.70 2.45 17.56
CA SER A 80 -1.53 2.77 16.42
C SER A 80 -0.66 3.09 15.21
N VAL A 81 -1.11 2.75 14.03
CA VAL A 81 -0.32 2.93 12.82
C VAL A 81 -0.93 3.99 11.92
N THR A 82 -0.09 4.84 11.36
CA THR A 82 -0.55 5.87 10.45
C THR A 82 -0.27 5.47 9.00
N ILE A 83 -1.34 5.15 8.29
CA ILE A 83 -1.22 4.74 6.90
C ILE A 83 -1.84 5.76 5.97
N SER A 84 -1.32 5.85 4.76
CA SER A 84 -1.84 6.76 3.76
C SER A 84 -2.07 6.03 2.45
N GLU A 85 -3.26 6.20 1.91
CA GLU A 85 -3.66 5.56 0.67
C GLU A 85 -4.49 6.53 -0.16
N MET A 86 -3.95 6.99 -1.28
CA MET A 86 -4.65 7.99 -2.06
C MET A 86 -5.80 7.36 -2.83
N ASN A 87 -7.00 7.90 -2.60
CA ASN A 87 -8.24 7.45 -3.22
C ASN A 87 -8.74 6.16 -2.58
N TYR A 88 -7.89 5.13 -2.58
CA TYR A 88 -8.27 3.81 -2.10
C TYR A 88 -9.26 3.16 -3.09
N SER A 89 -10.45 3.72 -3.16
CA SER A 89 -11.49 3.25 -4.07
C SER A 89 -12.73 4.11 -3.92
N GLY A 90 -12.78 5.21 -4.67
CA GLY A 90 -13.96 6.05 -4.64
C GLY A 90 -13.67 7.49 -5.03
N GLY A 91 -13.01 8.22 -4.13
CA GLY A 91 -12.77 9.63 -4.37
C GLY A 91 -11.41 9.88 -5.00
N PRO A 92 -11.38 10.40 -6.24
CA PRO A 92 -10.13 10.66 -6.95
C PRO A 92 -9.19 11.59 -6.18
N PHE A 93 -8.03 11.03 -5.81
CA PHE A 93 -6.98 11.76 -5.09
C PHE A 93 -7.36 12.05 -3.64
N SER A 94 -8.39 11.40 -3.13
CA SER A 94 -8.68 11.47 -1.70
C SER A 94 -7.65 10.66 -0.94
N VAL A 95 -6.49 11.25 -0.69
CA VAL A 95 -5.46 10.56 0.04
C VAL A 95 -5.96 10.21 1.45
N SER A 96 -6.42 8.98 1.59
CA SER A 96 -7.08 8.53 2.80
C SER A 96 -6.10 8.39 3.94
N SER A 97 -6.45 9.01 5.05
CA SER A 97 -5.66 8.91 6.26
C SER A 97 -6.38 8.05 7.30
N ARG A 98 -5.86 6.86 7.53
CA ARG A 98 -6.50 5.90 8.42
C ARG A 98 -5.52 5.48 9.53
N THR A 99 -6.04 5.27 10.72
CA THR A 99 -5.21 4.87 11.84
C THR A 99 -5.44 3.40 12.17
N ILE A 100 -4.38 2.62 12.11
CA ILE A 100 -4.46 1.19 12.37
C ILE A 100 -4.32 0.91 13.86
N SER A 101 -5.33 0.29 14.44
CA SER A 101 -5.21 -0.24 15.78
C SER A 101 -4.46 -1.57 15.71
N ALA A 102 -3.58 -1.82 16.69
CA ALA A 102 -2.81 -3.07 16.75
C ALA A 102 -3.67 -4.30 16.50
N SER A 103 -4.90 -4.27 17.01
CA SER A 103 -5.85 -5.35 16.81
C SER A 103 -6.02 -5.68 15.33
N GLU A 104 -6.26 -4.64 14.53
CA GLU A 104 -6.40 -4.80 13.09
C GLU A 104 -5.04 -5.01 12.44
N ALA A 105 -4.02 -4.43 13.06
CA ALA A 105 -2.66 -4.49 12.52
C ALA A 105 -2.24 -5.92 12.26
N GLY A 106 -2.49 -6.81 13.21
CA GLY A 106 -2.11 -8.21 13.06
C GLY A 106 -2.85 -8.93 11.94
N ASN A 107 -3.86 -8.27 11.36
CA ASN A 107 -4.69 -8.88 10.32
C ASN A 107 -4.17 -8.58 8.91
N TYR A 108 -3.33 -7.57 8.78
CA TYR A 108 -2.91 -7.11 7.46
C TYR A 108 -1.55 -7.68 7.05
N ASN A 109 -1.15 -7.37 5.83
CA ASN A 109 0.15 -7.80 5.28
C ASN A 109 0.93 -6.59 4.76
N TYR A 110 2.26 -6.67 4.79
CA TYR A 110 3.09 -5.68 4.11
C TYR A 110 4.08 -6.42 3.25
N ILE A 111 4.67 -5.74 2.28
CA ILE A 111 5.57 -6.41 1.37
C ILE A 111 6.84 -5.59 1.16
N HIS A 112 7.97 -6.23 1.38
CA HIS A 112 9.28 -5.61 1.19
C HIS A 112 10.02 -6.32 0.09
N ILE A 113 11.23 -5.87 -0.20
CA ILE A 113 12.04 -6.49 -1.23
C ILE A 113 12.81 -7.66 -0.62
N GLY A 1 -0.62 16.67 -18.94
CA GLY A 1 -0.48 15.40 -18.18
C GLY A 1 0.28 15.61 -16.89
N SER A 2 0.41 14.56 -16.10
CA SER A 2 1.13 14.66 -14.83
C SER A 2 2.23 13.60 -14.77
N SER A 3 1.90 12.39 -15.16
CA SER A 3 2.86 11.28 -15.10
C SER A 3 3.56 11.13 -16.44
N ILE A 4 3.63 12.21 -17.18
CA ILE A 4 4.18 12.21 -18.53
C ILE A 4 5.68 12.55 -18.52
N SER A 5 6.13 13.10 -17.41
CA SER A 5 7.52 13.55 -17.29
C SER A 5 8.51 12.40 -17.48
N HIS A 6 8.44 11.40 -16.63
CA HIS A 6 9.31 10.23 -16.74
C HIS A 6 8.53 8.97 -16.44
N SER A 7 7.20 9.06 -16.56
CA SER A 7 6.31 7.98 -16.17
C SER A 7 6.49 7.66 -14.69
N GLY A 8 5.79 8.42 -13.85
CA GLY A 8 5.91 8.27 -12.42
C GLY A 8 5.41 6.93 -11.91
N ASN A 9 4.43 6.37 -12.61
CA ASN A 9 3.85 5.11 -12.19
C ASN A 9 3.18 4.43 -13.38
N LEU A 10 3.16 3.11 -13.35
CA LEU A 10 2.60 2.31 -14.43
C LEU A 10 1.11 2.12 -14.23
N TYR A 11 0.66 2.28 -13.00
CA TYR A 11 -0.72 2.02 -12.64
C TYR A 11 -1.65 3.10 -13.21
N THR A 12 -2.91 3.06 -12.79
CA THR A 12 -3.94 3.95 -13.31
C THR A 12 -3.60 5.44 -13.10
N ALA A 13 -4.01 5.98 -11.96
CA ALA A 13 -3.78 7.37 -11.61
C ALA A 13 -4.48 7.69 -10.29
N GLY A 14 -3.72 8.16 -9.32
CA GLY A 14 -4.30 8.55 -8.04
C GLY A 14 -4.99 7.40 -7.33
N GLN A 15 -4.60 6.18 -7.65
CA GLN A 15 -5.19 4.99 -7.05
C GLN A 15 -4.60 4.71 -5.67
N CYS A 16 -5.30 3.90 -4.89
CA CYS A 16 -4.81 3.46 -3.60
C CYS A 16 -3.48 2.73 -3.77
N THR A 17 -3.44 1.81 -4.75
CA THR A 17 -2.24 1.05 -5.05
C THR A 17 -1.22 1.92 -5.80
N TRP A 18 -1.75 2.88 -6.56
CA TRP A 18 -0.92 3.82 -7.31
C TRP A 18 -0.15 4.70 -6.35
N TYR A 19 -0.84 5.21 -5.33
CA TYR A 19 -0.22 6.03 -4.30
C TYR A 19 0.92 5.29 -3.65
N VAL A 20 0.65 4.06 -3.24
CA VAL A 20 1.62 3.20 -2.59
C VAL A 20 2.88 3.06 -3.43
N TYR A 21 2.70 2.63 -4.67
CA TYR A 21 3.82 2.37 -5.57
C TYR A 21 4.67 3.62 -5.78
N ASP A 22 4.01 4.77 -5.89
CA ASP A 22 4.72 6.03 -6.08
C ASP A 22 5.47 6.43 -4.81
N LYS A 23 4.83 6.23 -3.66
CA LYS A 23 5.42 6.61 -2.37
C LYS A 23 6.62 5.75 -2.00
N VAL A 24 6.62 4.50 -2.46
CA VAL A 24 7.75 3.61 -2.20
C VAL A 24 8.85 3.81 -3.26
N GLY A 25 8.61 4.75 -4.16
CA GLY A 25 9.61 5.08 -5.17
C GLY A 25 9.70 4.04 -6.26
N GLY A 26 8.62 3.29 -6.45
CA GLY A 26 8.61 2.23 -7.43
C GLY A 26 9.60 1.13 -7.10
N GLU A 27 9.94 1.02 -5.82
CA GLU A 27 10.90 0.02 -5.37
C GLU A 27 10.32 -1.38 -5.48
N ILE A 28 9.06 -1.51 -5.07
CA ILE A 28 8.36 -2.77 -5.20
C ILE A 28 7.01 -2.54 -5.87
N GLY A 29 6.49 -3.52 -6.57
CA GLY A 29 5.14 -3.43 -7.05
C GLY A 29 4.96 -3.84 -8.49
N SER A 30 4.23 -2.99 -9.21
CA SER A 30 3.86 -3.18 -10.62
C SER A 30 3.08 -4.48 -10.86
N THR A 31 3.73 -5.62 -10.62
CA THR A 31 3.14 -6.91 -10.92
C THR A 31 2.48 -7.51 -9.67
N TRP A 32 2.18 -6.67 -8.68
CA TRP A 32 1.52 -7.13 -7.46
C TRP A 32 0.01 -7.26 -7.66
N GLY A 33 -0.45 -6.91 -8.84
CA GLY A 33 -1.86 -7.04 -9.14
C GLY A 33 -2.66 -5.88 -8.60
N ASN A 34 -3.70 -6.20 -7.85
CA ASN A 34 -4.47 -5.19 -7.16
C ASN A 34 -4.27 -5.37 -5.66
N ALA A 35 -4.95 -4.57 -4.87
CA ALA A 35 -4.73 -4.55 -3.43
C ALA A 35 -5.04 -5.90 -2.78
N ASN A 36 -6.15 -6.52 -3.17
CA ASN A 36 -6.56 -7.79 -2.55
C ASN A 36 -5.86 -8.98 -3.21
N ASN A 37 -4.93 -8.69 -4.12
CA ASN A 37 -4.14 -9.73 -4.77
C ASN A 37 -2.67 -9.55 -4.40
N TRP A 38 -2.42 -8.58 -3.51
CA TRP A 38 -1.08 -8.18 -3.12
C TRP A 38 -0.25 -9.34 -2.62
N ALA A 39 -0.63 -9.90 -1.47
CA ALA A 39 0.17 -10.93 -0.81
C ALA A 39 0.55 -12.06 -1.76
N ALA A 40 -0.35 -12.38 -2.68
CA ALA A 40 -0.11 -13.44 -3.64
C ALA A 40 0.86 -13.00 -4.74
N ALA A 41 0.55 -11.87 -5.37
CA ALA A 41 1.34 -11.39 -6.50
C ALA A 41 2.70 -10.85 -6.05
N ALA A 42 2.72 -10.23 -4.88
CA ALA A 42 3.95 -9.77 -4.26
C ALA A 42 4.93 -10.93 -4.11
N GLN A 43 4.47 -12.03 -3.49
CA GLN A 43 5.31 -13.21 -3.31
C GLN A 43 5.62 -13.86 -4.65
N GLY A 44 4.71 -13.74 -5.59
CA GLY A 44 4.94 -14.23 -6.93
C GLY A 44 6.06 -13.47 -7.62
N ALA A 45 6.19 -12.20 -7.27
CA ALA A 45 7.26 -11.36 -7.81
C ALA A 45 8.55 -11.55 -7.02
N GLY A 46 8.41 -12.05 -5.79
CA GLY A 46 9.58 -12.30 -4.98
C GLY A 46 9.68 -11.36 -3.80
N PHE A 47 8.54 -10.89 -3.29
CA PHE A 47 8.51 -10.01 -2.13
C PHE A 47 8.39 -10.84 -0.86
N THR A 48 8.82 -10.27 0.26
CA THR A 48 8.73 -10.94 1.54
C THR A 48 7.53 -10.42 2.34
N VAL A 49 6.41 -11.12 2.27
CA VAL A 49 5.24 -10.65 2.98
C VAL A 49 5.10 -11.35 4.33
N ASN A 50 4.96 -10.55 5.37
CA ASN A 50 4.65 -11.05 6.69
C ASN A 50 3.34 -10.39 7.09
N HIS A 51 3.25 -9.91 8.32
CA HIS A 51 2.13 -9.09 8.73
C HIS A 51 2.43 -8.31 10.01
N THR A 52 3.11 -7.19 9.85
CA THR A 52 3.48 -6.32 10.94
C THR A 52 3.85 -4.94 10.40
N PRO A 53 3.03 -3.91 10.65
CA PRO A 53 3.25 -2.56 10.10
C PRO A 53 4.62 -1.99 10.44
N SER A 54 5.11 -1.12 9.57
CA SER A 54 6.43 -0.53 9.71
C SER A 54 6.50 0.74 8.88
N LYS A 55 7.26 1.72 9.34
CA LYS A 55 7.45 2.95 8.60
C LYS A 55 8.13 2.67 7.27
N GLY A 56 7.43 2.92 6.17
CA GLY A 56 7.97 2.65 4.86
C GLY A 56 7.38 1.39 4.25
N ALA A 57 6.50 0.74 5.00
CA ALA A 57 5.84 -0.46 4.51
C ALA A 57 4.43 -0.14 4.04
N ILE A 58 3.63 -1.18 3.82
CA ILE A 58 2.25 -0.97 3.33
C ILE A 58 1.29 -1.89 4.06
N LEU A 59 0.13 -1.38 4.41
CA LEU A 59 -0.87 -2.15 5.16
C LEU A 59 -1.90 -2.76 4.19
N GLN A 60 -2.14 -4.06 4.34
CA GLN A 60 -3.03 -4.79 3.44
C GLN A 60 -4.27 -5.33 4.18
N SER A 61 -5.41 -5.10 3.57
CA SER A 61 -6.68 -5.62 4.06
C SER A 61 -7.45 -6.24 2.88
N SER A 62 -8.31 -7.21 3.17
CA SER A 62 -9.04 -7.90 2.13
C SER A 62 -10.04 -6.98 1.45
N GLU A 63 -11.08 -6.57 2.18
CA GLU A 63 -12.11 -5.68 1.67
C GLU A 63 -12.83 -6.29 0.46
N GLY A 64 -13.67 -5.49 -0.19
CA GLY A 64 -14.48 -6.00 -1.28
C GLY A 64 -14.04 -5.54 -2.65
N PRO A 65 -14.13 -4.23 -2.95
CA PRO A 65 -13.96 -3.68 -4.31
C PRO A 65 -12.73 -4.24 -5.03
N PHE A 66 -11.54 -3.93 -4.52
CA PHE A 66 -10.31 -4.37 -5.15
C PHE A 66 -9.24 -4.64 -4.10
N GLY A 67 -9.66 -4.69 -2.84
CA GLY A 67 -8.73 -4.87 -1.75
C GLY A 67 -8.36 -3.56 -1.10
N HIS A 68 -7.42 -3.61 -0.17
CA HIS A 68 -6.98 -2.41 0.51
C HIS A 68 -5.50 -2.48 0.82
N VAL A 69 -4.69 -1.67 0.15
CA VAL A 69 -3.31 -1.50 0.57
C VAL A 69 -2.97 -0.02 0.71
N ALA A 70 -2.69 0.37 1.94
CA ALA A 70 -2.36 1.76 2.24
C ALA A 70 -0.92 1.86 2.70
N TYR A 71 -0.19 2.79 2.13
CA TYR A 71 1.22 2.94 2.42
C TYR A 71 1.43 3.47 3.83
N VAL A 72 2.20 2.74 4.61
CA VAL A 72 2.44 3.06 6.01
C VAL A 72 3.55 4.09 6.12
N GLU A 73 3.22 5.28 6.57
CA GLU A 73 4.20 6.35 6.67
C GLU A 73 4.88 6.34 8.03
N SER A 74 4.25 5.69 9.01
CA SER A 74 4.79 5.67 10.37
C SER A 74 3.94 4.83 11.30
N VAL A 75 4.60 4.16 12.23
CA VAL A 75 3.91 3.54 13.35
C VAL A 75 4.09 4.42 14.58
N ASN A 76 3.00 4.82 15.19
CA ASN A 76 3.02 5.81 16.25
C ASN A 76 3.48 5.20 17.56
N SER A 77 3.94 6.06 18.47
CA SER A 77 4.46 5.62 19.75
C SER A 77 3.38 5.01 20.64
N ASP A 78 2.12 5.33 20.33
CA ASP A 78 1.00 4.82 21.12
C ASP A 78 0.52 3.47 20.61
N GLY A 79 1.22 2.95 19.61
CA GLY A 79 0.87 1.65 19.08
C GLY A 79 -0.12 1.73 17.93
N SER A 80 -0.47 2.94 17.55
CA SER A 80 -1.35 3.15 16.43
C SER A 80 -0.55 3.36 15.16
N VAL A 81 -1.05 2.91 14.03
CA VAL A 81 -0.32 3.01 12.78
C VAL A 81 -0.92 4.06 11.85
N THR A 82 -0.08 4.93 11.30
CA THR A 82 -0.53 5.95 10.38
C THR A 82 -0.32 5.51 8.94
N ILE A 83 -1.41 5.30 8.23
CA ILE A 83 -1.35 4.87 6.84
C ILE A 83 -1.93 5.94 5.92
N SER A 84 -1.34 6.07 4.74
CA SER A 84 -1.80 7.03 3.77
C SER A 84 -2.06 6.35 2.42
N GLU A 85 -3.14 6.75 1.78
CA GLU A 85 -3.54 6.21 0.50
C GLU A 85 -4.15 7.32 -0.35
N MET A 86 -4.43 7.04 -1.62
CA MET A 86 -4.99 8.06 -2.50
C MET A 86 -6.26 7.55 -3.16
N ASN A 87 -7.35 8.32 -3.01
CA ASN A 87 -8.65 8.02 -3.62
C ASN A 87 -9.30 6.76 -3.05
N TYR A 88 -8.55 5.66 -3.05
CA TYR A 88 -9.05 4.35 -2.64
C TYR A 88 -10.12 3.88 -3.61
N SER A 89 -11.35 4.35 -3.42
CA SER A 89 -12.45 3.99 -4.30
C SER A 89 -13.52 5.08 -4.28
N GLY A 90 -13.14 6.27 -3.82
CA GLY A 90 -14.10 7.34 -3.67
C GLY A 90 -13.72 8.59 -4.42
N GLY A 91 -13.03 9.50 -3.75
CA GLY A 91 -12.68 10.77 -4.36
C GLY A 91 -11.24 10.81 -4.82
N PRO A 92 -11.00 11.12 -6.10
CA PRO A 92 -9.64 11.19 -6.67
C PRO A 92 -8.76 12.21 -5.95
N PHE A 93 -7.56 11.75 -5.58
CA PHE A 93 -6.57 12.57 -4.88
C PHE A 93 -7.02 12.92 -3.47
N SER A 94 -7.95 12.15 -2.92
CA SER A 94 -8.21 12.24 -1.50
C SER A 94 -7.10 11.52 -0.77
N VAL A 95 -6.09 12.27 -0.34
CA VAL A 95 -5.03 11.70 0.46
C VAL A 95 -5.62 11.19 1.76
N SER A 96 -5.95 9.91 1.76
CA SER A 96 -6.70 9.33 2.85
C SER A 96 -5.77 8.89 3.97
N SER A 97 -5.76 9.66 5.03
CA SER A 97 -4.98 9.34 6.21
C SER A 97 -5.84 8.56 7.19
N ARG A 98 -5.35 7.42 7.65
CA ARG A 98 -6.14 6.56 8.53
C ARG A 98 -5.24 5.92 9.58
N THR A 99 -5.84 5.40 10.64
CA THR A 99 -5.09 4.84 11.74
C THR A 99 -5.38 3.35 11.92
N ILE A 100 -4.34 2.54 11.90
CA ILE A 100 -4.46 1.12 12.13
C ILE A 100 -4.16 0.78 13.59
N SER A 101 -5.16 0.28 14.28
CA SER A 101 -4.98 -0.21 15.65
C SER A 101 -4.03 -1.41 15.65
N ALA A 102 -3.16 -1.48 16.65
CA ALA A 102 -2.15 -2.54 16.74
C ALA A 102 -2.75 -3.94 16.65
N SER A 103 -3.95 -4.11 17.21
CA SER A 103 -4.62 -5.40 17.18
C SER A 103 -4.92 -5.83 15.74
N GLU A 104 -5.44 -4.90 14.95
CA GLU A 104 -5.70 -5.16 13.54
C GLU A 104 -4.40 -5.20 12.75
N ALA A 105 -3.45 -4.40 13.20
CA ALA A 105 -2.13 -4.34 12.58
C ALA A 105 -1.43 -5.69 12.62
N GLY A 106 -1.69 -6.45 13.68
CA GLY A 106 -1.12 -7.78 13.82
C GLY A 106 -1.77 -8.78 12.89
N ASN A 107 -2.87 -8.39 12.27
CA ASN A 107 -3.57 -9.25 11.32
C ASN A 107 -3.19 -8.92 9.89
N TYR A 108 -3.20 -7.62 9.57
CA TYR A 108 -3.00 -7.18 8.21
C TYR A 108 -1.59 -7.48 7.71
N ASN A 109 -1.51 -8.00 6.50
CA ASN A 109 -0.24 -8.35 5.90
C ASN A 109 0.47 -7.12 5.36
N TYR A 110 1.75 -7.25 5.09
CA TYR A 110 2.53 -6.20 4.47
C TYR A 110 3.63 -6.84 3.63
N ILE A 111 4.03 -6.22 2.54
CA ILE A 111 5.00 -6.85 1.66
C ILE A 111 6.35 -6.14 1.71
N HIS A 112 7.37 -6.91 2.01
CA HIS A 112 8.74 -6.42 2.00
C HIS A 112 9.39 -6.75 0.68
N ILE A 113 10.61 -6.28 0.49
CA ILE A 113 11.36 -6.63 -0.70
C ILE A 113 12.07 -7.96 -0.47
N GLY A 1 1.50 16.60 -25.38
CA GLY A 1 1.55 15.75 -24.16
C GLY A 1 2.97 15.44 -23.75
N SER A 2 3.14 14.34 -23.02
CA SER A 2 4.44 13.94 -22.51
C SER A 2 4.40 12.51 -22.00
N SER A 3 3.23 12.09 -21.51
CA SER A 3 3.06 10.76 -20.94
C SER A 3 2.95 9.69 -22.03
N ILE A 4 3.96 9.65 -22.90
CA ILE A 4 4.03 8.64 -23.94
C ILE A 4 4.96 7.51 -23.48
N SER A 5 5.42 7.65 -22.25
CA SER A 5 6.32 6.68 -21.64
C SER A 5 5.57 5.87 -20.58
N HIS A 6 6.30 5.24 -19.66
CA HIS A 6 5.68 4.49 -18.58
C HIS A 6 5.03 5.42 -17.56
N SER A 7 5.54 6.65 -17.49
CA SER A 7 4.97 7.72 -16.68
C SER A 7 4.76 7.31 -15.21
N GLY A 8 5.80 6.78 -14.60
CA GLY A 8 5.77 6.51 -13.17
C GLY A 8 5.22 5.14 -12.82
N ASN A 9 3.94 4.94 -13.06
CA ASN A 9 3.28 3.69 -12.68
C ASN A 9 2.26 3.28 -13.73
N LEU A 10 2.07 1.98 -13.88
CA LEU A 10 1.18 1.44 -14.89
C LEU A 10 -0.28 1.64 -14.53
N TYR A 11 -0.57 1.57 -13.24
CA TYR A 11 -1.95 1.56 -12.74
C TYR A 11 -2.59 2.95 -12.89
N THR A 12 -3.90 3.00 -12.69
CA THR A 12 -4.66 4.24 -12.79
C THR A 12 -4.13 5.30 -11.82
N ALA A 13 -4.13 6.54 -12.25
CA ALA A 13 -3.51 7.63 -11.51
C ALA A 13 -4.34 8.02 -10.28
N GLY A 14 -3.64 8.39 -9.21
CA GLY A 14 -4.30 8.83 -7.99
C GLY A 14 -5.04 7.71 -7.31
N GLN A 15 -4.59 6.47 -7.53
CA GLN A 15 -5.26 5.31 -6.99
C GLN A 15 -4.62 4.82 -5.70
N CYS A 16 -5.30 3.87 -5.06
CA CYS A 16 -4.83 3.29 -3.81
C CYS A 16 -3.50 2.59 -4.02
N THR A 17 -3.47 1.69 -5.01
CA THR A 17 -2.25 0.94 -5.32
C THR A 17 -1.24 1.85 -6.02
N TRP A 18 -1.75 2.87 -6.69
CA TRP A 18 -0.91 3.83 -7.41
C TRP A 18 -0.13 4.71 -6.45
N TYR A 19 -0.83 5.27 -5.47
CA TYR A 19 -0.19 6.15 -4.47
C TYR A 19 0.88 5.38 -3.71
N VAL A 20 0.54 4.16 -3.33
CA VAL A 20 1.49 3.26 -2.68
C VAL A 20 2.77 3.12 -3.50
N TYR A 21 2.61 2.89 -4.79
CA TYR A 21 3.75 2.69 -5.68
C TYR A 21 4.60 3.95 -5.76
N ASP A 22 3.95 5.10 -5.86
CA ASP A 22 4.64 6.38 -5.94
C ASP A 22 5.42 6.66 -4.66
N LYS A 23 4.81 6.37 -3.52
CA LYS A 23 5.42 6.63 -2.22
C LYS A 23 6.65 5.78 -1.97
N VAL A 24 6.64 4.54 -2.45
CA VAL A 24 7.79 3.65 -2.25
C VAL A 24 8.87 3.91 -3.30
N GLY A 25 8.66 4.94 -4.11
CA GLY A 25 9.65 5.31 -5.11
C GLY A 25 9.66 4.34 -6.28
N GLY A 26 8.60 3.56 -6.40
CA GLY A 26 8.49 2.59 -7.47
C GLY A 26 9.51 1.47 -7.35
N GLU A 27 9.85 1.09 -6.12
CA GLU A 27 10.80 0.02 -5.90
C GLU A 27 10.12 -1.34 -6.03
N ILE A 28 8.97 -1.49 -5.39
CA ILE A 28 8.28 -2.78 -5.35
C ILE A 28 6.94 -2.70 -6.04
N GLY A 29 6.54 -3.79 -6.67
CA GLY A 29 5.17 -3.92 -7.12
C GLY A 29 5.02 -3.88 -8.63
N SER A 30 4.22 -2.91 -9.09
CA SER A 30 3.81 -2.79 -10.48
C SER A 30 2.89 -3.95 -10.89
N THR A 31 3.45 -5.16 -10.89
CA THR A 31 2.74 -6.34 -11.33
C THR A 31 2.09 -7.06 -10.15
N TRP A 32 1.91 -6.35 -9.03
CA TRP A 32 1.25 -6.96 -7.86
C TRP A 32 -0.25 -7.08 -8.09
N GLY A 33 -0.73 -6.50 -9.18
CA GLY A 33 -2.14 -6.55 -9.48
C GLY A 33 -2.90 -5.48 -8.76
N ASN A 34 -3.79 -5.92 -7.87
CA ASN A 34 -4.56 -5.02 -7.04
C ASN A 34 -4.34 -5.38 -5.58
N ALA A 35 -5.01 -4.66 -4.71
CA ALA A 35 -4.75 -4.75 -3.27
C ALA A 35 -5.09 -6.12 -2.68
N ASN A 36 -6.08 -6.79 -3.26
CA ASN A 36 -6.50 -8.10 -2.75
C ASN A 36 -5.66 -9.22 -3.36
N ASN A 37 -4.84 -8.87 -4.33
CA ASN A 37 -3.99 -9.83 -5.02
C ASN A 37 -2.54 -9.59 -4.60
N TRP A 38 -2.38 -8.67 -3.67
CA TRP A 38 -1.07 -8.17 -3.26
C TRP A 38 -0.14 -9.27 -2.77
N ALA A 39 -0.47 -9.88 -1.64
CA ALA A 39 0.43 -10.86 -1.01
C ALA A 39 0.83 -11.97 -1.99
N ALA A 40 -0.09 -12.36 -2.86
CA ALA A 40 0.17 -13.39 -3.85
C ALA A 40 1.15 -12.90 -4.91
N ALA A 41 0.83 -11.76 -5.52
CA ALA A 41 1.67 -11.20 -6.58
C ALA A 41 3.01 -10.72 -6.03
N ALA A 42 2.99 -10.24 -4.79
CA ALA A 42 4.19 -9.82 -4.10
C ALA A 42 5.16 -10.98 -3.96
N GLN A 43 4.68 -12.12 -3.50
CA GLN A 43 5.51 -13.30 -3.37
C GLN A 43 5.87 -13.85 -4.75
N GLY A 44 4.98 -13.63 -5.72
CA GLY A 44 5.29 -13.97 -7.09
C GLY A 44 6.48 -13.19 -7.62
N ALA A 45 6.63 -11.97 -7.13
CA ALA A 45 7.78 -11.15 -7.48
C ALA A 45 8.97 -11.51 -6.59
N GLY A 46 8.69 -11.83 -5.34
CA GLY A 46 9.72 -12.26 -4.42
C GLY A 46 9.82 -11.40 -3.18
N PHE A 47 8.71 -10.80 -2.77
CA PHE A 47 8.70 -9.96 -1.57
C PHE A 47 8.49 -10.81 -0.32
N THR A 48 8.94 -10.31 0.80
CA THR A 48 8.73 -10.95 2.08
C THR A 48 7.49 -10.35 2.74
N VAL A 49 6.52 -11.18 3.10
CA VAL A 49 5.27 -10.66 3.63
C VAL A 49 4.69 -11.49 4.77
N ASN A 50 4.48 -10.82 5.90
CA ASN A 50 3.71 -11.35 7.00
C ASN A 50 2.62 -10.32 7.30
N HIS A 51 2.24 -10.14 8.55
CA HIS A 51 1.19 -9.16 8.84
C HIS A 51 1.50 -8.33 10.09
N THR A 52 2.39 -7.38 9.93
CA THR A 52 2.63 -6.34 10.93
C THR A 52 3.20 -5.08 10.25
N PRO A 53 2.41 -3.98 10.17
CA PRO A 53 2.82 -2.74 9.52
C PRO A 53 4.15 -2.20 10.07
N SER A 54 4.80 -1.35 9.27
CA SER A 54 6.12 -0.85 9.59
C SER A 54 6.44 0.37 8.74
N LYS A 55 7.22 1.29 9.30
CA LYS A 55 7.61 2.50 8.58
C LYS A 55 8.38 2.15 7.31
N GLY A 56 7.81 2.48 6.16
CA GLY A 56 8.45 2.21 4.90
C GLY A 56 7.82 1.05 4.15
N ALA A 57 6.86 0.40 4.79
CA ALA A 57 6.17 -0.73 4.17
C ALA A 57 4.75 -0.34 3.80
N ILE A 58 3.94 -1.31 3.39
CA ILE A 58 2.57 -1.03 2.97
C ILE A 58 1.59 -1.97 3.65
N LEU A 59 0.48 -1.42 4.10
CA LEU A 59 -0.57 -2.15 4.78
C LEU A 59 -1.51 -2.80 3.76
N GLN A 60 -1.87 -4.05 3.97
CA GLN A 60 -2.69 -4.76 2.99
C GLN A 60 -3.81 -5.58 3.65
N SER A 61 -5.01 -5.47 3.09
CA SER A 61 -6.15 -6.28 3.52
C SER A 61 -6.64 -7.10 2.34
N SER A 62 -7.09 -8.32 2.64
CA SER A 62 -7.54 -9.25 1.62
C SER A 62 -8.97 -8.91 1.21
N GLU A 63 -9.76 -8.46 2.16
CA GLU A 63 -11.14 -8.08 1.91
C GLU A 63 -11.22 -6.64 1.42
N GLY A 64 -12.35 -6.29 0.84
CA GLY A 64 -12.56 -4.95 0.32
C GLY A 64 -13.05 -4.98 -1.11
N PRO A 65 -13.20 -3.81 -1.76
CA PRO A 65 -13.67 -3.72 -3.14
C PRO A 65 -12.69 -4.36 -4.11
N PHE A 66 -11.42 -4.05 -3.88
CA PHE A 66 -10.33 -4.59 -4.67
C PHE A 66 -9.17 -4.90 -3.74
N GLY A 67 -9.51 -5.02 -2.46
CA GLY A 67 -8.51 -5.15 -1.43
C GLY A 67 -8.27 -3.83 -0.72
N HIS A 68 -7.23 -3.77 0.10
CA HIS A 68 -6.90 -2.55 0.81
C HIS A 68 -5.39 -2.41 0.97
N VAL A 69 -4.74 -1.59 0.15
CA VAL A 69 -3.35 -1.33 0.37
C VAL A 69 -3.10 0.15 0.69
N ALA A 70 -2.66 0.38 1.90
CA ALA A 70 -2.36 1.70 2.38
C ALA A 70 -0.89 1.79 2.75
N TYR A 71 -0.18 2.71 2.15
CA TYR A 71 1.25 2.80 2.40
C TYR A 71 1.50 3.28 3.82
N VAL A 72 2.37 2.57 4.52
CA VAL A 72 2.63 2.85 5.93
C VAL A 72 3.71 3.91 6.06
N GLU A 73 3.29 5.10 6.46
CA GLU A 73 4.21 6.22 6.62
C GLU A 73 5.12 5.99 7.81
N SER A 74 4.57 5.39 8.86
CA SER A 74 5.29 5.19 10.10
C SER A 74 4.36 4.58 11.16
N VAL A 75 4.92 3.78 12.04
CA VAL A 75 4.17 3.27 13.19
C VAL A 75 4.51 4.11 14.41
N ASN A 76 3.50 4.59 15.11
CA ASN A 76 3.70 5.50 16.23
C ASN A 76 4.31 4.77 17.43
N SER A 77 4.70 5.55 18.43
CA SER A 77 5.39 5.00 19.60
C SER A 77 4.44 4.21 20.48
N ASP A 78 3.15 4.55 20.41
CA ASP A 78 2.15 3.89 21.24
C ASP A 78 1.69 2.58 20.62
N GLY A 79 1.81 2.46 19.30
CA GLY A 79 1.36 1.25 18.64
C GLY A 79 0.46 1.55 17.45
N SER A 80 -0.18 2.71 17.47
CA SER A 80 -1.02 3.12 16.35
C SER A 80 -0.17 3.39 15.12
N VAL A 81 -0.70 3.05 13.96
CA VAL A 81 0.05 3.16 12.73
C VAL A 81 -0.50 4.28 11.85
N THR A 82 0.39 5.15 11.39
CA THR A 82 0.03 6.22 10.49
C THR A 82 0.25 5.77 9.04
N ILE A 83 -0.83 5.63 8.30
CA ILE A 83 -0.75 5.21 6.91
C ILE A 83 -1.24 6.32 5.99
N SER A 84 -1.00 6.16 4.70
CA SER A 84 -1.49 7.11 3.71
C SER A 84 -1.95 6.35 2.47
N GLU A 85 -3.23 6.45 2.18
CA GLU A 85 -3.83 5.76 1.04
C GLU A 85 -4.68 6.73 0.21
N MET A 86 -4.25 7.01 -1.00
CA MET A 86 -4.96 7.93 -1.86
C MET A 86 -6.12 7.25 -2.57
N ASN A 87 -7.30 7.87 -2.46
CA ASN A 87 -8.51 7.45 -3.18
C ASN A 87 -9.13 6.20 -2.57
N TYR A 88 -8.44 5.06 -2.68
CA TYR A 88 -8.98 3.77 -2.22
C TYR A 88 -10.28 3.43 -2.98
N SER A 89 -10.34 3.90 -4.23
CA SER A 89 -11.50 3.68 -5.10
C SER A 89 -12.77 4.32 -4.52
N GLY A 90 -12.64 5.54 -4.05
CA GLY A 90 -13.77 6.27 -3.53
C GLY A 90 -13.89 7.65 -4.17
N GLY A 91 -12.84 8.42 -4.03
CA GLY A 91 -12.77 9.72 -4.69
C GLY A 91 -11.36 10.00 -5.17
N PRO A 92 -11.15 10.03 -6.50
CA PRO A 92 -9.83 10.22 -7.09
C PRO A 92 -8.97 11.28 -6.39
N PHE A 93 -7.85 10.82 -5.84
CA PHE A 93 -6.86 11.67 -5.18
C PHE A 93 -7.24 12.09 -3.77
N SER A 94 -8.33 11.56 -3.22
CA SER A 94 -8.61 11.79 -1.81
C SER A 94 -7.63 10.98 -0.98
N VAL A 95 -6.49 11.57 -0.66
CA VAL A 95 -5.52 10.90 0.17
C VAL A 95 -6.14 10.64 1.56
N SER A 96 -6.64 9.42 1.71
CA SER A 96 -7.47 9.08 2.85
C SER A 96 -6.61 8.79 4.08
N SER A 97 -7.10 9.25 5.22
CA SER A 97 -6.38 9.08 6.48
C SER A 97 -7.03 8.02 7.35
N ARG A 98 -6.25 7.02 7.74
CA ARG A 98 -6.70 5.99 8.66
C ARG A 98 -5.67 5.77 9.76
N THR A 99 -6.14 5.73 10.99
CA THR A 99 -5.26 5.46 12.12
C THR A 99 -5.37 4.00 12.52
N ILE A 100 -4.45 3.18 12.04
CA ILE A 100 -4.48 1.75 12.29
C ILE A 100 -4.05 1.45 13.71
N SER A 101 -4.98 1.02 14.54
CA SER A 101 -4.63 0.58 15.88
C SER A 101 -4.04 -0.83 15.79
N ALA A 102 -3.31 -1.24 16.84
CA ALA A 102 -2.72 -2.57 16.87
C ALA A 102 -3.78 -3.66 16.63
N SER A 103 -5.00 -3.38 17.04
CA SER A 103 -6.12 -4.30 16.83
C SER A 103 -6.30 -4.59 15.34
N GLU A 104 -6.22 -3.54 14.52
CA GLU A 104 -6.34 -3.70 13.08
C GLU A 104 -4.99 -4.05 12.46
N ALA A 105 -3.91 -3.62 13.12
CA ALA A 105 -2.57 -3.87 12.63
C ALA A 105 -2.30 -5.36 12.46
N GLY A 106 -2.82 -6.16 13.39
CA GLY A 106 -2.68 -7.60 13.31
C GLY A 106 -3.58 -8.21 12.24
N ASN A 107 -4.47 -7.39 11.69
CA ASN A 107 -5.41 -7.84 10.66
C ASN A 107 -4.81 -7.71 9.27
N TYR A 108 -4.05 -6.64 9.07
CA TYR A 108 -3.51 -6.34 7.77
C TYR A 108 -2.16 -7.00 7.53
N ASN A 109 -1.96 -7.49 6.32
CA ASN A 109 -0.67 -8.02 5.90
C ASN A 109 0.19 -6.87 5.42
N TYR A 110 1.46 -7.15 5.14
CA TYR A 110 2.32 -6.14 4.54
C TYR A 110 3.45 -6.80 3.77
N ILE A 111 3.70 -6.34 2.56
CA ILE A 111 4.77 -6.90 1.75
C ILE A 111 5.99 -5.99 1.85
N HIS A 112 7.11 -6.58 2.20
CA HIS A 112 8.33 -5.81 2.33
C HIS A 112 9.46 -6.52 1.59
N ILE A 113 10.44 -5.75 1.14
CA ILE A 113 11.51 -6.28 0.30
C ILE A 113 12.44 -7.15 1.14
N GLY A 1 7.28 9.72 -18.85
CA GLY A 1 7.47 9.81 -20.32
C GLY A 1 7.93 11.18 -20.74
N SER A 2 8.95 11.23 -21.59
CA SER A 2 9.57 12.48 -22.01
C SER A 2 8.65 13.29 -22.92
N SER A 3 7.69 12.62 -23.56
CA SER A 3 6.73 13.30 -24.43
C SER A 3 5.67 14.00 -23.60
N ILE A 4 5.72 13.79 -22.29
CA ILE A 4 4.78 14.39 -21.35
C ILE A 4 3.33 14.08 -21.73
N SER A 5 2.93 12.86 -21.47
CA SER A 5 1.55 12.43 -21.66
C SER A 5 1.00 11.93 -20.34
N HIS A 6 1.76 11.05 -19.71
CA HIS A 6 1.51 10.63 -18.36
C HIS A 6 2.81 10.68 -17.57
N SER A 7 2.76 11.33 -16.42
CA SER A 7 3.95 11.47 -15.60
C SER A 7 3.79 10.67 -14.31
N GLY A 8 4.86 10.05 -13.86
CA GLY A 8 4.84 9.34 -12.59
C GLY A 8 5.14 7.87 -12.74
N ASN A 9 4.16 7.03 -12.45
CA ASN A 9 4.33 5.59 -12.53
C ASN A 9 3.40 4.99 -13.58
N LEU A 10 3.13 3.69 -13.48
CA LEU A 10 2.36 2.98 -14.51
C LEU A 10 0.86 3.19 -14.36
N TYR A 11 0.39 3.43 -13.15
CA TYR A 11 -1.04 3.43 -12.87
C TYR A 11 -1.68 4.77 -13.25
N THR A 12 -2.94 4.94 -12.87
CA THR A 12 -3.73 6.09 -13.29
C THR A 12 -3.25 7.39 -12.61
N ALA A 13 -3.93 7.76 -11.53
CA ALA A 13 -3.65 8.98 -10.80
C ALA A 13 -4.60 9.08 -9.62
N GLY A 14 -4.05 9.16 -8.42
CA GLY A 14 -4.87 9.17 -7.24
C GLY A 14 -5.57 7.84 -7.06
N GLN A 15 -4.81 6.77 -7.10
CA GLN A 15 -5.35 5.43 -6.90
C GLN A 15 -4.72 4.79 -5.67
N CYS A 16 -5.40 3.80 -5.12
CA CYS A 16 -4.93 3.12 -3.92
C CYS A 16 -3.56 2.47 -4.15
N THR A 17 -3.38 1.87 -5.33
CA THR A 17 -2.14 1.20 -5.64
C THR A 17 -1.19 2.13 -6.40
N TRP A 18 -1.67 3.34 -6.65
CA TRP A 18 -0.90 4.34 -7.37
C TRP A 18 -0.05 5.14 -6.39
N TYR A 19 -0.68 5.67 -5.35
CA TYR A 19 0.01 6.47 -4.35
C TYR A 19 1.11 5.66 -3.69
N VAL A 20 0.80 4.41 -3.37
CA VAL A 20 1.76 3.50 -2.79
C VAL A 20 3.00 3.35 -3.67
N TYR A 21 2.77 3.02 -4.94
CA TYR A 21 3.87 2.75 -5.86
C TYR A 21 4.70 4.01 -6.11
N ASP A 22 4.04 5.15 -6.10
CA ASP A 22 4.71 6.43 -6.32
C ASP A 22 5.57 6.78 -5.11
N LYS A 23 5.04 6.55 -3.91
CA LYS A 23 5.76 6.82 -2.68
C LYS A 23 6.97 5.91 -2.50
N VAL A 24 6.86 4.67 -2.98
CA VAL A 24 7.97 3.73 -2.84
C VAL A 24 8.99 3.90 -3.97
N GLY A 25 8.69 4.81 -4.91
CA GLY A 25 9.62 5.10 -5.98
C GLY A 25 9.63 4.02 -7.04
N GLY A 26 8.81 3.01 -6.87
CA GLY A 26 8.73 1.94 -7.84
C GLY A 26 9.69 0.80 -7.53
N GLU A 27 10.43 0.90 -6.43
CA GLU A 27 11.38 -0.14 -6.07
C GLU A 27 10.67 -1.43 -5.67
N ILE A 28 9.41 -1.29 -5.25
CA ILE A 28 8.60 -2.45 -4.90
C ILE A 28 7.26 -2.39 -5.63
N GLY A 29 6.83 -3.52 -6.18
CA GLY A 29 5.50 -3.62 -6.71
C GLY A 29 5.42 -3.65 -8.22
N SER A 30 4.42 -2.94 -8.76
CA SER A 30 4.10 -2.87 -10.20
C SER A 30 3.46 -4.15 -10.71
N THR A 31 3.95 -5.29 -10.26
CA THR A 31 3.42 -6.58 -10.68
C THR A 31 2.47 -7.16 -9.64
N TRP A 32 2.10 -6.33 -8.66
CA TRP A 32 1.29 -6.80 -7.54
C TRP A 32 -0.20 -6.78 -7.87
N GLY A 33 -0.55 -6.35 -9.08
CA GLY A 33 -1.95 -6.26 -9.47
C GLY A 33 -2.68 -5.15 -8.75
N ASN A 34 -3.67 -5.53 -7.96
CA ASN A 34 -4.43 -4.57 -7.17
C ASN A 34 -4.39 -4.97 -5.70
N ALA A 35 -5.00 -4.14 -4.86
CA ALA A 35 -4.85 -4.26 -3.40
C ALA A 35 -5.33 -5.60 -2.85
N ASN A 36 -6.26 -6.25 -3.54
CA ASN A 36 -6.83 -7.50 -3.06
C ASN A 36 -5.91 -8.68 -3.35
N ASN A 37 -5.29 -8.68 -4.52
CA ASN A 37 -4.43 -9.77 -4.91
C ASN A 37 -2.98 -9.48 -4.59
N TRP A 38 -2.76 -8.43 -3.79
CA TRP A 38 -1.43 -7.98 -3.41
C TRP A 38 -0.57 -9.11 -2.89
N ALA A 39 -0.96 -9.69 -1.75
CA ALA A 39 -0.16 -10.70 -1.08
C ALA A 39 0.28 -11.80 -2.06
N ALA A 40 -0.64 -12.22 -2.91
CA ALA A 40 -0.37 -13.28 -3.87
C ALA A 40 0.62 -12.81 -4.96
N ALA A 41 0.38 -11.61 -5.49
CA ALA A 41 1.22 -11.06 -6.54
C ALA A 41 2.58 -10.64 -6.00
N ALA A 42 2.57 -10.06 -4.80
CA ALA A 42 3.77 -9.67 -4.10
C ALA A 42 4.68 -10.86 -3.90
N GLN A 43 4.11 -11.96 -3.40
CA GLN A 43 4.88 -13.19 -3.19
C GLN A 43 5.35 -13.78 -4.51
N GLY A 44 4.61 -13.49 -5.58
CA GLY A 44 5.04 -13.91 -6.91
C GLY A 44 6.30 -13.17 -7.34
N ALA A 45 6.40 -11.91 -6.95
CA ALA A 45 7.58 -11.11 -7.23
C ALA A 45 8.72 -11.51 -6.28
N GLY A 46 8.35 -12.02 -5.12
CA GLY A 46 9.34 -12.49 -4.17
C GLY A 46 9.21 -11.85 -2.80
N PHE A 47 8.16 -11.07 -2.61
CA PHE A 47 7.94 -10.37 -1.35
C PHE A 47 7.56 -11.35 -0.24
N THR A 48 7.85 -10.97 0.99
CA THR A 48 7.46 -11.77 2.15
C THR A 48 6.41 -11.00 2.95
N VAL A 49 5.22 -11.55 3.05
CA VAL A 49 4.10 -10.78 3.60
C VAL A 49 3.91 -10.99 5.10
N ASN A 50 2.96 -10.22 5.65
CA ASN A 50 2.38 -10.43 6.98
C ASN A 50 3.02 -9.59 8.06
N HIS A 51 4.16 -8.96 7.76
CA HIS A 51 5.04 -8.39 8.78
C HIS A 51 4.33 -7.42 9.73
N THR A 52 3.10 -7.06 9.43
CA THR A 52 2.42 -6.03 10.19
C THR A 52 3.01 -4.64 9.85
N PRO A 53 2.15 -3.63 9.68
CA PRO A 53 2.55 -2.29 9.20
C PRO A 53 3.72 -1.67 9.99
N SER A 54 4.53 -0.88 9.29
CA SER A 54 5.69 -0.25 9.87
C SER A 54 6.17 0.87 8.93
N LYS A 55 7.02 1.75 9.43
CA LYS A 55 7.48 2.91 8.67
C LYS A 55 8.17 2.49 7.38
N GLY A 56 7.73 3.09 6.27
CA GLY A 56 8.34 2.83 4.98
C GLY A 56 7.87 1.52 4.38
N ALA A 57 6.58 1.28 4.46
CA ALA A 57 6.00 0.03 3.99
C ALA A 57 4.59 0.24 3.49
N ILE A 58 3.83 -0.84 3.36
CA ILE A 58 2.46 -0.75 2.89
C ILE A 58 1.55 -1.67 3.69
N LEU A 59 0.27 -1.32 3.69
CA LEU A 59 -0.77 -2.12 4.32
C LEU A 59 -1.34 -3.09 3.29
N GLN A 60 -2.04 -4.13 3.76
CA GLN A 60 -2.70 -5.05 2.84
C GLN A 60 -3.73 -5.90 3.56
N SER A 61 -4.86 -6.06 2.90
CA SER A 61 -5.93 -6.92 3.35
C SER A 61 -6.78 -7.34 2.17
N SER A 62 -7.17 -8.60 2.13
CA SER A 62 -7.97 -9.11 1.03
C SER A 62 -9.44 -9.08 1.40
N GLU A 63 -9.73 -8.46 2.54
CA GLU A 63 -11.09 -8.37 3.07
C GLU A 63 -11.89 -7.26 2.38
N GLY A 64 -11.97 -7.32 1.06
CA GLY A 64 -12.69 -6.31 0.32
C GLY A 64 -12.73 -6.61 -1.16
N PRO A 65 -13.57 -5.88 -1.91
CA PRO A 65 -13.71 -6.09 -3.36
C PRO A 65 -12.42 -5.81 -4.12
N PHE A 66 -11.74 -4.75 -3.72
CA PHE A 66 -10.48 -4.38 -4.36
C PHE A 66 -9.33 -4.43 -3.37
N GLY A 67 -9.55 -5.09 -2.24
CA GLY A 67 -8.51 -5.23 -1.24
C GLY A 67 -8.34 -3.98 -0.38
N HIS A 68 -7.26 -3.94 0.39
CA HIS A 68 -6.98 -2.81 1.28
C HIS A 68 -5.48 -2.53 1.34
N VAL A 69 -4.93 -1.78 0.40
CA VAL A 69 -3.54 -1.38 0.53
C VAL A 69 -3.42 0.12 0.65
N ALA A 70 -2.67 0.52 1.66
CA ALA A 70 -2.37 1.92 1.89
C ALA A 70 -0.92 2.03 2.33
N TYR A 71 -0.21 2.99 1.78
CA TYR A 71 1.20 3.10 2.04
C TYR A 71 1.44 3.57 3.47
N VAL A 72 2.22 2.79 4.21
CA VAL A 72 2.47 3.06 5.61
C VAL A 72 3.62 4.02 5.77
N GLU A 73 3.33 5.18 6.32
CA GLU A 73 4.35 6.18 6.56
C GLU A 73 5.16 5.81 7.80
N SER A 74 4.46 5.42 8.87
CA SER A 74 5.09 5.10 10.14
C SER A 74 4.09 4.47 11.11
N VAL A 75 4.60 3.63 12.01
CA VAL A 75 3.79 3.14 13.12
C VAL A 75 4.09 4.00 14.35
N ASN A 76 3.04 4.47 15.01
CA ASN A 76 3.20 5.40 16.12
C ASN A 76 3.59 4.66 17.39
N SER A 77 4.14 5.38 18.34
CA SER A 77 4.54 4.80 19.61
C SER A 77 3.30 4.49 20.44
N ASP A 78 2.17 5.03 20.00
CA ASP A 78 0.88 4.79 20.64
C ASP A 78 0.44 3.35 20.45
N GLY A 79 1.00 2.69 19.45
CA GLY A 79 0.59 1.34 19.12
C GLY A 79 -0.27 1.30 17.88
N SER A 80 -0.58 2.48 17.36
CA SER A 80 -1.39 2.59 16.17
C SER A 80 -0.53 2.98 14.98
N VAL A 81 -0.96 2.59 13.79
CA VAL A 81 -0.20 2.84 12.58
C VAL A 81 -0.85 3.94 11.74
N THR A 82 -0.01 4.84 11.23
CA THR A 82 -0.49 5.90 10.36
C THR A 82 -0.20 5.56 8.90
N ILE A 83 -1.25 5.28 8.15
CA ILE A 83 -1.11 4.96 6.74
C ILE A 83 -1.57 6.13 5.89
N SER A 84 -1.04 6.22 4.69
CA SER A 84 -1.44 7.23 3.75
C SER A 84 -1.93 6.58 2.47
N GLU A 85 -3.19 6.86 2.14
CA GLU A 85 -3.81 6.28 0.96
C GLU A 85 -4.56 7.34 0.17
N MET A 86 -4.12 7.57 -1.05
CA MET A 86 -4.77 8.54 -1.91
C MET A 86 -5.99 7.92 -2.59
N ASN A 87 -7.15 8.45 -2.27
CA ASN A 87 -8.43 8.04 -2.87
C ASN A 87 -8.89 6.69 -2.36
N TYR A 88 -8.21 5.63 -2.80
CA TYR A 88 -8.61 4.27 -2.47
C TYR A 88 -10.09 4.03 -2.79
N SER A 89 -10.42 4.03 -4.08
CA SER A 89 -11.76 3.68 -4.56
C SER A 89 -12.85 4.57 -3.94
N GLY A 90 -12.51 5.82 -3.67
CA GLY A 90 -13.46 6.72 -3.05
C GLY A 90 -13.44 8.10 -3.69
N GLY A 91 -12.93 9.07 -2.95
CA GLY A 91 -12.88 10.42 -3.46
C GLY A 91 -11.58 10.72 -4.18
N PRO A 92 -11.65 11.37 -5.36
CA PRO A 92 -10.47 11.69 -6.17
C PRO A 92 -9.39 12.42 -5.38
N PHE A 93 -8.22 11.79 -5.32
CA PHE A 93 -7.03 12.38 -4.69
C PHE A 93 -7.22 12.67 -3.19
N SER A 94 -8.10 11.94 -2.54
CA SER A 94 -8.17 12.04 -1.09
C SER A 94 -6.98 11.33 -0.48
N VAL A 95 -5.85 12.00 -0.41
CA VAL A 95 -4.70 11.46 0.30
C VAL A 95 -5.05 11.35 1.78
N SER A 96 -5.69 10.25 2.11
CA SER A 96 -6.28 10.07 3.42
C SER A 96 -5.30 9.39 4.35
N SER A 97 -5.62 9.43 5.63
CA SER A 97 -4.77 8.85 6.65
C SER A 97 -5.61 8.13 7.71
N ARG A 98 -5.59 6.81 7.66
CA ARG A 98 -6.32 6.00 8.61
C ARG A 98 -5.37 5.55 9.72
N THR A 99 -5.89 5.42 10.93
CA THR A 99 -5.07 5.04 12.06
C THR A 99 -5.41 3.62 12.50
N ILE A 100 -4.51 2.69 12.24
CA ILE A 100 -4.74 1.29 12.54
C ILE A 100 -4.25 0.95 13.95
N SER A 101 -5.18 0.62 14.82
CA SER A 101 -4.83 0.16 16.16
C SER A 101 -4.14 -1.20 16.09
N ALA A 102 -3.36 -1.53 17.11
CA ALA A 102 -2.55 -2.75 17.12
C ALA A 102 -3.37 -4.01 16.82
N SER A 103 -4.59 -4.06 17.34
CA SER A 103 -5.47 -5.21 17.12
C SER A 103 -5.70 -5.44 15.63
N GLU A 104 -5.85 -4.35 14.87
CA GLU A 104 -6.05 -4.45 13.44
C GLU A 104 -4.71 -4.51 12.72
N ALA A 105 -3.66 -4.02 13.38
CA ALA A 105 -2.32 -4.04 12.81
C ALA A 105 -1.87 -5.48 12.60
N GLY A 106 -2.31 -6.36 13.50
CA GLY A 106 -2.03 -7.78 13.35
C GLY A 106 -3.02 -8.47 12.42
N ASN A 107 -3.60 -7.70 11.51
CA ASN A 107 -4.55 -8.23 10.53
C ASN A 107 -4.08 -7.91 9.11
N TYR A 108 -3.19 -6.94 9.00
CA TYR A 108 -2.76 -6.45 7.69
C TYR A 108 -1.40 -7.02 7.30
N ASN A 109 -1.24 -7.32 6.02
CA ASN A 109 -0.03 -7.95 5.52
C ASN A 109 0.98 -6.91 5.03
N TYR A 110 2.12 -6.85 5.69
CA TYR A 110 3.23 -6.02 5.26
C TYR A 110 4.05 -6.83 4.27
N ILE A 111 4.17 -6.35 3.04
CA ILE A 111 4.91 -7.11 2.04
C ILE A 111 6.37 -6.66 2.02
N HIS A 112 7.23 -7.56 2.46
CA HIS A 112 8.67 -7.34 2.48
C HIS A 112 9.22 -7.19 1.06
N ILE A 113 10.47 -6.79 0.97
CA ILE A 113 11.13 -6.64 -0.31
C ILE A 113 12.20 -7.70 -0.47
N GLY A 1 2.03 16.18 -9.38
CA GLY A 1 2.00 17.64 -9.11
C GLY A 1 3.34 18.28 -9.31
N SER A 2 3.34 19.57 -9.63
CA SER A 2 4.56 20.33 -9.91
C SER A 2 5.38 19.68 -11.02
N SER A 3 6.43 18.96 -10.64
CA SER A 3 7.30 18.32 -11.61
C SER A 3 6.89 16.87 -11.87
N ILE A 4 6.11 16.33 -10.95
CA ILE A 4 5.67 14.95 -11.03
C ILE A 4 4.61 14.79 -12.11
N SER A 5 5.06 14.46 -13.31
CA SER A 5 4.18 14.19 -14.43
C SER A 5 4.86 13.18 -15.35
N HIS A 6 6.11 13.46 -15.69
CA HIS A 6 6.94 12.51 -16.43
C HIS A 6 7.44 11.40 -15.51
N SER A 7 6.88 11.37 -14.31
CA SER A 7 7.24 10.39 -13.30
C SER A 7 6.13 9.34 -13.19
N GLY A 8 5.45 9.11 -14.30
CA GLY A 8 4.32 8.21 -14.32
C GLY A 8 4.68 6.77 -14.00
N ASN A 9 3.87 6.16 -13.14
CA ASN A 9 4.09 4.78 -12.73
C ASN A 9 3.44 3.83 -13.73
N LEU A 10 3.41 2.55 -13.39
CA LEU A 10 2.72 1.55 -14.19
C LEU A 10 1.21 1.62 -13.93
N TYR A 11 0.79 2.70 -13.29
CA TYR A 11 -0.59 2.83 -12.85
C TYR A 11 -1.22 4.08 -13.43
N THR A 12 -2.39 4.42 -12.89
CA THR A 12 -3.17 5.55 -13.35
C THR A 12 -2.71 6.81 -12.62
N ALA A 13 -3.61 7.78 -12.46
CA ALA A 13 -3.31 8.97 -11.71
C ALA A 13 -4.23 9.09 -10.52
N GLY A 14 -3.75 8.67 -9.36
CA GLY A 14 -4.57 8.70 -8.18
C GLY A 14 -5.27 7.39 -7.92
N GLN A 15 -4.49 6.32 -7.82
CA GLN A 15 -5.03 5.03 -7.43
C GLN A 15 -4.56 4.66 -6.03
N CYS A 16 -5.29 3.78 -5.36
CA CYS A 16 -4.92 3.32 -4.03
C CYS A 16 -3.55 2.65 -4.07
N THR A 17 -3.38 1.78 -5.06
CA THR A 17 -2.13 1.06 -5.23
C THR A 17 -1.09 1.93 -5.93
N TRP A 18 -1.55 2.98 -6.61
CA TRP A 18 -0.68 3.93 -7.28
C TRP A 18 0.10 4.75 -6.27
N TYR A 19 -0.60 5.32 -5.29
CA TYR A 19 0.05 6.14 -4.26
C TYR A 19 1.10 5.30 -3.54
N VAL A 20 0.75 4.05 -3.26
CA VAL A 20 1.69 3.11 -2.67
C VAL A 20 2.93 2.97 -3.53
N TYR A 21 2.73 2.64 -4.79
CA TYR A 21 3.84 2.38 -5.72
C TYR A 21 4.72 3.62 -5.88
N ASP A 22 4.10 4.80 -5.88
CA ASP A 22 4.83 6.04 -6.06
C ASP A 22 5.69 6.35 -4.83
N LYS A 23 5.13 6.13 -3.65
CA LYS A 23 5.80 6.45 -2.40
C LYS A 23 6.93 5.47 -2.07
N VAL A 24 6.83 4.25 -2.60
CA VAL A 24 7.87 3.26 -2.37
C VAL A 24 8.97 3.36 -3.44
N GLY A 25 8.91 4.44 -4.22
CA GLY A 25 9.94 4.70 -5.20
C GLY A 25 9.70 4.00 -6.52
N GLY A 26 8.71 3.11 -6.54
CA GLY A 26 8.44 2.34 -7.74
C GLY A 26 9.40 1.18 -7.90
N GLU A 27 10.06 0.80 -6.81
CA GLU A 27 11.02 -0.29 -6.84
C GLU A 27 10.34 -1.60 -6.46
N ILE A 28 9.19 -1.50 -5.79
CA ILE A 28 8.47 -2.67 -5.34
C ILE A 28 7.04 -2.67 -5.85
N GLY A 29 6.63 -3.77 -6.46
CA GLY A 29 5.23 -4.00 -6.73
C GLY A 29 4.78 -3.55 -8.11
N SER A 30 5.55 -3.90 -9.13
CA SER A 30 5.17 -3.53 -10.49
C SER A 30 4.19 -4.56 -11.04
N THR A 31 4.14 -5.72 -10.40
CA THR A 31 3.32 -6.81 -10.87
C THR A 31 2.50 -7.43 -9.73
N TRP A 32 2.05 -6.58 -8.79
CA TRP A 32 1.24 -7.08 -7.68
C TRP A 32 -0.24 -7.15 -8.05
N GLY A 33 -0.57 -6.63 -9.22
CA GLY A 33 -1.95 -6.63 -9.66
C GLY A 33 -2.71 -5.46 -9.10
N ASN A 34 -3.57 -5.76 -8.13
CA ASN A 34 -4.26 -4.76 -7.35
C ASN A 34 -4.29 -5.19 -5.91
N ALA A 35 -4.89 -4.38 -5.05
CA ALA A 35 -4.86 -4.59 -3.61
C ALA A 35 -5.34 -6.00 -3.20
N ASN A 36 -6.33 -6.53 -3.90
CA ASN A 36 -6.90 -7.84 -3.55
C ASN A 36 -5.87 -8.96 -3.68
N ASN A 37 -5.03 -8.87 -4.70
CA ASN A 37 -4.11 -9.95 -5.04
C ASN A 37 -2.72 -9.65 -4.49
N TRP A 38 -2.64 -8.62 -3.64
CA TRP A 38 -1.37 -8.11 -3.15
C TRP A 38 -0.48 -9.18 -2.51
N ALA A 39 -0.96 -9.77 -1.43
CA ALA A 39 -0.12 -10.69 -0.66
C ALA A 39 0.34 -11.87 -1.50
N ALA A 40 -0.49 -12.26 -2.46
CA ALA A 40 -0.15 -13.34 -3.38
C ALA A 40 0.83 -12.88 -4.44
N ALA A 41 0.49 -11.79 -5.13
CA ALA A 41 1.30 -11.27 -6.22
C ALA A 41 2.67 -10.80 -5.73
N ALA A 42 2.69 -10.30 -4.50
CA ALA A 42 3.94 -9.87 -3.87
C ALA A 42 4.89 -11.05 -3.72
N GLN A 43 4.36 -12.19 -3.32
CA GLN A 43 5.17 -13.40 -3.17
C GLN A 43 5.64 -13.88 -4.54
N GLY A 44 4.78 -13.73 -5.54
CA GLY A 44 5.14 -14.07 -6.91
C GLY A 44 6.22 -13.15 -7.45
N ALA A 45 6.30 -11.94 -6.90
CA ALA A 45 7.31 -10.98 -7.28
C ALA A 45 8.57 -11.16 -6.44
N GLY A 46 8.43 -11.87 -5.33
CA GLY A 46 9.57 -12.17 -4.49
C GLY A 46 9.74 -11.21 -3.34
N PHE A 47 8.64 -10.76 -2.74
CA PHE A 47 8.71 -9.90 -1.58
C PHE A 47 8.60 -10.72 -0.30
N THR A 48 9.21 -10.22 0.76
CA THR A 48 9.10 -10.84 2.06
C THR A 48 7.86 -10.31 2.77
N VAL A 49 6.75 -11.01 2.63
CA VAL A 49 5.52 -10.55 3.23
C VAL A 49 5.33 -11.19 4.60
N ASN A 50 4.94 -10.36 5.56
CA ASN A 50 4.60 -10.81 6.88
C ASN A 50 3.53 -9.86 7.39
N HIS A 51 3.51 -9.58 8.68
CA HIS A 51 2.49 -8.70 9.21
C HIS A 51 2.96 -7.94 10.45
N THR A 52 3.72 -6.89 10.19
CA THR A 52 4.14 -5.95 11.22
C THR A 52 4.39 -4.58 10.59
N PRO A 53 3.36 -3.70 10.60
CA PRO A 53 3.44 -2.36 9.97
C PRO A 53 4.59 -1.50 10.47
N SER A 54 5.01 -0.57 9.62
CA SER A 54 6.16 0.29 9.89
C SER A 54 6.39 1.19 8.68
N LYS A 55 7.19 2.24 8.84
CA LYS A 55 7.46 3.15 7.73
C LYS A 55 8.15 2.40 6.59
N GLY A 56 7.66 2.62 5.37
CA GLY A 56 8.21 1.93 4.23
C GLY A 56 7.50 0.64 3.94
N ALA A 57 6.37 0.45 4.60
CA ALA A 57 5.54 -0.73 4.40
C ALA A 57 4.19 -0.32 3.85
N ILE A 58 3.33 -1.29 3.58
CA ILE A 58 1.99 -1.01 3.08
C ILE A 58 0.98 -1.93 3.76
N LEU A 59 -0.06 -1.34 4.31
CA LEU A 59 -1.04 -2.08 5.09
C LEU A 59 -2.12 -2.67 4.19
N GLN A 60 -2.32 -3.99 4.28
CA GLN A 60 -3.27 -4.70 3.41
C GLN A 60 -4.47 -5.25 4.16
N SER A 61 -5.64 -5.05 3.59
CA SER A 61 -6.86 -5.70 4.02
C SER A 61 -7.57 -6.25 2.79
N SER A 62 -8.19 -7.42 2.92
CA SER A 62 -8.81 -8.07 1.77
C SER A 62 -10.18 -7.47 1.44
N GLU A 63 -10.58 -6.44 2.18
CA GLU A 63 -11.88 -5.82 1.96
C GLU A 63 -11.74 -4.44 1.33
N GLY A 64 -12.65 -4.14 0.41
CA GLY A 64 -12.63 -2.87 -0.28
C GLY A 64 -13.26 -2.97 -1.65
N PRO A 65 -12.73 -2.23 -2.64
CA PRO A 65 -13.18 -2.35 -4.03
C PRO A 65 -12.55 -3.58 -4.66
N PHE A 66 -11.24 -3.65 -4.54
CA PHE A 66 -10.49 -4.85 -4.86
C PHE A 66 -9.93 -5.39 -3.55
N GLY A 67 -9.13 -4.56 -2.93
CA GLY A 67 -8.59 -4.85 -1.61
C GLY A 67 -8.39 -3.56 -0.86
N HIS A 68 -7.39 -3.51 0.00
CA HIS A 68 -7.12 -2.33 0.79
C HIS A 68 -5.65 -2.22 1.11
N VAL A 69 -4.89 -1.54 0.27
CA VAL A 69 -3.49 -1.32 0.59
C VAL A 69 -3.21 0.17 0.77
N ALA A 70 -2.93 0.52 2.00
CA ALA A 70 -2.58 1.88 2.34
C ALA A 70 -1.12 1.95 2.70
N TYR A 71 -0.41 2.87 2.08
CA TYR A 71 1.03 2.98 2.30
C TYR A 71 1.29 3.51 3.70
N VAL A 72 2.12 2.77 4.43
CA VAL A 72 2.39 3.08 5.82
C VAL A 72 3.39 4.22 5.94
N GLU A 73 2.95 5.31 6.54
CA GLU A 73 3.79 6.47 6.72
C GLU A 73 4.66 6.29 7.95
N SER A 74 4.05 5.78 9.03
CA SER A 74 4.75 5.60 10.30
C SER A 74 3.88 4.78 11.26
N VAL A 75 4.51 3.87 11.99
CA VAL A 75 3.84 3.22 13.11
C VAL A 75 4.16 3.99 14.38
N ASN A 76 3.13 4.44 15.07
CA ASN A 76 3.32 5.32 16.23
C ASN A 76 3.70 4.52 17.46
N SER A 77 4.30 5.20 18.43
CA SER A 77 4.65 4.59 19.71
C SER A 77 3.40 4.08 20.43
N ASP A 78 2.24 4.63 20.05
CA ASP A 78 0.95 4.19 20.57
C ASP A 78 0.64 2.76 20.13
N GLY A 79 1.37 2.28 19.13
CA GLY A 79 1.06 1.00 18.55
C GLY A 79 0.14 1.17 17.36
N SER A 80 -0.53 2.30 17.32
CA SER A 80 -1.42 2.64 16.23
C SER A 80 -0.60 3.09 15.02
N VAL A 81 -1.04 2.66 13.85
CA VAL A 81 -0.27 2.87 12.64
C VAL A 81 -0.89 3.93 11.75
N THR A 82 -0.08 4.90 11.38
CA THR A 82 -0.51 5.97 10.48
C THR A 82 -0.25 5.58 9.03
N ILE A 83 -1.33 5.42 8.27
CA ILE A 83 -1.24 5.03 6.87
C ILE A 83 -2.06 5.96 5.99
N SER A 84 -1.67 6.09 4.74
CA SER A 84 -2.39 6.93 3.80
C SER A 84 -2.56 6.25 2.46
N GLU A 85 -3.76 6.37 1.89
CA GLU A 85 -4.08 5.76 0.61
C GLU A 85 -4.90 6.73 -0.24
N MET A 86 -4.30 7.21 -1.33
CA MET A 86 -4.98 8.15 -2.22
C MET A 86 -6.10 7.48 -2.98
N ASN A 87 -7.23 8.17 -3.05
CA ASN A 87 -8.41 7.74 -3.80
C ASN A 87 -9.07 6.51 -3.17
N TYR A 88 -8.34 5.39 -3.15
CA TYR A 88 -8.89 4.13 -2.65
C TYR A 88 -10.12 3.73 -3.47
N SER A 89 -10.10 4.11 -4.75
CA SER A 89 -11.21 3.84 -5.67
C SER A 89 -12.50 4.48 -5.16
N GLY A 90 -12.53 5.80 -5.14
CA GLY A 90 -13.68 6.53 -4.66
C GLY A 90 -13.56 8.02 -4.88
N GLY A 91 -12.63 8.64 -4.17
CA GLY A 91 -12.39 10.06 -4.34
C GLY A 91 -11.02 10.33 -4.92
N PRO A 92 -10.94 10.79 -6.17
CA PRO A 92 -9.66 11.04 -6.85
C PRO A 92 -8.70 11.89 -6.03
N PHE A 93 -7.59 11.27 -5.66
CA PHE A 93 -6.50 11.91 -4.90
C PHE A 93 -6.91 12.24 -3.47
N SER A 94 -8.06 11.72 -3.04
CA SER A 94 -8.44 11.84 -1.65
C SER A 94 -7.54 10.94 -0.82
N VAL A 95 -6.48 11.51 -0.29
CA VAL A 95 -5.60 10.77 0.57
C VAL A 95 -6.36 10.28 1.80
N SER A 96 -6.76 9.03 1.78
CA SER A 96 -7.53 8.45 2.87
C SER A 96 -6.60 8.13 4.02
N SER A 97 -6.47 9.08 4.93
CA SER A 97 -5.61 8.91 6.10
C SER A 97 -6.28 7.99 7.12
N ARG A 98 -5.68 6.81 7.32
CA ARG A 98 -6.24 5.82 8.22
C ARG A 98 -5.33 5.62 9.41
N THR A 99 -5.86 5.00 10.45
CA THR A 99 -5.09 4.72 11.66
C THR A 99 -5.37 3.31 12.12
N ILE A 100 -4.38 2.45 12.01
CA ILE A 100 -4.52 1.05 12.37
C ILE A 100 -4.29 0.84 13.86
N SER A 101 -5.23 0.17 14.52
CA SER A 101 -5.05 -0.22 15.91
C SER A 101 -4.17 -1.47 15.99
N ALA A 102 -3.23 -1.48 16.93
CA ALA A 102 -2.25 -2.57 17.05
C ALA A 102 -2.90 -3.95 17.03
N SER A 103 -4.04 -4.10 17.71
CA SER A 103 -4.73 -5.37 17.80
C SER A 103 -5.06 -5.92 16.40
N GLU A 104 -5.50 -5.06 15.50
CA GLU A 104 -5.84 -5.48 14.15
C GLU A 104 -4.65 -5.26 13.22
N ALA A 105 -3.66 -4.51 13.71
CA ALA A 105 -2.42 -4.30 12.97
C ALA A 105 -1.69 -5.63 12.81
N GLY A 106 -1.80 -6.48 13.82
CA GLY A 106 -1.24 -7.81 13.74
C GLY A 106 -2.00 -8.70 12.76
N ASN A 107 -3.15 -8.22 12.31
CA ASN A 107 -3.98 -8.96 11.36
C ASN A 107 -3.52 -8.73 9.93
N TYR A 108 -3.37 -7.47 9.56
CA TYR A 108 -3.11 -7.10 8.18
C TYR A 108 -1.72 -7.52 7.74
N ASN A 109 -1.62 -7.95 6.50
CA ASN A 109 -0.33 -8.28 5.91
C ASN A 109 0.30 -7.04 5.30
N TYR A 110 1.61 -7.09 5.11
CA TYR A 110 2.30 -6.03 4.39
C TYR A 110 3.47 -6.65 3.63
N ILE A 111 3.87 -6.04 2.53
CA ILE A 111 4.90 -6.62 1.70
C ILE A 111 6.10 -5.70 1.62
N HIS A 112 7.29 -6.27 1.69
CA HIS A 112 8.51 -5.47 1.65
C HIS A 112 9.64 -6.29 1.03
N ILE A 113 10.55 -5.60 0.35
CA ILE A 113 11.72 -6.23 -0.20
C ILE A 113 12.70 -6.58 0.90
N GLY A 1 14.49 -3.84 -11.62
CA GLY A 1 13.88 -4.56 -12.77
C GLY A 1 13.97 -3.77 -14.05
N SER A 2 14.35 -4.44 -15.14
CA SER A 2 14.51 -3.77 -16.42
C SER A 2 13.20 -3.74 -17.19
N SER A 3 12.13 -4.19 -16.53
CA SER A 3 10.79 -4.17 -17.09
C SER A 3 10.29 -2.75 -17.28
N ILE A 4 10.89 -1.81 -16.54
CA ILE A 4 10.54 -0.41 -16.66
C ILE A 4 11.79 0.42 -16.92
N SER A 5 11.66 1.47 -17.73
CA SER A 5 12.76 2.35 -18.02
C SER A 5 12.32 3.81 -17.88
N HIS A 6 11.53 4.27 -18.84
CA HIS A 6 11.01 5.64 -18.81
C HIS A 6 9.53 5.60 -18.47
N SER A 7 9.08 4.43 -18.07
CA SER A 7 7.68 4.18 -17.76
C SER A 7 7.22 5.01 -16.57
N GLY A 8 8.06 5.06 -15.53
CA GLY A 8 7.68 5.75 -14.31
C GLY A 8 6.57 5.02 -13.59
N ASN A 9 5.47 5.71 -13.35
CA ASN A 9 4.31 5.09 -12.73
C ASN A 9 3.38 4.54 -13.81
N LEU A 10 2.95 3.30 -13.61
CA LEU A 10 2.21 2.57 -14.63
C LEU A 10 0.70 2.65 -14.43
N TYR A 11 0.28 3.13 -13.28
CA TYR A 11 -1.14 3.12 -12.96
C TYR A 11 -1.82 4.42 -13.40
N THR A 12 -2.99 4.69 -12.83
CA THR A 12 -3.83 5.79 -13.29
C THR A 12 -3.32 7.16 -12.82
N ALA A 13 -3.90 7.65 -11.72
CA ALA A 13 -3.53 8.95 -11.17
C ALA A 13 -4.26 9.18 -9.86
N GLY A 14 -3.52 9.18 -8.77
CA GLY A 14 -4.12 9.37 -7.46
C GLY A 14 -4.98 8.19 -7.06
N GLN A 15 -4.51 6.99 -7.34
CA GLN A 15 -5.24 5.76 -7.02
C GLN A 15 -4.56 5.05 -5.85
N CYS A 16 -5.23 4.02 -5.33
CA CYS A 16 -4.69 3.27 -4.19
C CYS A 16 -3.32 2.66 -4.50
N THR A 17 -3.27 1.81 -5.51
CA THR A 17 -2.03 1.13 -5.87
C THR A 17 -1.13 2.03 -6.73
N TRP A 18 -1.55 3.29 -6.87
CA TRP A 18 -0.78 4.26 -7.63
C TRP A 18 0.06 5.11 -6.68
N TYR A 19 -0.59 5.65 -5.66
CA TYR A 19 0.09 6.49 -4.68
C TYR A 19 1.10 5.67 -3.90
N VAL A 20 0.68 4.47 -3.51
CA VAL A 20 1.56 3.55 -2.82
C VAL A 20 2.80 3.23 -3.66
N TYR A 21 2.60 3.14 -4.97
CA TYR A 21 3.68 2.80 -5.88
C TYR A 21 4.66 3.97 -6.01
N ASP A 22 4.14 5.19 -5.97
CA ASP A 22 4.99 6.36 -6.03
C ASP A 22 5.79 6.53 -4.75
N LYS A 23 5.16 6.25 -3.62
CA LYS A 23 5.79 6.43 -2.31
C LYS A 23 6.96 5.47 -2.10
N VAL A 24 7.03 4.43 -2.91
CA VAL A 24 8.14 3.49 -2.83
C VAL A 24 9.13 3.73 -3.97
N GLY A 25 8.94 4.82 -4.69
CA GLY A 25 9.86 5.21 -5.74
C GLY A 25 9.76 4.34 -6.98
N GLY A 26 8.76 3.46 -7.02
CA GLY A 26 8.62 2.56 -8.14
C GLY A 26 9.53 1.36 -8.03
N GLU A 27 10.20 1.23 -6.89
CA GLU A 27 11.09 0.09 -6.65
C GLU A 27 10.28 -1.20 -6.52
N ILE A 28 9.15 -1.09 -5.84
CA ILE A 28 8.32 -2.24 -5.55
C ILE A 28 6.93 -2.06 -6.13
N GLY A 29 6.42 -3.11 -6.76
CA GLY A 29 5.03 -3.11 -7.16
C GLY A 29 4.81 -3.37 -8.63
N SER A 30 3.88 -2.60 -9.21
CA SER A 30 3.47 -2.66 -10.63
C SER A 30 2.77 -3.98 -10.97
N THR A 31 3.46 -5.09 -10.77
CA THR A 31 2.92 -6.40 -11.15
C THR A 31 2.21 -7.07 -9.97
N TRP A 32 1.93 -6.31 -8.92
CA TRP A 32 1.24 -6.84 -7.74
C TRP A 32 -0.27 -6.89 -7.96
N GLY A 33 -0.71 -6.41 -9.11
CA GLY A 33 -2.12 -6.38 -9.41
C GLY A 33 -2.81 -5.21 -8.75
N ASN A 34 -3.70 -5.51 -7.83
CA ASN A 34 -4.36 -4.49 -7.03
C ASN A 34 -4.33 -4.89 -5.57
N ALA A 35 -5.04 -4.14 -4.75
CA ALA A 35 -4.92 -4.24 -3.30
C ALA A 35 -5.31 -5.62 -2.74
N ASN A 36 -6.13 -6.37 -3.47
CA ASN A 36 -6.60 -7.67 -3.01
C ASN A 36 -5.59 -8.76 -3.37
N ASN A 37 -5.05 -8.65 -4.57
CA ASN A 37 -4.18 -9.68 -5.12
C ASN A 37 -2.74 -9.46 -4.66
N TRP A 38 -2.55 -8.40 -3.89
CA TRP A 38 -1.22 -7.96 -3.43
C TRP A 38 -0.37 -9.10 -2.88
N ALA A 39 -0.78 -9.67 -1.75
CA ALA A 39 0.02 -10.65 -1.04
C ALA A 39 0.39 -11.83 -1.94
N ALA A 40 -0.50 -12.16 -2.88
CA ALA A 40 -0.24 -13.23 -3.82
C ALA A 40 0.74 -12.78 -4.91
N ALA A 41 0.46 -11.64 -5.52
CA ALA A 41 1.28 -11.12 -6.61
C ALA A 41 2.67 -10.71 -6.13
N ALA A 42 2.72 -10.15 -4.92
CA ALA A 42 3.98 -9.77 -4.31
C ALA A 42 4.88 -10.99 -4.12
N GLN A 43 4.32 -12.06 -3.55
CA GLN A 43 5.07 -13.29 -3.35
C GLN A 43 5.41 -13.93 -4.69
N GLY A 44 4.49 -13.82 -5.64
CA GLY A 44 4.74 -14.33 -6.98
C GLY A 44 5.91 -13.62 -7.64
N ALA A 45 6.09 -12.35 -7.31
CA ALA A 45 7.21 -11.57 -7.83
C ALA A 45 8.49 -11.89 -7.05
N GLY A 46 8.34 -12.17 -5.76
CA GLY A 46 9.48 -12.53 -4.94
C GLY A 46 9.63 -11.66 -3.70
N PHE A 47 8.51 -11.18 -3.16
CA PHE A 47 8.54 -10.41 -1.91
C PHE A 47 8.34 -11.34 -0.72
N THR A 48 8.61 -10.85 0.47
CA THR A 48 8.34 -11.59 1.69
C THR A 48 7.23 -10.90 2.47
N VAL A 49 6.12 -11.57 2.67
CA VAL A 49 5.01 -10.94 3.37
C VAL A 49 4.77 -11.60 4.73
N ASN A 50 4.51 -10.76 5.71
CA ASN A 50 4.02 -11.20 6.99
C ASN A 50 2.81 -10.34 7.26
N HIS A 51 2.61 -9.94 8.50
CA HIS A 51 1.60 -8.97 8.81
C HIS A 51 1.95 -8.18 10.07
N THR A 52 2.71 -7.12 9.87
CA THR A 52 3.17 -6.27 10.97
C THR A 52 3.59 -4.91 10.43
N PRO A 53 2.70 -3.90 10.49
CA PRO A 53 2.99 -2.56 9.99
C PRO A 53 4.28 -1.96 10.57
N SER A 54 4.96 -1.16 9.76
CA SER A 54 6.25 -0.60 10.14
C SER A 54 6.57 0.60 9.25
N LYS A 55 7.36 1.53 9.76
CA LYS A 55 7.74 2.74 9.02
C LYS A 55 8.44 2.37 7.72
N GLY A 56 7.76 2.65 6.60
CA GLY A 56 8.35 2.39 5.30
C GLY A 56 7.69 1.23 4.57
N ALA A 57 6.95 0.41 5.33
CA ALA A 57 6.26 -0.74 4.74
C ALA A 57 4.90 -0.33 4.21
N ILE A 58 4.12 -1.30 3.76
CA ILE A 58 2.81 -1.01 3.19
C ILE A 58 1.75 -1.96 3.75
N LEU A 59 0.64 -1.37 4.15
CA LEU A 59 -0.48 -2.09 4.75
C LEU A 59 -1.26 -2.83 3.67
N GLN A 60 -1.72 -4.04 3.96
CA GLN A 60 -2.47 -4.81 2.98
C GLN A 60 -3.50 -5.70 3.67
N SER A 61 -4.64 -5.86 3.02
CA SER A 61 -5.66 -6.78 3.44
C SER A 61 -6.37 -7.32 2.22
N SER A 62 -6.46 -8.63 2.11
CA SER A 62 -7.10 -9.26 0.97
C SER A 62 -8.60 -9.31 1.18
N GLU A 63 -9.03 -8.92 2.36
CA GLU A 63 -10.45 -8.89 2.68
C GLU A 63 -11.07 -7.56 2.25
N GLY A 64 -11.95 -7.64 1.27
CA GLY A 64 -12.60 -6.44 0.77
C GLY A 64 -12.93 -6.57 -0.70
N PRO A 65 -13.48 -5.53 -1.33
CA PRO A 65 -13.82 -5.56 -2.75
C PRO A 65 -12.60 -5.66 -3.63
N PHE A 66 -11.75 -4.63 -3.58
CA PHE A 66 -10.53 -4.61 -4.36
C PHE A 66 -9.32 -4.79 -3.45
N GLY A 67 -9.58 -5.27 -2.23
CA GLY A 67 -8.52 -5.47 -1.26
C GLY A 67 -8.37 -4.27 -0.37
N HIS A 68 -7.15 -4.00 0.09
CA HIS A 68 -6.88 -2.84 0.93
C HIS A 68 -5.38 -2.63 1.08
N VAL A 69 -4.80 -1.75 0.27
CA VAL A 69 -3.41 -1.40 0.47
C VAL A 69 -3.25 0.06 0.84
N ALA A 70 -2.38 0.30 1.80
CA ALA A 70 -2.16 1.63 2.32
C ALA A 70 -0.70 1.78 2.71
N TYR A 71 -0.03 2.76 2.15
CA TYR A 71 1.38 2.93 2.40
C TYR A 71 1.61 3.39 3.83
N VAL A 72 2.47 2.67 4.56
CA VAL A 72 2.70 2.94 5.96
C VAL A 72 3.81 3.98 6.13
N GLU A 73 3.45 5.13 6.67
CA GLU A 73 4.42 6.19 6.89
C GLU A 73 5.24 5.92 8.15
N SER A 74 4.61 5.31 9.15
CA SER A 74 5.29 4.99 10.41
C SER A 74 4.30 4.41 11.41
N VAL A 75 4.83 3.78 12.45
CA VAL A 75 4.02 3.30 13.55
C VAL A 75 4.28 4.17 14.77
N ASN A 76 3.22 4.69 15.36
CA ASN A 76 3.36 5.64 16.45
C ASN A 76 3.61 4.92 17.77
N SER A 77 4.10 5.66 18.75
CA SER A 77 4.42 5.09 20.06
C SER A 77 3.15 4.73 20.81
N ASP A 78 2.01 5.15 20.28
CA ASP A 78 0.71 4.85 20.88
C ASP A 78 0.25 3.44 20.50
N GLY A 79 1.00 2.82 19.59
CA GLY A 79 0.58 1.52 19.08
C GLY A 79 -0.28 1.67 17.85
N SER A 80 -0.64 2.91 17.54
CA SER A 80 -1.42 3.21 16.37
C SER A 80 -0.50 3.51 15.18
N VAL A 81 -0.90 3.09 14.00
CA VAL A 81 -0.07 3.21 12.82
C VAL A 81 -0.58 4.33 11.89
N THR A 82 0.34 5.15 11.42
CA THR A 82 0.01 6.22 10.49
C THR A 82 0.26 5.78 9.05
N ILE A 83 -0.79 5.80 8.25
CA ILE A 83 -0.68 5.39 6.85
C ILE A 83 -1.15 6.51 5.94
N SER A 84 -0.81 6.37 4.67
CA SER A 84 -1.30 7.28 3.65
C SER A 84 -1.81 6.46 2.47
N GLU A 85 -3.11 6.24 2.45
CA GLU A 85 -3.75 5.51 1.35
C GLU A 85 -4.59 6.46 0.50
N MET A 86 -3.99 6.99 -0.53
CA MET A 86 -4.71 7.87 -1.43
C MET A 86 -5.74 7.10 -2.24
N ASN A 87 -6.98 7.59 -2.24
CA ASN A 87 -8.07 7.05 -3.03
C ASN A 87 -8.62 5.76 -2.41
N TYR A 88 -7.91 4.65 -2.64
CA TYR A 88 -8.37 3.32 -2.24
C TYR A 88 -9.82 3.04 -2.70
N SER A 89 -9.96 2.63 -3.96
CA SER A 89 -11.23 2.17 -4.50
C SER A 89 -12.36 3.20 -4.35
N GLY A 90 -12.01 4.47 -4.33
CA GLY A 90 -13.00 5.51 -4.16
C GLY A 90 -12.75 6.71 -5.04
N GLY A 91 -12.46 7.84 -4.40
CA GLY A 91 -12.26 9.07 -5.14
C GLY A 91 -10.80 9.37 -5.39
N PRO A 92 -10.43 9.67 -6.65
CA PRO A 92 -9.06 10.03 -7.02
C PRO A 92 -8.50 11.14 -6.15
N PHE A 93 -7.30 10.89 -5.63
CA PHE A 93 -6.54 11.85 -4.82
C PHE A 93 -7.16 12.09 -3.45
N SER A 94 -8.18 11.33 -3.08
CA SER A 94 -8.65 11.37 -1.70
C SER A 94 -7.63 10.69 -0.81
N VAL A 95 -6.60 11.42 -0.42
CA VAL A 95 -5.56 10.86 0.42
C VAL A 95 -6.17 10.45 1.78
N SER A 96 -6.55 9.19 1.87
CA SER A 96 -7.25 8.69 3.03
C SER A 96 -6.33 8.65 4.23
N SER A 97 -6.51 9.61 5.11
CA SER A 97 -5.72 9.70 6.31
C SER A 97 -6.33 8.82 7.41
N ARG A 98 -5.73 7.67 7.62
CA ARG A 98 -6.23 6.70 8.59
C ARG A 98 -5.20 6.42 9.68
N THR A 99 -5.66 5.85 10.77
CA THR A 99 -4.80 5.45 11.86
C THR A 99 -5.17 4.04 12.34
N ILE A 100 -4.25 3.11 12.16
CA ILE A 100 -4.50 1.72 12.50
C ILE A 100 -4.15 1.43 13.96
N SER A 101 -5.15 1.14 14.76
CA SER A 101 -4.92 0.66 16.11
C SER A 101 -4.39 -0.77 16.05
N ALA A 102 -3.63 -1.17 17.07
CA ALA A 102 -3.00 -2.49 17.11
C ALA A 102 -3.98 -3.62 16.77
N SER A 103 -5.23 -3.44 17.19
CA SER A 103 -6.29 -4.40 16.92
C SER A 103 -6.39 -4.73 15.43
N GLU A 104 -6.57 -3.69 14.62
CA GLU A 104 -6.66 -3.84 13.17
C GLU A 104 -5.30 -4.16 12.57
N ALA A 105 -4.25 -3.69 13.21
CA ALA A 105 -2.89 -3.94 12.75
C ALA A 105 -2.63 -5.44 12.66
N GLY A 106 -3.27 -6.19 13.55
CA GLY A 106 -3.14 -7.63 13.55
C GLY A 106 -3.61 -8.30 12.26
N ASN A 107 -4.61 -7.73 11.58
CA ASN A 107 -5.16 -8.36 10.38
C ASN A 107 -4.59 -7.77 9.10
N TYR A 108 -3.59 -6.91 9.23
CA TYR A 108 -3.01 -6.24 8.07
C TYR A 108 -1.66 -6.84 7.70
N ASN A 109 -1.58 -7.31 6.47
CA ASN A 109 -0.35 -7.89 5.91
C ASN A 109 0.53 -6.77 5.37
N TYR A 110 1.75 -7.11 4.98
CA TYR A 110 2.63 -6.16 4.31
C TYR A 110 3.63 -6.92 3.45
N ILE A 111 4.17 -6.30 2.41
CA ILE A 111 5.06 -7.00 1.52
C ILE A 111 6.47 -6.40 1.57
N HIS A 112 7.42 -7.24 1.98
CA HIS A 112 8.82 -6.85 2.09
C HIS A 112 9.57 -7.16 0.80
N ILE A 113 10.31 -6.18 0.30
CA ILE A 113 11.19 -6.40 -0.84
C ILE A 113 12.41 -7.20 -0.40
N GLY A 1 4.90 9.61 -24.36
CA GLY A 1 4.85 9.19 -22.94
C GLY A 1 6.23 8.82 -22.42
N SER A 2 6.83 9.72 -21.67
CA SER A 2 8.16 9.50 -21.13
C SER A 2 8.25 10.07 -19.73
N SER A 3 9.43 10.00 -19.13
CA SER A 3 9.63 10.57 -17.81
C SER A 3 9.82 12.08 -17.89
N ILE A 4 8.71 12.80 -17.89
CA ILE A 4 8.73 14.25 -17.99
C ILE A 4 9.24 14.86 -16.69
N SER A 5 8.47 14.71 -15.62
CA SER A 5 8.88 15.21 -14.32
C SER A 5 8.36 14.30 -13.22
N HIS A 6 7.13 13.83 -13.41
CA HIS A 6 6.53 12.90 -12.47
C HIS A 6 5.71 11.86 -13.22
N SER A 7 6.39 10.86 -13.75
CA SER A 7 5.73 9.75 -14.41
C SER A 7 5.74 8.54 -13.47
N GLY A 8 6.87 7.84 -13.43
CA GLY A 8 7.05 6.75 -12.49
C GLY A 8 6.14 5.57 -12.74
N ASN A 9 5.02 5.55 -12.03
CA ASN A 9 4.13 4.40 -12.02
C ASN A 9 3.33 4.30 -13.32
N LEU A 10 2.81 3.10 -13.58
CA LEU A 10 2.11 2.82 -14.83
C LEU A 10 0.59 2.80 -14.63
N TYR A 11 0.18 2.93 -13.39
CA TYR A 11 -1.24 2.81 -13.05
C TYR A 11 -2.01 4.06 -13.48
N THR A 12 -3.25 4.17 -13.04
CA THR A 12 -4.14 5.25 -13.47
C THR A 12 -3.67 6.61 -12.95
N ALA A 13 -4.23 7.05 -11.84
CA ALA A 13 -3.91 8.34 -11.25
C ALA A 13 -4.61 8.50 -9.92
N GLY A 14 -3.84 8.75 -8.88
CA GLY A 14 -4.41 8.91 -7.55
C GLY A 14 -5.07 7.64 -7.05
N GLN A 15 -4.64 6.51 -7.59
CA GLN A 15 -5.19 5.22 -7.21
C GLN A 15 -4.51 4.70 -5.95
N CYS A 16 -5.18 3.77 -5.27
CA CYS A 16 -4.63 3.14 -4.08
C CYS A 16 -3.27 2.52 -4.39
N THR A 17 -3.21 1.74 -5.46
CA THR A 17 -1.99 1.06 -5.83
C THR A 17 -1.08 1.96 -6.67
N TRP A 18 -1.50 3.19 -6.86
CA TRP A 18 -0.73 4.17 -7.60
C TRP A 18 0.13 4.99 -6.64
N TYR A 19 -0.52 5.55 -5.63
CA TYR A 19 0.16 6.37 -4.63
C TYR A 19 1.20 5.53 -3.88
N VAL A 20 0.83 4.29 -3.59
CA VAL A 20 1.73 3.36 -2.92
C VAL A 20 3.03 3.19 -3.70
N TYR A 21 2.91 2.88 -4.99
CA TYR A 21 4.08 2.61 -5.82
C TYR A 21 4.95 3.86 -5.94
N ASP A 22 4.31 5.03 -5.91
CA ASP A 22 5.04 6.29 -5.97
C ASP A 22 5.84 6.51 -4.69
N LYS A 23 5.19 6.30 -3.55
CA LYS A 23 5.82 6.55 -2.24
C LYS A 23 6.95 5.56 -1.96
N VAL A 24 6.89 4.37 -2.54
CA VAL A 24 7.93 3.36 -2.32
C VAL A 24 9.09 3.55 -3.29
N GLY A 25 9.04 4.62 -4.08
CA GLY A 25 10.16 4.96 -4.95
C GLY A 25 10.16 4.19 -6.25
N GLY A 26 9.27 3.23 -6.37
CA GLY A 26 9.18 2.46 -7.59
C GLY A 26 10.03 1.20 -7.57
N GLU A 27 10.57 0.88 -6.40
CA GLU A 27 11.35 -0.36 -6.25
C GLU A 27 10.43 -1.56 -6.17
N ILE A 28 9.41 -1.42 -5.35
CA ILE A 28 8.48 -2.51 -5.07
C ILE A 28 7.12 -2.24 -5.69
N GLY A 29 6.60 -3.21 -6.42
CA GLY A 29 5.21 -3.14 -6.82
C GLY A 29 4.97 -3.26 -8.30
N SER A 30 3.91 -2.57 -8.75
CA SER A 30 3.44 -2.56 -10.15
C SER A 30 2.91 -3.91 -10.61
N THR A 31 3.70 -4.96 -10.44
CA THR A 31 3.33 -6.29 -10.88
C THR A 31 2.36 -6.96 -9.90
N TRP A 32 2.03 -6.25 -8.82
CA TRP A 32 1.18 -6.80 -7.77
C TRP A 32 -0.30 -6.84 -8.17
N GLY A 33 -0.64 -6.19 -9.28
CA GLY A 33 -2.02 -6.11 -9.69
C GLY A 33 -2.76 -4.97 -9.01
N ASN A 34 -3.85 -5.31 -8.34
CA ASN A 34 -4.53 -4.36 -7.49
C ASN A 34 -4.45 -4.82 -6.04
N ALA A 35 -5.08 -4.07 -5.15
CA ALA A 35 -4.92 -4.29 -3.73
C ALA A 35 -5.30 -5.69 -3.28
N ASN A 36 -6.33 -6.28 -3.88
CA ASN A 36 -6.82 -7.58 -3.40
C ASN A 36 -6.01 -8.73 -3.95
N ASN A 37 -5.15 -8.44 -4.93
CA ASN A 37 -4.30 -9.46 -5.53
C ASN A 37 -2.86 -9.29 -5.03
N TRP A 38 -2.71 -8.37 -4.08
CA TRP A 38 -1.39 -7.95 -3.60
C TRP A 38 -0.52 -9.11 -3.14
N ALA A 39 -0.88 -9.72 -2.01
CA ALA A 39 -0.03 -10.73 -1.39
C ALA A 39 0.36 -11.83 -2.38
N ALA A 40 -0.59 -12.22 -3.23
CA ALA A 40 -0.35 -13.24 -4.24
C ALA A 40 0.74 -12.78 -5.22
N ALA A 41 0.54 -11.61 -5.81
CA ALA A 41 1.46 -11.08 -6.81
C ALA A 41 2.79 -10.66 -6.17
N ALA A 42 2.70 -10.15 -4.95
CA ALA A 42 3.86 -9.70 -4.21
C ALA A 42 4.78 -10.85 -3.87
N GLN A 43 4.23 -11.91 -3.28
CA GLN A 43 5.00 -13.08 -2.91
C GLN A 43 5.53 -13.78 -4.16
N GLY A 44 4.79 -13.67 -5.25
CA GLY A 44 5.25 -14.18 -6.53
C GLY A 44 6.42 -13.38 -7.08
N ALA A 45 6.46 -12.10 -6.70
CA ALA A 45 7.54 -11.22 -7.11
C ALA A 45 8.75 -11.37 -6.18
N GLY A 46 8.52 -12.00 -5.04
CA GLY A 46 9.61 -12.27 -4.12
C GLY A 46 9.62 -11.35 -2.92
N PHE A 47 8.47 -10.80 -2.56
CA PHE A 47 8.37 -9.98 -1.36
C PHE A 47 8.09 -10.88 -0.16
N THR A 48 8.49 -10.42 1.01
CA THR A 48 8.24 -11.16 2.24
C THR A 48 7.08 -10.53 3.01
N VAL A 49 6.18 -11.34 3.55
CA VAL A 49 5.04 -10.80 4.26
C VAL A 49 4.87 -11.40 5.65
N ASN A 50 4.43 -10.56 6.57
CA ASN A 50 3.94 -10.96 7.86
C ASN A 50 2.91 -9.92 8.27
N HIS A 51 2.73 -9.67 9.55
CA HIS A 51 1.75 -8.68 9.96
C HIS A 51 2.38 -7.64 10.90
N THR A 52 3.20 -6.76 10.34
CA THR A 52 3.77 -5.66 11.11
C THR A 52 3.95 -4.42 10.23
N PRO A 53 2.94 -3.53 10.14
CA PRO A 53 3.07 -2.27 9.42
C PRO A 53 4.07 -1.33 10.10
N SER A 54 4.76 -0.53 9.29
CA SER A 54 5.75 0.43 9.76
C SER A 54 6.15 1.32 8.60
N LYS A 55 6.90 2.38 8.89
CA LYS A 55 7.27 3.35 7.86
C LYS A 55 8.02 2.68 6.71
N GLY A 56 7.44 2.76 5.51
CA GLY A 56 8.07 2.18 4.35
C GLY A 56 7.31 0.97 3.85
N ALA A 57 6.43 0.45 4.69
CA ALA A 57 5.64 -0.72 4.34
C ALA A 57 4.29 -0.29 3.78
N ILE A 58 3.46 -1.26 3.43
CA ILE A 58 2.12 -0.97 2.93
C ILE A 58 1.13 -1.96 3.53
N LEU A 59 -0.06 -1.46 3.85
CA LEU A 59 -1.10 -2.29 4.45
C LEU A 59 -1.71 -3.23 3.40
N GLN A 60 -2.34 -4.30 3.86
CA GLN A 60 -3.04 -5.21 2.97
C GLN A 60 -4.11 -6.00 3.71
N SER A 61 -5.28 -6.07 3.09
CA SER A 61 -6.36 -6.92 3.55
C SER A 61 -7.27 -7.24 2.37
N SER A 62 -7.58 -8.50 2.19
CA SER A 62 -8.46 -8.93 1.12
C SER A 62 -9.92 -8.84 1.56
N GLU A 63 -10.15 -8.20 2.70
CA GLU A 63 -11.48 -7.99 3.23
C GLU A 63 -12.09 -6.71 2.67
N GLY A 64 -12.51 -6.76 1.41
CA GLY A 64 -13.08 -5.60 0.78
C GLY A 64 -13.39 -5.86 -0.68
N PRO A 65 -13.76 -4.81 -1.45
CA PRO A 65 -14.11 -4.95 -2.85
C PRO A 65 -12.89 -5.14 -3.75
N PHE A 66 -11.88 -4.31 -3.54
CA PHE A 66 -10.66 -4.37 -4.32
C PHE A 66 -9.45 -4.49 -3.41
N GLY A 67 -9.67 -5.05 -2.22
CA GLY A 67 -8.61 -5.17 -1.25
C GLY A 67 -8.40 -3.90 -0.45
N HIS A 68 -7.31 -3.85 0.32
CA HIS A 68 -6.98 -2.67 1.13
C HIS A 68 -5.49 -2.47 1.21
N VAL A 69 -4.89 -1.69 0.31
CA VAL A 69 -3.49 -1.38 0.44
C VAL A 69 -3.28 0.11 0.66
N ALA A 70 -2.77 0.42 1.84
CA ALA A 70 -2.49 1.79 2.22
C ALA A 70 -1.04 1.90 2.65
N TYR A 71 -0.32 2.82 2.05
CA TYR A 71 1.11 2.95 2.29
C TYR A 71 1.37 3.46 3.69
N VAL A 72 2.20 2.74 4.43
CA VAL A 72 2.51 3.09 5.80
C VAL A 72 3.61 4.14 5.84
N GLU A 73 3.27 5.34 6.25
CA GLU A 73 4.23 6.43 6.25
C GLU A 73 4.95 6.53 7.58
N SER A 74 4.37 5.92 8.62
CA SER A 74 4.96 5.97 9.95
C SER A 74 4.19 5.09 10.92
N VAL A 75 4.81 4.80 12.05
CA VAL A 75 4.15 4.12 13.15
C VAL A 75 4.17 5.05 14.36
N ASN A 76 3.06 5.11 15.07
CA ASN A 76 2.95 6.00 16.22
C ASN A 76 3.37 5.24 17.46
N SER A 77 3.80 5.97 18.49
CA SER A 77 4.26 5.35 19.73
C SER A 77 3.09 4.81 20.56
N ASP A 78 1.88 5.00 20.06
CA ASP A 78 0.68 4.48 20.71
C ASP A 78 0.49 3.00 20.38
N GLY A 79 1.22 2.54 19.36
CA GLY A 79 1.08 1.16 18.90
C GLY A 79 0.27 1.09 17.64
N SER A 80 -0.23 2.23 17.21
CA SER A 80 -0.99 2.33 15.97
C SER A 80 -0.12 2.94 14.88
N VAL A 81 -0.32 2.52 13.64
CA VAL A 81 0.46 3.03 12.53
C VAL A 81 -0.34 4.05 11.72
N THR A 82 0.37 4.97 11.10
CA THR A 82 -0.24 5.98 10.26
C THR A 82 -0.01 5.67 8.79
N ILE A 83 -1.07 5.39 8.07
CA ILE A 83 -0.99 5.01 6.67
C ILE A 83 -1.69 6.03 5.78
N SER A 84 -1.11 6.28 4.62
CA SER A 84 -1.67 7.21 3.67
C SER A 84 -2.07 6.50 2.38
N GLU A 85 -3.38 6.36 2.20
CA GLU A 85 -3.95 5.75 1.01
C GLU A 85 -4.65 6.80 0.17
N MET A 86 -4.10 7.11 -0.99
CA MET A 86 -4.72 8.09 -1.87
C MET A 86 -5.91 7.47 -2.59
N ASN A 87 -7.10 7.96 -2.23
CA ASN A 87 -8.38 7.52 -2.82
C ASN A 87 -8.76 6.13 -2.34
N TYR A 88 -7.90 5.14 -2.59
CA TYR A 88 -8.21 3.75 -2.31
C TYR A 88 -9.33 3.25 -3.23
N SER A 89 -10.57 3.63 -2.94
CA SER A 89 -11.72 3.22 -3.72
C SER A 89 -12.93 4.11 -3.40
N GLY A 90 -12.78 5.41 -3.62
CA GLY A 90 -13.86 6.34 -3.31
C GLY A 90 -13.56 7.75 -3.76
N GLY A 91 -13.00 8.54 -2.86
CA GLY A 91 -12.72 9.93 -3.18
C GLY A 91 -11.43 10.08 -3.95
N PRO A 92 -11.51 10.50 -5.23
CA PRO A 92 -10.34 10.64 -6.09
C PRO A 92 -9.25 11.52 -5.49
N PHE A 93 -8.08 10.91 -5.26
CA PHE A 93 -6.90 11.59 -4.74
C PHE A 93 -7.06 11.97 -3.27
N SER A 94 -8.11 11.48 -2.63
CA SER A 94 -8.25 11.68 -1.20
C SER A 94 -7.21 10.88 -0.47
N VAL A 95 -6.04 11.48 -0.28
CA VAL A 95 -4.99 10.85 0.50
C VAL A 95 -5.50 10.62 1.92
N SER A 96 -6.03 9.44 2.16
CA SER A 96 -6.73 9.14 3.38
C SER A 96 -5.76 8.75 4.48
N SER A 97 -5.79 9.52 5.55
CA SER A 97 -4.96 9.25 6.71
C SER A 97 -5.64 8.28 7.66
N ARG A 98 -5.26 7.02 7.59
CA ARG A 98 -5.86 5.99 8.44
C ARG A 98 -4.98 5.74 9.65
N THR A 99 -5.55 5.10 10.65
CA THR A 99 -4.82 4.72 11.86
C THR A 99 -5.04 3.25 12.15
N ILE A 100 -4.01 2.43 11.95
CA ILE A 100 -4.12 0.99 12.20
C ILE A 100 -3.53 0.65 13.57
N SER A 101 -4.40 0.29 14.50
CA SER A 101 -3.95 -0.14 15.81
C SER A 101 -3.30 -1.52 15.72
N ALA A 102 -2.45 -1.86 16.68
CA ALA A 102 -1.79 -3.17 16.71
C ALA A 102 -2.82 -4.31 16.61
N SER A 103 -3.95 -4.13 17.27
CA SER A 103 -5.04 -5.11 17.22
C SER A 103 -5.50 -5.34 15.78
N GLU A 104 -5.49 -4.29 14.99
CA GLU A 104 -5.84 -4.36 13.59
C GLU A 104 -4.67 -4.85 12.75
N ALA A 105 -3.47 -4.42 13.13
CA ALA A 105 -2.26 -4.83 12.42
C ALA A 105 -2.17 -6.35 12.32
N GLY A 106 -2.73 -7.02 13.32
CA GLY A 106 -2.77 -8.47 13.32
C GLY A 106 -3.56 -9.07 12.16
N ASN A 107 -4.49 -8.33 11.57
CA ASN A 107 -5.29 -8.86 10.46
C ASN A 107 -4.80 -8.31 9.12
N TYR A 108 -3.79 -7.45 9.15
CA TYR A 108 -3.30 -6.83 7.94
C TYR A 108 -1.97 -7.42 7.52
N ASN A 109 -1.86 -7.71 6.23
CA ASN A 109 -0.61 -8.18 5.66
C ASN A 109 0.20 -6.97 5.22
N TYR A 110 1.48 -7.16 5.02
CA TYR A 110 2.29 -6.12 4.41
C TYR A 110 3.45 -6.76 3.68
N ILE A 111 3.81 -6.20 2.55
CA ILE A 111 4.84 -6.80 1.72
C ILE A 111 6.13 -6.01 1.83
N HIS A 112 7.13 -6.62 2.44
CA HIS A 112 8.42 -5.99 2.62
C HIS A 112 9.48 -6.73 1.82
N ILE A 113 10.36 -5.99 1.17
CA ILE A 113 11.37 -6.58 0.30
C ILE A 113 12.35 -7.43 1.10
N GLY A 1 11.47 13.18 -0.01
CA GLY A 1 12.47 12.65 -0.96
C GLY A 1 12.25 13.19 -2.36
N SER A 2 13.16 12.89 -3.26
CA SER A 2 13.03 13.27 -4.66
C SER A 2 12.41 12.13 -5.44
N SER A 3 11.14 12.28 -5.79
CA SER A 3 10.40 11.22 -6.45
C SER A 3 10.74 11.13 -7.92
N ILE A 4 11.61 10.20 -8.26
CA ILE A 4 11.96 9.92 -9.65
C ILE A 4 11.39 8.57 -10.06
N SER A 5 10.07 8.47 -10.00
CA SER A 5 9.37 7.23 -10.27
C SER A 5 9.08 7.09 -11.77
N HIS A 6 10.11 7.38 -12.57
CA HIS A 6 10.01 7.39 -14.04
C HIS A 6 9.14 8.54 -14.50
N SER A 7 7.84 8.41 -14.29
CA SER A 7 6.89 9.47 -14.59
C SER A 7 5.69 9.37 -13.67
N GLY A 8 5.84 8.60 -12.60
CA GLY A 8 4.76 8.38 -11.68
C GLY A 8 4.57 6.91 -11.37
N ASN A 9 3.89 6.22 -12.27
CA ASN A 9 3.61 4.80 -12.10
C ASN A 9 2.94 4.26 -13.36
N LEU A 10 2.86 2.93 -13.47
CA LEU A 10 2.26 2.28 -14.62
C LEU A 10 0.75 2.19 -14.48
N TYR A 11 0.26 2.42 -13.26
CA TYR A 11 -1.15 2.29 -12.97
C TYR A 11 -1.90 3.55 -13.45
N THR A 12 -3.15 3.70 -13.01
CA THR A 12 -4.03 4.77 -13.48
C THR A 12 -3.54 6.16 -13.05
N ALA A 13 -4.11 6.67 -11.96
CA ALA A 13 -3.76 7.99 -11.46
C ALA A 13 -4.47 8.26 -10.14
N GLY A 14 -3.70 8.60 -9.12
CA GLY A 14 -4.27 8.91 -7.82
C GLY A 14 -5.03 7.74 -7.24
N GLN A 15 -4.54 6.53 -7.50
CA GLN A 15 -5.18 5.31 -7.02
C GLN A 15 -4.46 4.76 -5.80
N CYS A 16 -5.12 3.85 -5.09
CA CYS A 16 -4.52 3.23 -3.91
C CYS A 16 -3.25 2.50 -4.28
N THR A 17 -3.32 1.75 -5.37
CA THR A 17 -2.19 0.95 -5.81
C THR A 17 -1.25 1.79 -6.67
N TRP A 18 -1.58 3.05 -6.81
CA TRP A 18 -0.78 3.99 -7.57
C TRP A 18 0.09 4.82 -6.63
N TYR A 19 -0.55 5.41 -5.62
CA TYR A 19 0.15 6.23 -4.63
C TYR A 19 1.16 5.39 -3.87
N VAL A 20 0.77 4.17 -3.55
CA VAL A 20 1.65 3.23 -2.88
C VAL A 20 2.95 3.03 -3.65
N TYR A 21 2.83 2.89 -4.97
CA TYR A 21 3.98 2.59 -5.80
C TYR A 21 4.89 3.82 -5.93
N ASP A 22 4.30 5.00 -5.99
CA ASP A 22 5.07 6.23 -6.10
C ASP A 22 5.83 6.50 -4.80
N LYS A 23 5.19 6.22 -3.67
CA LYS A 23 5.80 6.44 -2.36
C LYS A 23 7.05 5.58 -2.17
N VAL A 24 7.02 4.35 -2.66
CA VAL A 24 8.19 3.48 -2.57
C VAL A 24 9.21 3.81 -3.66
N GLY A 25 8.78 4.67 -4.59
CA GLY A 25 9.69 5.19 -5.59
C GLY A 25 9.97 4.20 -6.70
N GLY A 26 9.00 3.36 -7.00
CA GLY A 26 9.20 2.34 -8.01
C GLY A 26 10.13 1.26 -7.53
N GLU A 27 9.76 0.61 -6.44
CA GLU A 27 10.61 -0.39 -5.81
C GLU A 27 9.90 -1.73 -5.69
N ILE A 28 8.70 -1.71 -5.12
CA ILE A 28 7.96 -2.94 -4.89
C ILE A 28 6.67 -3.01 -5.70
N GLY A 29 6.43 -4.17 -6.28
CA GLY A 29 5.13 -4.48 -6.81
C GLY A 29 4.87 -3.91 -8.19
N SER A 30 3.78 -3.13 -8.29
CA SER A 30 3.17 -2.68 -9.55
C SER A 30 2.54 -3.85 -10.30
N THR A 31 3.22 -5.00 -10.27
CA THR A 31 2.73 -6.22 -10.89
C THR A 31 1.94 -7.05 -9.88
N TRP A 32 1.60 -6.42 -8.76
CA TRP A 32 0.88 -7.09 -7.68
C TRP A 32 -0.61 -7.30 -8.04
N GLY A 33 -1.06 -6.56 -9.05
CA GLY A 33 -2.43 -6.64 -9.51
C GLY A 33 -3.47 -6.39 -8.43
N ASN A 34 -3.63 -5.13 -8.07
CA ASN A 34 -4.63 -4.69 -7.09
C ASN A 34 -4.40 -5.22 -5.69
N ALA A 35 -5.11 -4.65 -4.74
CA ALA A 35 -4.85 -4.84 -3.31
C ALA A 35 -5.19 -6.24 -2.80
N ASN A 36 -6.29 -6.80 -3.27
CA ASN A 36 -6.74 -8.10 -2.76
C ASN A 36 -5.96 -9.25 -3.39
N ASN A 37 -5.06 -8.93 -4.29
CA ASN A 37 -4.20 -9.92 -4.92
C ASN A 37 -2.75 -9.61 -4.56
N TRP A 38 -2.60 -8.62 -3.69
CA TRP A 38 -1.30 -8.07 -3.34
C TRP A 38 -0.32 -9.14 -2.88
N ALA A 39 -0.63 -9.77 -1.75
CA ALA A 39 0.29 -10.73 -1.14
C ALA A 39 0.66 -11.84 -2.12
N ALA A 40 -0.32 -12.31 -2.88
CA ALA A 40 -0.10 -13.37 -3.85
C ALA A 40 0.93 -12.95 -4.90
N ALA A 41 0.68 -11.82 -5.55
CA ALA A 41 1.56 -11.31 -6.60
C ALA A 41 2.89 -10.85 -6.03
N ALA A 42 2.83 -10.27 -4.84
CA ALA A 42 4.02 -9.75 -4.15
C ALA A 42 4.99 -10.87 -3.80
N GLN A 43 4.46 -11.94 -3.21
CA GLN A 43 5.30 -13.06 -2.80
C GLN A 43 5.91 -13.76 -4.01
N GLY A 44 5.22 -13.66 -5.14
CA GLY A 44 5.76 -14.20 -6.39
C GLY A 44 6.87 -13.34 -6.95
N ALA A 45 6.85 -12.05 -6.60
CA ALA A 45 7.86 -11.10 -7.04
C ALA A 45 9.07 -11.14 -6.11
N GLY A 46 8.94 -11.88 -5.02
CA GLY A 46 10.05 -12.03 -4.09
C GLY A 46 9.98 -11.07 -2.92
N PHE A 47 8.81 -10.95 -2.31
CA PHE A 47 8.65 -10.09 -1.15
C PHE A 47 8.45 -10.93 0.11
N THR A 48 8.70 -10.32 1.26
CA THR A 48 8.50 -10.97 2.54
C THR A 48 7.33 -10.31 3.28
N VAL A 49 6.27 -11.07 3.55
CA VAL A 49 5.13 -10.53 4.26
C VAL A 49 5.08 -11.08 5.69
N ASN A 50 4.94 -10.18 6.67
CA ASN A 50 4.87 -10.58 8.07
C ASN A 50 3.58 -10.07 8.68
N HIS A 51 2.74 -9.51 7.81
CA HIS A 51 1.50 -8.81 8.19
C HIS A 51 1.66 -8.00 9.47
N THR A 52 2.42 -6.91 9.36
CA THR A 52 2.65 -5.98 10.46
C THR A 52 3.15 -4.65 9.89
N PRO A 53 2.28 -3.63 9.79
CA PRO A 53 2.62 -2.33 9.20
C PRO A 53 3.83 -1.66 9.87
N SER A 54 4.54 -0.85 9.10
CA SER A 54 5.75 -0.19 9.55
C SER A 54 6.09 0.95 8.60
N LYS A 55 6.91 1.88 9.06
CA LYS A 55 7.30 3.03 8.25
C LYS A 55 8.05 2.58 7.00
N GLY A 56 7.60 3.04 5.84
CA GLY A 56 8.27 2.68 4.60
C GLY A 56 7.73 1.39 4.01
N ALA A 57 6.60 0.94 4.55
CA ALA A 57 5.94 -0.25 4.04
C ALA A 57 4.50 0.07 3.69
N ILE A 58 3.71 -0.95 3.36
CA ILE A 58 2.34 -0.73 2.92
C ILE A 58 1.37 -1.68 3.61
N LEU A 59 0.21 -1.15 3.96
CA LEU A 59 -0.85 -1.89 4.60
C LEU A 59 -1.66 -2.64 3.54
N GLN A 60 -2.11 -3.86 3.85
CA GLN A 60 -2.84 -4.65 2.87
C GLN A 60 -3.92 -5.50 3.54
N SER A 61 -5.04 -5.62 2.84
CA SER A 61 -6.17 -6.41 3.31
C SER A 61 -6.98 -6.90 2.12
N SER A 62 -7.85 -7.87 2.37
CA SER A 62 -8.75 -8.40 1.35
C SER A 62 -10.19 -8.12 1.73
N GLU A 63 -10.39 -7.20 2.68
CA GLU A 63 -11.72 -6.86 3.18
C GLU A 63 -12.45 -5.89 2.25
N GLY A 64 -12.05 -5.85 0.99
CA GLY A 64 -12.64 -4.94 0.04
C GLY A 64 -12.75 -5.53 -1.35
N PRO A 65 -13.59 -4.95 -2.23
CA PRO A 65 -13.80 -5.44 -3.59
C PRO A 65 -12.50 -5.46 -4.40
N PHE A 66 -11.65 -4.46 -4.15
CA PHE A 66 -10.34 -4.41 -4.77
C PHE A 66 -9.27 -4.72 -3.73
N GLY A 67 -9.70 -4.99 -2.51
CA GLY A 67 -8.79 -5.23 -1.41
C GLY A 67 -8.63 -4.00 -0.54
N HIS A 68 -7.45 -3.81 0.01
CA HIS A 68 -7.16 -2.62 0.79
C HIS A 68 -5.66 -2.43 0.94
N VAL A 69 -5.04 -1.63 0.09
CA VAL A 69 -3.66 -1.26 0.31
C VAL A 69 -3.52 0.22 0.57
N ALA A 70 -2.81 0.52 1.63
CA ALA A 70 -2.57 1.88 2.06
C ALA A 70 -1.15 2.00 2.54
N TYR A 71 -0.41 2.93 1.97
CA TYR A 71 1.00 3.04 2.27
C TYR A 71 1.21 3.54 3.69
N VAL A 72 2.08 2.86 4.42
CA VAL A 72 2.32 3.18 5.82
C VAL A 72 3.42 4.21 5.95
N GLU A 73 3.07 5.37 6.48
CA GLU A 73 4.02 6.46 6.62
C GLU A 73 4.85 6.31 7.89
N SER A 74 4.27 5.67 8.90
CA SER A 74 4.96 5.48 10.17
C SER A 74 4.10 4.67 11.14
N VAL A 75 4.75 3.96 12.05
CA VAL A 75 4.07 3.29 13.14
C VAL A 75 4.32 4.05 14.43
N ASN A 76 3.26 4.30 15.18
CA ASN A 76 3.38 5.04 16.42
C ASN A 76 3.99 4.16 17.50
N SER A 77 4.73 4.78 18.40
CA SER A 77 5.38 4.06 19.48
C SER A 77 4.36 3.39 20.42
N ASP A 78 3.13 3.91 20.42
CA ASP A 78 2.08 3.36 21.27
C ASP A 78 1.49 2.08 20.66
N GLY A 79 1.73 1.86 19.38
CA GLY A 79 1.26 0.64 18.75
C GLY A 79 0.44 0.89 17.51
N SER A 80 -0.24 2.03 17.45
CA SER A 80 -1.09 2.37 16.32
C SER A 80 -0.25 2.72 15.09
N VAL A 81 -0.80 2.49 13.90
CA VAL A 81 -0.08 2.80 12.67
C VAL A 81 -0.76 3.91 11.88
N THR A 82 0.07 4.81 11.36
CA THR A 82 -0.41 5.91 10.55
C THR A 82 -0.15 5.63 9.06
N ILE A 83 -1.21 5.64 8.27
CA ILE A 83 -1.11 5.30 6.85
C ILE A 83 -1.63 6.43 5.98
N SER A 84 -1.25 6.39 4.70
CA SER A 84 -1.76 7.33 3.72
C SER A 84 -2.13 6.59 2.42
N GLU A 85 -3.42 6.50 2.17
CA GLU A 85 -3.95 5.86 0.98
C GLU A 85 -4.67 6.87 0.09
N MET A 86 -4.11 7.15 -1.06
CA MET A 86 -4.72 8.08 -1.99
C MET A 86 -5.89 7.43 -2.72
N ASN A 87 -7.10 7.93 -2.44
CA ASN A 87 -8.34 7.47 -3.07
C ASN A 87 -8.79 6.13 -2.54
N TYR A 88 -7.93 5.12 -2.65
CA TYR A 88 -8.29 3.73 -2.35
C TYR A 88 -9.35 3.24 -3.34
N SER A 89 -10.60 3.63 -3.07
CA SER A 89 -11.72 3.31 -3.95
C SER A 89 -12.89 4.22 -3.61
N GLY A 90 -12.91 5.41 -4.20
CA GLY A 90 -14.00 6.34 -3.92
C GLY A 90 -13.70 7.75 -4.35
N GLY A 91 -12.93 8.48 -3.54
CA GLY A 91 -12.62 9.86 -3.85
C GLY A 91 -11.27 10.02 -4.52
N PRO A 92 -11.24 10.41 -5.80
CA PRO A 92 -9.99 10.57 -6.56
C PRO A 92 -9.01 11.51 -5.86
N PHE A 93 -7.83 10.97 -5.56
CA PHE A 93 -6.73 11.72 -4.93
C PHE A 93 -7.03 12.10 -3.49
N SER A 94 -8.11 11.56 -2.93
CA SER A 94 -8.33 11.72 -1.50
C SER A 94 -7.30 10.93 -0.75
N VAL A 95 -6.17 11.55 -0.47
CA VAL A 95 -5.13 10.91 0.31
C VAL A 95 -5.66 10.67 1.74
N SER A 96 -6.24 9.50 1.93
CA SER A 96 -6.95 9.17 3.15
C SER A 96 -5.97 8.84 4.27
N SER A 97 -6.06 9.59 5.34
CA SER A 97 -5.25 9.34 6.52
C SER A 97 -6.02 8.53 7.56
N ARG A 98 -5.54 7.32 7.83
CA ARG A 98 -6.17 6.45 8.82
C ARG A 98 -5.17 6.10 9.93
N THR A 99 -5.69 5.62 11.05
CA THR A 99 -4.85 5.18 12.14
C THR A 99 -5.31 3.81 12.61
N ILE A 100 -4.51 2.79 12.31
CA ILE A 100 -4.89 1.43 12.64
C ILE A 100 -4.38 1.07 14.02
N SER A 101 -5.27 0.57 14.86
CA SER A 101 -4.86 0.03 16.15
C SER A 101 -4.11 -1.28 15.94
N ALA A 102 -3.14 -1.57 16.81
CA ALA A 102 -2.34 -2.80 16.71
C ALA A 102 -3.21 -4.05 16.53
N SER A 103 -4.42 -4.00 17.08
CA SER A 103 -5.39 -5.08 16.93
C SER A 103 -5.62 -5.40 15.44
N GLU A 104 -6.07 -4.40 14.69
CA GLU A 104 -6.34 -4.58 13.26
C GLU A 104 -5.04 -4.56 12.47
N ALA A 105 -3.98 -4.00 13.07
CA ALA A 105 -2.68 -3.96 12.43
C ALA A 105 -2.15 -5.36 12.18
N GLY A 106 -2.45 -6.27 13.11
CA GLY A 106 -2.09 -7.66 12.96
C GLY A 106 -2.85 -8.33 11.82
N ASN A 107 -3.98 -7.76 11.44
CA ASN A 107 -4.80 -8.28 10.34
C ASN A 107 -4.19 -7.94 9.00
N TYR A 108 -3.64 -6.75 8.91
CA TYR A 108 -3.12 -6.23 7.64
C TYR A 108 -1.76 -6.81 7.32
N ASN A 109 -1.60 -7.24 6.08
CA ASN A 109 -0.31 -7.73 5.60
C ASN A 109 0.51 -6.56 5.10
N TYR A 110 1.79 -6.79 4.87
CA TYR A 110 2.65 -5.76 4.32
C TYR A 110 3.80 -6.42 3.56
N ILE A 111 4.14 -5.90 2.41
CA ILE A 111 5.11 -6.56 1.56
C ILE A 111 6.39 -5.74 1.48
N HIS A 112 7.46 -6.29 2.06
CA HIS A 112 8.75 -5.66 2.00
C HIS A 112 9.78 -6.66 1.49
N ILE A 113 10.76 -6.18 0.76
CA ILE A 113 11.79 -7.02 0.17
C ILE A 113 12.60 -7.74 1.24
N GLY A 1 11.86 11.95 -23.83
CA GLY A 1 11.42 11.76 -22.43
C GLY A 1 11.82 12.91 -21.54
N SER A 2 11.23 12.99 -20.36
CA SER A 2 11.54 14.07 -19.44
C SER A 2 12.35 13.57 -18.26
N SER A 3 11.90 12.48 -17.64
CA SER A 3 12.59 11.94 -16.48
C SER A 3 12.16 10.49 -16.23
N ILE A 4 13.13 9.58 -16.31
CA ILE A 4 12.88 8.18 -16.04
C ILE A 4 13.51 7.76 -14.72
N SER A 5 12.70 7.73 -13.68
CA SER A 5 13.13 7.28 -12.36
C SER A 5 11.92 6.73 -11.61
N HIS A 6 10.92 7.58 -11.43
CA HIS A 6 9.59 7.16 -10.98
C HIS A 6 8.61 8.29 -11.23
N SER A 7 8.86 9.02 -12.30
CA SER A 7 8.06 10.18 -12.68
C SER A 7 6.75 9.76 -13.35
N GLY A 8 6.14 8.74 -12.79
CA GLY A 8 4.91 8.20 -13.34
C GLY A 8 4.63 6.82 -12.78
N ASN A 9 3.79 6.08 -13.47
CA ASN A 9 3.42 4.73 -13.05
C ASN A 9 2.67 4.06 -14.19
N LEU A 10 2.57 2.75 -14.15
CA LEU A 10 1.77 2.00 -15.10
C LEU A 10 0.30 2.19 -14.78
N TYR A 11 0.05 2.68 -13.57
CA TYR A 11 -1.30 2.93 -13.09
C TYR A 11 -1.79 4.31 -13.54
N THR A 12 -2.95 4.70 -13.04
CA THR A 12 -3.60 5.93 -13.47
C THR A 12 -2.95 7.17 -12.83
N ALA A 13 -3.52 7.63 -11.73
CA ALA A 13 -3.06 8.82 -11.05
C ALA A 13 -3.86 9.04 -9.78
N GLY A 14 -3.18 9.06 -8.65
CA GLY A 14 -3.86 9.27 -7.38
C GLY A 14 -4.64 8.05 -6.94
N GLN A 15 -4.23 6.87 -7.40
CA GLN A 15 -4.89 5.63 -7.01
C GLN A 15 -4.14 4.98 -5.85
N CYS A 16 -4.77 4.02 -5.17
CA CYS A 16 -4.16 3.37 -4.02
C CYS A 16 -2.85 2.69 -4.40
N THR A 17 -2.93 1.77 -5.34
CA THR A 17 -1.78 1.02 -5.80
C THR A 17 -0.90 1.86 -6.73
N TRP A 18 -1.29 3.12 -6.92
CA TRP A 18 -0.50 4.08 -7.67
C TRP A 18 0.37 4.88 -6.71
N TYR A 19 -0.29 5.44 -5.69
CA TYR A 19 0.38 6.27 -4.69
C TYR A 19 1.42 5.47 -3.92
N VAL A 20 1.04 4.26 -3.50
CA VAL A 20 1.96 3.36 -2.80
C VAL A 20 3.24 3.14 -3.62
N TYR A 21 3.06 2.98 -4.92
CA TYR A 21 4.16 2.67 -5.82
C TYR A 21 5.12 3.86 -5.94
N ASP A 22 4.58 5.06 -6.05
CA ASP A 22 5.42 6.25 -6.15
C ASP A 22 6.11 6.54 -4.82
N LYS A 23 5.41 6.27 -3.72
CA LYS A 23 5.97 6.51 -2.38
C LYS A 23 7.18 5.63 -2.11
N VAL A 24 7.18 4.42 -2.65
CA VAL A 24 8.32 3.52 -2.50
C VAL A 24 9.36 3.77 -3.59
N GLY A 25 9.10 4.78 -4.41
CA GLY A 25 10.04 5.15 -5.46
C GLY A 25 10.19 4.10 -6.53
N GLY A 26 9.16 3.28 -6.71
CA GLY A 26 9.22 2.21 -7.68
C GLY A 26 10.09 1.05 -7.23
N GLU A 27 10.29 0.95 -5.92
CA GLU A 27 11.05 -0.17 -5.36
C GLU A 27 10.29 -1.47 -5.57
N ILE A 28 9.00 -1.43 -5.24
CA ILE A 28 8.14 -2.60 -5.39
C ILE A 28 6.84 -2.16 -6.05
N GLY A 29 6.25 -3.03 -6.87
CA GLY A 29 4.91 -2.77 -7.33
C GLY A 29 4.65 -3.13 -8.77
N SER A 30 3.48 -2.70 -9.25
CA SER A 30 3.02 -2.96 -10.62
C SER A 30 2.61 -4.43 -10.80
N THR A 31 3.49 -5.33 -10.41
CA THR A 31 3.27 -6.76 -10.59
C THR A 31 2.34 -7.34 -9.53
N TRP A 32 2.08 -6.57 -8.47
CA TRP A 32 1.28 -7.06 -7.35
C TRP A 32 -0.22 -7.13 -7.68
N GLY A 33 -0.60 -6.64 -8.85
CA GLY A 33 -2.00 -6.63 -9.22
C GLY A 33 -2.75 -5.50 -8.56
N ASN A 34 -3.84 -5.84 -7.88
CA ASN A 34 -4.58 -4.86 -7.11
C ASN A 34 -4.40 -5.14 -5.63
N ALA A 35 -5.06 -4.35 -4.79
CA ALA A 35 -4.88 -4.43 -3.35
C ALA A 35 -5.36 -5.76 -2.77
N ASN A 36 -6.27 -6.43 -3.48
CA ASN A 36 -6.83 -7.69 -3.01
C ASN A 36 -5.97 -8.86 -3.45
N ASN A 37 -5.13 -8.63 -4.44
CA ASN A 37 -4.27 -9.68 -4.98
C ASN A 37 -2.82 -9.43 -4.57
N TRP A 38 -2.65 -8.45 -3.70
CA TRP A 38 -1.32 -7.95 -3.32
C TRP A 38 -0.40 -9.06 -2.85
N ALA A 39 -0.66 -9.59 -1.65
CA ALA A 39 0.21 -10.59 -1.06
C ALA A 39 0.46 -11.75 -2.01
N ALA A 40 -0.57 -12.15 -2.75
CA ALA A 40 -0.46 -13.23 -3.71
C ALA A 40 0.55 -12.89 -4.82
N ALA A 41 0.32 -11.78 -5.50
CA ALA A 41 1.18 -11.36 -6.61
C ALA A 41 2.56 -10.93 -6.11
N ALA A 42 2.57 -10.29 -4.95
CA ALA A 42 3.82 -9.90 -4.28
C ALA A 42 4.73 -11.11 -4.09
N GLN A 43 4.16 -12.20 -3.57
CA GLN A 43 4.90 -13.44 -3.35
C GLN A 43 5.39 -14.01 -4.67
N GLY A 44 4.61 -13.81 -5.72
CA GLY A 44 5.02 -14.24 -7.04
C GLY A 44 6.21 -13.45 -7.54
N ALA A 45 6.25 -12.16 -7.17
CA ALA A 45 7.39 -11.31 -7.49
C ALA A 45 8.55 -11.57 -6.54
N GLY A 46 8.29 -12.36 -5.51
CA GLY A 46 9.34 -12.76 -4.60
C GLY A 46 9.40 -11.93 -3.34
N PHE A 47 8.35 -11.17 -3.06
CA PHE A 47 8.32 -10.35 -1.86
C PHE A 47 8.05 -11.22 -0.63
N THR A 48 8.53 -10.77 0.51
CA THR A 48 8.29 -11.46 1.77
C THR A 48 7.13 -10.77 2.48
N VAL A 49 5.99 -11.44 2.55
CA VAL A 49 4.83 -10.83 3.18
C VAL A 49 4.61 -11.39 4.58
N ASN A 50 4.48 -10.49 5.53
CA ASN A 50 4.11 -10.83 6.88
C ASN A 50 2.90 -9.98 7.18
N HIS A 51 2.82 -9.46 8.39
CA HIS A 51 1.81 -8.45 8.71
C HIS A 51 2.20 -7.65 9.93
N THR A 52 2.94 -6.58 9.71
CA THR A 52 3.37 -5.68 10.76
C THR A 52 3.70 -4.31 10.16
N PRO A 53 2.72 -3.38 10.12
CA PRO A 53 2.91 -2.05 9.54
C PRO A 53 4.10 -1.29 10.14
N SER A 54 4.83 -0.59 9.28
CA SER A 54 6.04 0.11 9.68
C SER A 54 6.32 1.23 8.68
N LYS A 55 7.09 2.23 9.10
CA LYS A 55 7.38 3.38 8.26
C LYS A 55 8.09 2.96 6.98
N GLY A 56 7.44 3.18 5.84
CA GLY A 56 8.04 2.86 4.57
C GLY A 56 7.47 1.58 3.99
N ALA A 57 6.61 0.92 4.75
CA ALA A 57 5.96 -0.30 4.30
C ALA A 57 4.54 -0.01 3.83
N ILE A 58 3.74 -1.06 3.68
CA ILE A 58 2.38 -0.91 3.19
C ILE A 58 1.43 -1.71 4.08
N LEU A 59 0.14 -1.58 3.84
CA LEU A 59 -0.88 -2.17 4.70
C LEU A 59 -2.00 -2.80 3.89
N GLN A 60 -2.05 -4.12 3.85
CA GLN A 60 -3.11 -4.83 3.13
C GLN A 60 -4.12 -5.43 4.08
N SER A 61 -5.40 -5.34 3.73
CA SER A 61 -6.47 -5.90 4.56
C SER A 61 -6.85 -7.29 4.08
N SER A 62 -6.73 -7.52 2.77
CA SER A 62 -7.11 -8.79 2.13
C SER A 62 -8.63 -9.00 2.17
N GLU A 63 -9.35 -7.97 2.57
CA GLU A 63 -10.81 -8.01 2.59
C GLU A 63 -11.37 -6.90 1.72
N GLY A 64 -12.55 -7.13 1.15
CA GLY A 64 -13.16 -6.13 0.30
C GLY A 64 -13.10 -6.52 -1.17
N PRO A 65 -13.83 -5.81 -2.04
CA PRO A 65 -13.90 -6.12 -3.47
C PRO A 65 -12.53 -6.02 -4.14
N PHE A 66 -11.84 -4.90 -3.93
CA PHE A 66 -10.50 -4.71 -4.46
C PHE A 66 -9.47 -4.74 -3.36
N GLY A 67 -9.86 -5.27 -2.21
CA GLY A 67 -8.96 -5.37 -1.08
C GLY A 67 -8.73 -4.02 -0.42
N HIS A 68 -7.47 -3.74 -0.06
CA HIS A 68 -7.12 -2.50 0.62
C HIS A 68 -5.63 -2.45 0.88
N VAL A 69 -4.90 -1.59 0.18
CA VAL A 69 -3.52 -1.35 0.51
C VAL A 69 -3.27 0.12 0.81
N ALA A 70 -2.84 0.38 2.03
CA ALA A 70 -2.52 1.73 2.46
C ALA A 70 -1.04 1.84 2.75
N TYR A 71 -0.38 2.80 2.15
CA TYR A 71 1.06 2.96 2.35
C TYR A 71 1.34 3.46 3.76
N VAL A 72 2.15 2.72 4.49
CA VAL A 72 2.44 3.04 5.88
C VAL A 72 3.57 4.04 5.99
N GLU A 73 3.28 5.20 6.56
CA GLU A 73 4.30 6.22 6.69
C GLU A 73 4.85 6.25 8.11
N SER A 74 4.10 5.75 9.08
CA SER A 74 4.54 5.73 10.47
C SER A 74 3.78 4.72 11.30
N VAL A 75 4.47 4.08 12.23
CA VAL A 75 3.81 3.33 13.29
C VAL A 75 4.10 4.01 14.61
N ASN A 76 3.06 4.46 15.27
CA ASN A 76 3.20 5.32 16.43
C ASN A 76 3.62 4.52 17.66
N SER A 77 4.15 5.23 18.64
CA SER A 77 4.72 4.62 19.83
C SER A 77 3.63 3.95 20.67
N ASP A 78 2.40 4.41 20.52
CA ASP A 78 1.27 3.87 21.28
C ASP A 78 0.70 2.63 20.61
N GLY A 79 1.20 2.31 19.42
CA GLY A 79 0.74 1.13 18.71
C GLY A 79 -0.07 1.47 17.47
N SER A 80 -0.68 2.65 17.46
CA SER A 80 -1.47 3.09 16.32
C SER A 80 -0.60 3.31 15.10
N VAL A 81 -1.13 3.00 13.92
CA VAL A 81 -0.36 3.12 12.69
C VAL A 81 -0.92 4.23 11.80
N THR A 82 -0.04 5.13 11.39
CA THR A 82 -0.42 6.22 10.52
C THR A 82 -0.09 5.88 9.07
N ILE A 83 -1.11 5.74 8.24
CA ILE A 83 -0.93 5.38 6.85
C ILE A 83 -1.39 6.50 5.92
N SER A 84 -1.00 6.40 4.67
CA SER A 84 -1.44 7.31 3.65
C SER A 84 -1.94 6.54 2.43
N GLU A 85 -3.25 6.35 2.37
CA GLU A 85 -3.88 5.66 1.25
C GLU A 85 -4.65 6.64 0.38
N MET A 86 -4.07 6.98 -0.77
CA MET A 86 -4.68 7.94 -1.67
C MET A 86 -5.80 7.30 -2.48
N ASN A 87 -7.03 7.72 -2.20
CA ASN A 87 -8.22 7.34 -2.99
C ASN A 87 -8.65 5.90 -2.78
N TYR A 88 -7.79 4.95 -3.15
CA TYR A 88 -8.15 3.53 -3.21
C TYR A 88 -9.11 3.27 -4.36
N SER A 89 -10.34 3.73 -4.21
CA SER A 89 -11.33 3.65 -5.27
C SER A 89 -12.59 4.38 -4.84
N GLY A 90 -12.54 5.70 -4.90
CA GLY A 90 -13.66 6.51 -4.46
C GLY A 90 -13.46 7.98 -4.78
N GLY A 91 -12.70 8.66 -3.93
CA GLY A 91 -12.39 10.06 -4.17
C GLY A 91 -10.98 10.24 -4.69
N PRO A 92 -10.82 10.55 -5.98
CA PRO A 92 -9.50 10.69 -6.61
C PRO A 92 -8.58 11.64 -5.85
N PHE A 93 -7.41 11.12 -5.48
CA PHE A 93 -6.36 11.87 -4.78
C PHE A 93 -6.73 12.19 -3.33
N SER A 94 -7.85 11.67 -2.86
CA SER A 94 -8.17 11.80 -1.45
C SER A 94 -7.22 10.94 -0.64
N VAL A 95 -6.12 11.53 -0.23
CA VAL A 95 -5.15 10.82 0.57
C VAL A 95 -5.74 10.51 1.95
N SER A 96 -6.34 9.34 2.06
CA SER A 96 -7.07 8.98 3.27
C SER A 96 -6.11 8.78 4.43
N SER A 97 -6.26 9.63 5.43
CA SER A 97 -5.43 9.56 6.61
C SER A 97 -6.12 8.70 7.67
N ARG A 98 -5.70 7.46 7.77
CA ARG A 98 -6.32 6.52 8.69
C ARG A 98 -5.30 6.09 9.75
N THR A 99 -5.80 5.74 10.93
CA THR A 99 -4.95 5.35 12.03
C THR A 99 -5.32 3.95 12.51
N ILE A 100 -4.47 2.99 12.19
CA ILE A 100 -4.72 1.59 12.49
C ILE A 100 -4.40 1.29 13.94
N SER A 101 -5.34 0.67 14.64
CA SER A 101 -5.09 0.17 15.97
C SER A 101 -4.33 -1.17 15.85
N ALA A 102 -3.45 -1.44 16.81
CA ALA A 102 -2.63 -2.65 16.82
C ALA A 102 -3.45 -3.92 16.53
N SER A 103 -4.68 -3.95 17.01
CA SER A 103 -5.55 -5.10 16.82
C SER A 103 -5.77 -5.38 15.33
N GLU A 104 -6.02 -4.34 14.55
CA GLU A 104 -6.19 -4.49 13.11
C GLU A 104 -4.85 -4.62 12.43
N ALA A 105 -3.84 -3.97 13.00
CA ALA A 105 -2.47 -4.06 12.48
C ALA A 105 -2.00 -5.51 12.45
N GLY A 106 -2.58 -6.32 13.34
CA GLY A 106 -2.27 -7.73 13.38
C GLY A 106 -2.70 -8.49 12.13
N ASN A 107 -3.78 -8.06 11.49
CA ASN A 107 -4.28 -8.76 10.30
C ASN A 107 -3.84 -8.06 9.03
N TYR A 108 -3.31 -6.85 9.17
CA TYR A 108 -2.88 -6.08 8.01
C TYR A 108 -1.52 -6.52 7.51
N ASN A 109 -1.52 -7.13 6.33
CA ASN A 109 -0.30 -7.68 5.74
C ASN A 109 0.53 -6.58 5.11
N TYR A 110 1.80 -6.87 4.85
CA TYR A 110 2.66 -5.96 4.13
C TYR A 110 3.68 -6.78 3.34
N ILE A 111 4.29 -6.19 2.33
CA ILE A 111 5.20 -6.94 1.48
C ILE A 111 6.60 -6.33 1.49
N HIS A 112 7.58 -7.17 1.79
CA HIS A 112 8.97 -6.75 1.89
C HIS A 112 9.77 -7.19 0.66
N ILE A 113 10.75 -6.39 0.30
CA ILE A 113 11.71 -6.75 -0.74
C ILE A 113 12.73 -7.73 -0.18
N GLY A 1 -0.01 21.94 -23.65
CA GLY A 1 1.15 21.76 -22.75
C GLY A 1 0.89 20.67 -21.73
N SER A 2 1.82 20.53 -20.78
CA SER A 2 1.75 19.52 -19.74
C SER A 2 1.44 18.13 -20.32
N SER A 3 2.15 17.77 -21.38
CA SER A 3 1.97 16.47 -22.01
C SER A 3 2.77 15.40 -21.27
N ILE A 4 2.06 14.50 -20.62
CA ILE A 4 2.68 13.42 -19.87
C ILE A 4 2.34 12.08 -20.52
N SER A 5 3.29 11.16 -20.55
CA SER A 5 3.07 9.86 -21.14
C SER A 5 2.48 8.91 -20.10
N HIS A 6 1.16 8.82 -20.10
CA HIS A 6 0.42 8.01 -19.12
C HIS A 6 0.59 8.59 -17.72
N SER A 7 1.70 8.27 -17.09
CA SER A 7 2.01 8.76 -15.74
C SER A 7 3.49 8.58 -15.46
N GLY A 8 3.95 9.05 -14.30
CA GLY A 8 5.32 8.83 -13.91
C GLY A 8 5.55 7.38 -13.53
N ASN A 9 4.53 6.77 -12.94
CA ASN A 9 4.56 5.37 -12.60
C ASN A 9 3.71 4.56 -13.57
N LEU A 10 3.54 3.28 -13.30
CA LEU A 10 2.88 2.38 -14.24
C LEU A 10 1.37 2.31 -14.03
N TYR A 11 0.94 2.62 -12.83
CA TYR A 11 -0.44 2.34 -12.43
C TYR A 11 -1.40 3.38 -13.01
N THR A 12 -2.70 3.15 -12.81
CA THR A 12 -3.76 4.01 -13.32
C THR A 12 -3.61 5.47 -12.89
N ALA A 13 -4.20 5.82 -11.75
CA ALA A 13 -4.19 7.19 -11.26
C ALA A 13 -4.96 7.29 -9.96
N GLY A 14 -4.31 7.87 -8.95
CA GLY A 14 -4.98 8.19 -7.70
C GLY A 14 -5.23 6.99 -6.80
N GLN A 15 -5.09 5.79 -7.33
CA GLN A 15 -5.46 4.56 -6.60
C GLN A 15 -4.58 4.37 -5.37
N CYS A 16 -5.06 3.58 -4.41
CA CYS A 16 -4.24 3.21 -3.26
C CYS A 16 -2.97 2.52 -3.73
N THR A 17 -3.14 1.61 -4.67
CA THR A 17 -2.02 0.84 -5.19
C THR A 17 -1.12 1.73 -6.04
N TRP A 18 -1.74 2.73 -6.65
CA TRP A 18 -1.01 3.73 -7.42
C TRP A 18 -0.19 4.62 -6.49
N TYR A 19 -0.86 5.14 -5.46
CA TYR A 19 -0.24 6.01 -4.49
C TYR A 19 0.89 5.30 -3.73
N VAL A 20 0.62 4.07 -3.32
CA VAL A 20 1.61 3.26 -2.62
C VAL A 20 2.85 3.07 -3.49
N TYR A 21 2.63 2.74 -4.76
CA TYR A 21 3.73 2.48 -5.67
C TYR A 21 4.61 3.71 -5.84
N ASP A 22 3.98 4.89 -5.87
CA ASP A 22 4.71 6.14 -5.97
C ASP A 22 5.50 6.42 -4.69
N LYS A 23 4.84 6.24 -3.55
CA LYS A 23 5.44 6.51 -2.24
C LYS A 23 6.64 5.60 -1.96
N VAL A 24 6.55 4.34 -2.39
CA VAL A 24 7.65 3.40 -2.18
C VAL A 24 8.77 3.64 -3.20
N GLY A 25 8.52 4.54 -4.14
CA GLY A 25 9.55 4.93 -5.09
C GLY A 25 9.68 3.97 -6.26
N GLY A 26 8.66 3.14 -6.44
CA GLY A 26 8.69 2.16 -7.51
C GLY A 26 9.62 1.00 -7.21
N GLU A 27 9.84 0.75 -5.93
CA GLU A 27 10.70 -0.35 -5.51
C GLU A 27 9.97 -1.69 -5.64
N ILE A 28 8.79 -1.77 -5.05
CA ILE A 28 8.07 -3.03 -4.94
C ILE A 28 6.80 -3.04 -5.78
N GLY A 29 6.51 -4.20 -6.37
CA GLY A 29 5.21 -4.44 -6.94
C GLY A 29 5.15 -4.25 -8.44
N SER A 30 4.80 -3.02 -8.85
CA SER A 30 4.58 -2.63 -10.26
C SER A 30 3.41 -3.40 -10.90
N THR A 31 3.49 -4.72 -10.89
CA THR A 31 2.50 -5.56 -11.55
C THR A 31 1.81 -6.47 -10.52
N TRP A 32 1.73 -6.00 -9.28
CA TRP A 32 1.11 -6.76 -8.19
C TRP A 32 -0.39 -6.90 -8.38
N GLY A 33 -0.94 -6.26 -9.41
CA GLY A 33 -2.36 -6.30 -9.60
C GLY A 33 -3.07 -5.23 -8.82
N ASN A 34 -4.00 -5.64 -7.98
CA ASN A 34 -4.67 -4.71 -7.08
C ASN A 34 -4.38 -5.11 -5.65
N ALA A 35 -4.92 -4.35 -4.71
CA ALA A 35 -4.63 -4.56 -3.30
C ALA A 35 -5.04 -5.95 -2.82
N ASN A 36 -6.16 -6.44 -3.31
CA ASN A 36 -6.68 -7.74 -2.89
C ASN A 36 -5.86 -8.89 -3.46
N ASN A 37 -5.07 -8.61 -4.48
CA ASN A 37 -4.22 -9.61 -5.11
C ASN A 37 -2.78 -9.45 -4.62
N TRP A 38 -2.58 -8.45 -3.76
CA TRP A 38 -1.25 -8.05 -3.32
C TRP A 38 -0.42 -9.20 -2.80
N ALA A 39 -0.90 -9.86 -1.75
CA ALA A 39 -0.12 -10.90 -1.08
C ALA A 39 0.28 -12.02 -2.05
N ALA A 40 -0.62 -12.35 -2.98
CA ALA A 40 -0.34 -13.36 -3.98
C ALA A 40 0.70 -12.87 -4.99
N ALA A 41 0.50 -11.67 -5.50
CA ALA A 41 1.40 -11.10 -6.50
C ALA A 41 2.77 -10.80 -5.90
N ALA A 42 2.77 -10.24 -4.70
CA ALA A 42 4.00 -9.87 -4.00
C ALA A 42 4.89 -11.09 -3.79
N GLN A 43 4.31 -12.15 -3.24
CA GLN A 43 5.05 -13.38 -2.98
C GLN A 43 5.53 -14.01 -4.29
N GLY A 44 4.70 -13.90 -5.33
CA GLY A 44 5.07 -14.39 -6.64
C GLY A 44 6.24 -13.60 -7.22
N ALA A 45 6.30 -12.32 -6.88
CA ALA A 45 7.41 -11.47 -7.30
C ALA A 45 8.65 -11.74 -6.47
N GLY A 46 8.46 -12.36 -5.31
CA GLY A 46 9.58 -12.73 -4.48
C GLY A 46 9.74 -11.85 -3.26
N PHE A 47 8.64 -11.23 -2.83
CA PHE A 47 8.69 -10.40 -1.63
C PHE A 47 8.57 -11.26 -0.39
N THR A 48 9.01 -10.71 0.72
CA THR A 48 8.83 -11.34 2.01
C THR A 48 7.67 -10.68 2.73
N VAL A 49 6.50 -11.28 2.65
CA VAL A 49 5.33 -10.68 3.24
C VAL A 49 4.96 -11.40 4.53
N ASN A 50 4.71 -10.62 5.55
CA ASN A 50 4.15 -11.11 6.78
C ASN A 50 2.90 -10.29 7.03
N HIS A 51 2.66 -9.88 8.24
CA HIS A 51 1.61 -8.93 8.51
C HIS A 51 1.89 -8.12 9.76
N THR A 52 2.66 -7.08 9.57
CA THR A 52 3.01 -6.14 10.64
C THR A 52 3.53 -4.85 10.02
N PRO A 53 2.68 -3.81 9.94
CA PRO A 53 3.06 -2.53 9.33
C PRO A 53 4.26 -1.88 10.01
N SER A 54 4.98 -1.07 9.25
CA SER A 54 6.21 -0.44 9.73
C SER A 54 6.49 0.80 8.91
N LYS A 55 7.33 1.68 9.42
CA LYS A 55 7.61 2.95 8.75
C LYS A 55 8.29 2.70 7.41
N GLY A 56 7.59 3.00 6.33
CA GLY A 56 8.15 2.81 5.01
C GLY A 56 7.58 1.59 4.31
N ALA A 57 6.72 0.87 5.00
CA ALA A 57 6.09 -0.33 4.43
C ALA A 57 4.67 -0.03 3.96
N ILE A 58 3.85 -1.06 3.82
CA ILE A 58 2.49 -0.88 3.33
C ILE A 58 1.52 -1.71 4.18
N LEU A 59 0.22 -1.57 3.93
CA LEU A 59 -0.82 -2.27 4.66
C LEU A 59 -1.56 -3.23 3.71
N GLN A 60 -2.36 -4.13 4.25
CA GLN A 60 -3.12 -5.07 3.42
C GLN A 60 -4.20 -5.79 4.24
N SER A 61 -5.42 -5.77 3.71
CA SER A 61 -6.54 -6.46 4.34
C SER A 61 -7.00 -7.65 3.49
N SER A 62 -6.69 -7.59 2.20
CA SER A 62 -7.15 -8.58 1.22
C SER A 62 -8.66 -8.46 0.94
N GLU A 63 -9.40 -7.96 1.93
CA GLU A 63 -10.82 -7.71 1.78
C GLU A 63 -11.03 -6.37 1.10
N GLY A 64 -12.15 -6.22 0.40
CA GLY A 64 -12.46 -4.98 -0.27
C GLY A 64 -12.58 -5.14 -1.77
N PRO A 65 -13.20 -4.17 -2.46
CA PRO A 65 -13.38 -4.21 -3.92
C PRO A 65 -12.04 -4.32 -4.65
N PHE A 66 -11.15 -3.38 -4.37
CA PHE A 66 -9.80 -3.42 -4.92
C PHE A 66 -8.85 -3.99 -3.89
N GLY A 67 -9.36 -4.22 -2.69
CA GLY A 67 -8.53 -4.63 -1.57
C GLY A 67 -8.29 -3.47 -0.63
N HIS A 68 -7.21 -3.54 0.16
CA HIS A 68 -6.87 -2.46 1.09
C HIS A 68 -5.36 -2.39 1.31
N VAL A 69 -4.63 -1.70 0.43
CA VAL A 69 -3.23 -1.47 0.70
C VAL A 69 -2.95 0.02 0.85
N ALA A 70 -2.65 0.41 2.07
CA ALA A 70 -2.31 1.78 2.37
C ALA A 70 -0.85 1.85 2.74
N TYR A 71 -0.14 2.80 2.17
CA TYR A 71 1.27 2.94 2.44
C TYR A 71 1.49 3.43 3.86
N VAL A 72 2.33 2.72 4.61
CA VAL A 72 2.56 3.04 6.00
C VAL A 72 3.60 4.15 6.12
N GLU A 73 3.13 5.32 6.51
CA GLU A 73 3.99 6.48 6.67
C GLU A 73 4.89 6.30 7.89
N SER A 74 4.38 5.57 8.88
CA SER A 74 5.09 5.39 10.14
C SER A 74 4.21 4.62 11.13
N VAL A 75 4.85 4.04 12.13
CA VAL A 75 4.14 3.40 13.22
C VAL A 75 4.40 4.17 14.50
N ASN A 76 3.33 4.66 15.12
CA ASN A 76 3.45 5.56 16.26
C ASN A 76 3.87 4.80 17.50
N SER A 77 4.46 5.52 18.45
CA SER A 77 4.96 4.92 19.67
C SER A 77 3.82 4.38 20.56
N ASP A 78 2.60 4.76 20.23
CA ASP A 78 1.42 4.29 20.96
C ASP A 78 0.93 2.97 20.39
N GLY A 79 1.58 2.50 19.35
CA GLY A 79 1.18 1.25 18.72
C GLY A 79 0.29 1.48 17.53
N SER A 80 -0.29 2.68 17.45
CA SER A 80 -1.15 3.05 16.34
C SER A 80 -0.31 3.31 15.09
N VAL A 81 -0.82 2.89 13.95
CA VAL A 81 -0.09 2.99 12.71
C VAL A 81 -0.70 4.06 11.81
N THR A 82 0.15 4.96 11.33
CA THR A 82 -0.27 6.02 10.43
C THR A 82 -0.10 5.57 8.97
N ILE A 83 -1.21 5.39 8.27
CA ILE A 83 -1.17 4.95 6.89
C ILE A 83 -1.68 6.04 5.96
N SER A 84 -1.20 6.02 4.73
CA SER A 84 -1.61 6.99 3.73
C SER A 84 -1.97 6.28 2.42
N GLU A 85 -3.24 6.34 2.07
CA GLU A 85 -3.72 5.77 0.80
C GLU A 85 -4.59 6.79 0.08
N MET A 86 -4.31 7.00 -1.20
CA MET A 86 -5.01 8.01 -1.97
C MET A 86 -6.24 7.40 -2.65
N ASN A 87 -7.36 8.13 -2.61
CA ASN A 87 -8.60 7.78 -3.34
C ASN A 87 -9.27 6.52 -2.78
N TYR A 88 -8.59 5.38 -2.90
CA TYR A 88 -9.16 4.07 -2.57
C TYR A 88 -10.32 3.74 -3.50
N SER A 89 -11.49 4.26 -3.19
CA SER A 89 -12.69 4.01 -3.98
C SER A 89 -13.70 5.11 -3.72
N GLY A 90 -13.62 6.18 -4.49
CA GLY A 90 -14.57 7.27 -4.33
C GLY A 90 -14.00 8.59 -4.78
N GLY A 91 -13.50 9.37 -3.82
CA GLY A 91 -12.99 10.69 -4.11
C GLY A 91 -11.63 10.65 -4.78
N PRO A 92 -11.53 11.10 -6.03
CA PRO A 92 -10.27 11.08 -6.78
C PRO A 92 -9.19 11.90 -6.11
N PHE A 93 -8.10 11.23 -5.75
CA PHE A 93 -6.98 11.84 -5.04
C PHE A 93 -7.37 12.29 -3.64
N SER A 94 -8.47 11.78 -3.12
CA SER A 94 -8.78 11.99 -1.72
C SER A 94 -7.94 11.05 -0.90
N VAL A 95 -6.70 11.46 -0.62
CA VAL A 95 -5.82 10.69 0.23
C VAL A 95 -6.50 10.48 1.59
N SER A 96 -6.95 9.25 1.81
CA SER A 96 -7.78 8.93 2.95
C SER A 96 -6.91 8.72 4.19
N SER A 97 -6.91 9.73 5.05
CA SER A 97 -6.16 9.67 6.29
C SER A 97 -6.78 8.65 7.24
N ARG A 98 -6.06 7.57 7.52
CA ARG A 98 -6.55 6.52 8.39
C ARG A 98 -5.54 6.24 9.51
N THR A 99 -6.03 5.66 10.58
CA THR A 99 -5.18 5.31 11.71
C THR A 99 -5.45 3.88 12.15
N ILE A 100 -4.43 3.04 12.07
CA ILE A 100 -4.58 1.63 12.38
C ILE A 100 -4.18 1.33 13.82
N SER A 101 -5.10 0.81 14.61
CA SER A 101 -4.78 0.35 15.94
C SER A 101 -4.02 -0.98 15.85
N ALA A 102 -3.15 -1.24 16.82
CA ALA A 102 -2.36 -2.47 16.83
C ALA A 102 -3.24 -3.71 16.70
N SER A 103 -4.43 -3.65 17.27
CA SER A 103 -5.38 -4.76 17.21
C SER A 103 -5.71 -5.12 15.76
N GLU A 104 -5.91 -4.11 14.92
CA GLU A 104 -6.18 -4.34 13.50
C GLU A 104 -4.89 -4.55 12.74
N ALA A 105 -3.82 -3.89 13.18
CA ALA A 105 -2.50 -4.04 12.56
C ALA A 105 -2.05 -5.48 12.61
N GLY A 106 -2.58 -6.23 13.56
CA GLY A 106 -2.29 -7.65 13.66
C GLY A 106 -2.72 -8.45 12.46
N ASN A 107 -3.79 -8.04 11.78
CA ASN A 107 -4.29 -8.81 10.65
C ASN A 107 -3.88 -8.20 9.31
N TYR A 108 -3.26 -7.03 9.35
CA TYR A 108 -2.89 -6.33 8.14
C TYR A 108 -1.54 -6.82 7.61
N ASN A 109 -1.55 -7.34 6.40
CA ASN A 109 -0.35 -7.85 5.75
C ASN A 109 0.47 -6.69 5.20
N TYR A 110 1.70 -6.96 4.82
CA TYR A 110 2.54 -5.97 4.19
C TYR A 110 3.58 -6.68 3.32
N ILE A 111 4.04 -6.05 2.26
CA ILE A 111 4.96 -6.71 1.36
C ILE A 111 6.26 -5.94 1.27
N HIS A 112 7.34 -6.59 1.65
CA HIS A 112 8.64 -5.98 1.59
C HIS A 112 9.64 -6.99 1.05
N ILE A 113 10.67 -6.51 0.38
CA ILE A 113 11.72 -7.36 -0.09
C ILE A 113 12.41 -8.05 1.10
N GLY A 1 23.23 2.36 -9.76
CA GLY A 1 23.44 2.23 -11.23
C GLY A 1 22.16 2.45 -12.00
N SER A 2 21.41 3.48 -11.62
CA SER A 2 20.15 3.80 -12.28
C SER A 2 19.90 5.30 -12.20
N SER A 3 19.03 5.81 -13.05
CA SER A 3 18.72 7.22 -13.06
C SER A 3 17.22 7.44 -12.83
N ILE A 4 16.83 7.46 -11.56
CA ILE A 4 15.44 7.72 -11.21
C ILE A 4 15.28 9.19 -10.84
N SER A 5 14.56 9.92 -11.68
CA SER A 5 14.36 11.34 -11.47
C SER A 5 12.93 11.71 -11.80
N HIS A 6 12.55 11.44 -13.04
CA HIS A 6 11.17 11.59 -13.46
C HIS A 6 10.70 10.28 -14.09
N SER A 7 10.20 9.39 -13.24
CA SER A 7 9.69 8.11 -13.70
C SER A 7 8.35 7.82 -13.03
N GLY A 8 7.27 8.15 -13.71
CA GLY A 8 5.94 8.02 -13.14
C GLY A 8 5.47 6.59 -13.06
N ASN A 9 4.36 6.40 -12.36
CA ASN A 9 3.76 5.10 -12.17
C ASN A 9 2.97 4.68 -13.40
N LEU A 10 2.99 3.39 -13.69
CA LEU A 10 2.25 2.83 -14.82
C LEU A 10 0.74 2.88 -14.56
N TYR A 11 0.39 2.95 -13.28
CA TYR A 11 -1.00 2.91 -12.85
C TYR A 11 -1.78 4.14 -13.30
N THR A 12 -3.04 4.21 -12.87
CA THR A 12 -3.98 5.24 -13.29
C THR A 12 -3.57 6.63 -12.80
N ALA A 13 -4.05 6.99 -11.61
CA ALA A 13 -3.80 8.30 -11.03
C ALA A 13 -4.43 8.40 -9.66
N GLY A 14 -3.61 8.73 -8.66
CA GLY A 14 -4.11 8.95 -7.31
C GLY A 14 -4.55 7.67 -6.62
N GLN A 15 -4.54 6.56 -7.33
CA GLN A 15 -5.04 5.28 -6.80
C GLN A 15 -4.23 4.81 -5.61
N CYS A 16 -4.83 3.93 -4.80
CA CYS A 16 -4.14 3.36 -3.65
C CYS A 16 -2.88 2.66 -4.08
N THR A 17 -2.99 1.80 -5.09
CA THR A 17 -1.87 1.03 -5.59
C THR A 17 -0.99 1.88 -6.52
N TRP A 18 -1.41 3.13 -6.72
CA TRP A 18 -0.65 4.09 -7.49
C TRP A 18 0.22 4.92 -6.55
N TYR A 19 -0.41 5.45 -5.51
CA TYR A 19 0.28 6.26 -4.52
C TYR A 19 1.31 5.43 -3.76
N VAL A 20 0.92 4.22 -3.39
CA VAL A 20 1.82 3.29 -2.74
C VAL A 20 3.10 3.09 -3.55
N TYR A 21 2.94 2.80 -4.84
CA TYR A 21 4.07 2.52 -5.71
C TYR A 21 4.92 3.78 -5.93
N ASP A 22 4.26 4.93 -5.90
CA ASP A 22 4.94 6.21 -6.03
C ASP A 22 5.82 6.47 -4.81
N LYS A 23 5.25 6.25 -3.64
CA LYS A 23 5.94 6.50 -2.37
C LYS A 23 7.13 5.58 -2.16
N VAL A 24 7.04 4.35 -2.67
CA VAL A 24 8.14 3.40 -2.55
C VAL A 24 9.18 3.64 -3.64
N GLY A 25 8.88 4.58 -4.54
CA GLY A 25 9.83 4.97 -5.57
C GLY A 25 10.01 3.92 -6.64
N GLY A 26 9.09 2.98 -6.72
CA GLY A 26 9.20 1.91 -7.69
C GLY A 26 10.13 0.80 -7.23
N GLU A 27 10.60 0.89 -5.99
CA GLU A 27 11.46 -0.14 -5.41
C GLU A 27 10.70 -1.46 -5.34
N ILE A 28 9.42 -1.36 -5.02
CA ILE A 28 8.56 -2.52 -4.90
C ILE A 28 7.22 -2.26 -5.57
N GLY A 29 6.72 -3.25 -6.30
CA GLY A 29 5.35 -3.18 -6.75
C GLY A 29 5.18 -3.40 -8.24
N SER A 30 4.11 -2.80 -8.78
CA SER A 30 3.73 -2.86 -10.20
C SER A 30 3.22 -4.24 -10.61
N THR A 31 3.90 -5.29 -10.19
CA THR A 31 3.55 -6.64 -10.56
C THR A 31 2.67 -7.31 -9.51
N TRP A 32 2.17 -6.51 -8.55
CA TRP A 32 1.35 -7.04 -7.47
C TRP A 32 -0.13 -7.13 -7.85
N GLY A 33 -0.47 -6.60 -9.02
CA GLY A 33 -1.86 -6.61 -9.43
C GLY A 33 -2.64 -5.47 -8.83
N ASN A 34 -3.73 -5.79 -8.15
CA ASN A 34 -4.48 -4.80 -7.40
C ASN A 34 -4.33 -5.11 -5.92
N ALA A 35 -4.95 -4.28 -5.09
CA ALA A 35 -4.78 -4.38 -3.64
C ALA A 35 -5.15 -5.77 -3.10
N ASN A 36 -6.28 -6.30 -3.53
CA ASN A 36 -6.78 -7.59 -3.03
C ASN A 36 -5.90 -8.75 -3.50
N ASN A 37 -5.13 -8.51 -4.55
CA ASN A 37 -4.30 -9.54 -5.15
C ASN A 37 -2.85 -9.36 -4.70
N TRP A 38 -2.64 -8.42 -3.77
CA TRP A 38 -1.31 -8.05 -3.31
C TRP A 38 -0.51 -9.24 -2.81
N ALA A 39 -0.96 -9.82 -1.69
CA ALA A 39 -0.20 -10.87 -1.02
C ALA A 39 0.07 -12.04 -1.95
N ALA A 40 -0.79 -12.20 -2.95
CA ALA A 40 -0.63 -13.25 -3.94
C ALA A 40 0.48 -12.90 -4.94
N ALA A 41 0.32 -11.75 -5.59
CA ALA A 41 1.26 -11.34 -6.64
C ALA A 41 2.60 -10.93 -6.07
N ALA A 42 2.58 -10.30 -4.90
CA ALA A 42 3.80 -9.90 -4.20
C ALA A 42 4.69 -11.12 -3.95
N GLN A 43 4.08 -12.24 -3.63
CA GLN A 43 4.80 -13.48 -3.41
C GLN A 43 5.50 -13.93 -4.68
N GLY A 44 4.78 -13.88 -5.80
CA GLY A 44 5.36 -14.24 -7.09
C GLY A 44 6.39 -13.22 -7.56
N ALA A 45 6.17 -11.96 -7.19
CA ALA A 45 7.10 -10.89 -7.53
C ALA A 45 8.38 -11.01 -6.71
N GLY A 46 8.33 -11.79 -5.64
CA GLY A 46 9.50 -12.03 -4.83
C GLY A 46 9.59 -11.11 -3.63
N PHE A 47 8.44 -10.81 -3.03
CA PHE A 47 8.42 -10.02 -1.80
C PHE A 47 8.15 -10.94 -0.62
N THR A 48 8.69 -10.59 0.55
CA THR A 48 8.42 -11.34 1.76
C THR A 48 7.20 -10.75 2.45
N VAL A 49 6.11 -11.50 2.52
CA VAL A 49 4.92 -10.98 3.17
C VAL A 49 4.83 -11.51 4.59
N ASN A 50 4.74 -10.59 5.54
CA ASN A 50 4.49 -10.91 6.92
C ASN A 50 3.25 -10.14 7.31
N HIS A 51 3.22 -9.66 8.54
CA HIS A 51 2.16 -8.74 8.94
C HIS A 51 2.56 -7.93 10.16
N THR A 52 3.21 -6.79 9.90
CA THR A 52 3.63 -5.86 10.93
C THR A 52 3.89 -4.48 10.30
N PRO A 53 2.89 -3.59 10.33
CA PRO A 53 3.00 -2.25 9.72
C PRO A 53 4.23 -1.48 10.20
N SER A 54 4.85 -0.74 9.28
CA SER A 54 6.08 -0.02 9.53
C SER A 54 6.26 1.05 8.47
N LYS A 55 6.98 2.12 8.78
CA LYS A 55 7.17 3.20 7.81
C LYS A 55 7.93 2.69 6.60
N GLY A 56 7.50 3.13 5.43
CA GLY A 56 8.11 2.67 4.19
C GLY A 56 7.46 1.41 3.66
N ALA A 57 6.69 0.74 4.52
CA ALA A 57 6.00 -0.48 4.13
C ALA A 57 4.55 -0.16 3.78
N ILE A 58 3.77 -1.17 3.45
CA ILE A 58 2.39 -0.95 3.03
C ILE A 58 1.46 -1.95 3.70
N LEU A 59 0.24 -1.51 3.97
CA LEU A 59 -0.76 -2.34 4.64
C LEU A 59 -1.58 -3.14 3.63
N GLN A 60 -2.29 -4.15 4.10
CA GLN A 60 -3.14 -4.97 3.25
C GLN A 60 -4.33 -5.55 4.03
N SER A 61 -5.49 -5.54 3.40
CA SER A 61 -6.70 -6.11 3.97
C SER A 61 -7.67 -6.46 2.86
N SER A 62 -8.28 -7.63 2.94
CA SER A 62 -9.26 -8.04 1.96
C SER A 62 -10.67 -7.75 2.47
N GLU A 63 -11.20 -6.59 2.13
CA GLU A 63 -12.50 -6.17 2.62
C GLU A 63 -13.61 -6.43 1.61
N GLY A 64 -13.24 -6.95 0.46
CA GLY A 64 -14.24 -7.26 -0.55
C GLY A 64 -13.98 -6.62 -1.91
N PRO A 65 -14.18 -5.30 -2.04
CA PRO A 65 -14.20 -4.60 -3.33
C PRO A 65 -13.01 -4.93 -4.22
N PHE A 66 -11.83 -4.51 -3.80
CA PHE A 66 -10.64 -4.71 -4.62
C PHE A 66 -9.39 -4.76 -3.75
N GLY A 67 -9.59 -4.93 -2.45
CA GLY A 67 -8.48 -5.00 -1.53
C GLY A 67 -8.21 -3.67 -0.87
N HIS A 68 -7.29 -3.66 0.08
CA HIS A 68 -7.00 -2.46 0.86
C HIS A 68 -5.52 -2.34 1.11
N VAL A 69 -4.80 -1.61 0.27
CA VAL A 69 -3.39 -1.40 0.53
C VAL A 69 -3.11 0.08 0.77
N ALA A 70 -2.61 0.37 1.96
CA ALA A 70 -2.32 1.73 2.36
C ALA A 70 -0.85 1.85 2.71
N TYR A 71 -0.17 2.79 2.09
CA TYR A 71 1.25 2.96 2.32
C TYR A 71 1.47 3.52 3.72
N VAL A 72 2.29 2.83 4.50
CA VAL A 72 2.50 3.19 5.88
C VAL A 72 3.55 4.28 6.00
N GLU A 73 3.17 5.40 6.57
CA GLU A 73 4.06 6.53 6.72
C GLU A 73 4.84 6.45 8.02
N SER A 74 4.27 5.77 9.02
CA SER A 74 4.91 5.65 10.33
C SER A 74 4.05 4.81 11.28
N VAL A 75 4.70 4.23 12.27
CA VAL A 75 3.99 3.57 13.36
C VAL A 75 4.18 4.38 14.63
N ASN A 76 3.08 4.81 15.22
CA ASN A 76 3.11 5.73 16.35
C ASN A 76 3.52 5.00 17.62
N SER A 77 4.03 5.76 18.59
CA SER A 77 4.44 5.19 19.87
C SER A 77 3.20 4.87 20.71
N ASP A 78 2.05 5.30 20.21
CA ASP A 78 0.78 5.06 20.87
C ASP A 78 0.22 3.69 20.48
N GLY A 79 0.95 2.99 19.62
CA GLY A 79 0.51 1.69 19.13
C GLY A 79 -0.45 1.82 17.96
N SER A 80 -0.63 3.05 17.51
CA SER A 80 -1.45 3.31 16.35
C SER A 80 -0.57 3.48 15.11
N VAL A 81 -1.06 3.05 13.97
CA VAL A 81 -0.27 3.12 12.75
C VAL A 81 -0.84 4.17 11.80
N THR A 82 0.04 5.07 11.37
CA THR A 82 -0.33 6.13 10.47
C THR A 82 -0.09 5.70 9.02
N ILE A 83 -1.16 5.43 8.30
CA ILE A 83 -1.07 4.99 6.91
C ILE A 83 -1.60 6.07 5.97
N SER A 84 -1.05 6.11 4.78
CA SER A 84 -1.43 7.10 3.80
C SER A 84 -1.87 6.41 2.50
N GLU A 85 -3.17 6.27 2.34
CA GLU A 85 -3.75 5.69 1.14
C GLU A 85 -4.52 6.75 0.36
N MET A 86 -3.96 7.17 -0.77
CA MET A 86 -4.60 8.21 -1.56
C MET A 86 -5.71 7.63 -2.41
N ASN A 87 -6.87 8.28 -2.37
CA ASN A 87 -8.04 7.93 -3.21
C ASN A 87 -8.68 6.63 -2.76
N TYR A 88 -7.92 5.54 -2.86
CA TYR A 88 -8.40 4.20 -2.56
C TYR A 88 -9.48 3.82 -3.58
N SER A 89 -10.70 4.25 -3.31
CA SER A 89 -11.85 4.07 -4.19
C SER A 89 -13.00 4.91 -3.69
N GLY A 90 -12.67 6.08 -3.15
CA GLY A 90 -13.68 6.94 -2.56
C GLY A 90 -13.66 8.31 -3.18
N GLY A 91 -12.85 9.19 -2.62
CA GLY A 91 -12.68 10.50 -3.19
C GLY A 91 -11.44 10.57 -4.05
N PRO A 92 -11.57 11.01 -5.31
CA PRO A 92 -10.42 11.16 -6.21
C PRO A 92 -9.29 11.97 -5.60
N PHE A 93 -8.17 11.28 -5.36
CA PHE A 93 -6.98 11.86 -4.75
C PHE A 93 -7.19 12.23 -3.28
N SER A 94 -8.30 11.80 -2.70
CA SER A 94 -8.50 11.99 -1.27
C SER A 94 -7.59 11.04 -0.53
N VAL A 95 -6.39 11.49 -0.25
CA VAL A 95 -5.45 10.72 0.52
C VAL A 95 -6.01 10.45 1.92
N SER A 96 -6.58 9.27 2.09
CA SER A 96 -7.28 8.92 3.31
C SER A 96 -6.30 8.63 4.43
N SER A 97 -6.27 9.51 5.41
CA SER A 97 -5.42 9.32 6.58
C SER A 97 -6.11 8.40 7.59
N ARG A 98 -5.83 7.11 7.48
CA ARG A 98 -6.40 6.14 8.40
C ARG A 98 -5.46 5.94 9.58
N THR A 99 -5.98 5.36 10.64
CA THR A 99 -5.18 5.09 11.83
C THR A 99 -5.41 3.67 12.31
N ILE A 100 -4.44 2.81 12.07
CA ILE A 100 -4.57 1.39 12.38
C ILE A 100 -4.25 1.11 13.85
N SER A 101 -5.14 0.41 14.51
CA SER A 101 -4.85 -0.07 15.85
C SER A 101 -4.03 -1.36 15.75
N ALA A 102 -3.08 -1.53 16.65
CA ALA A 102 -2.16 -2.68 16.61
C ALA A 102 -2.91 -4.02 16.59
N SER A 103 -4.10 -4.03 17.18
CA SER A 103 -4.93 -5.22 17.22
C SER A 103 -5.26 -5.72 15.80
N GLU A 104 -5.58 -4.79 14.90
CA GLU A 104 -5.85 -5.14 13.51
C GLU A 104 -4.56 -5.13 12.71
N ALA A 105 -3.56 -4.42 13.22
CA ALA A 105 -2.25 -4.34 12.57
C ALA A 105 -1.61 -5.73 12.47
N GLY A 106 -1.84 -6.56 13.48
CA GLY A 106 -1.34 -7.92 13.45
C GLY A 106 -2.02 -8.76 12.38
N ASN A 107 -3.18 -8.30 11.91
CA ASN A 107 -3.92 -9.00 10.88
C ASN A 107 -3.46 -8.59 9.49
N TYR A 108 -3.10 -7.32 9.35
CA TYR A 108 -2.77 -6.75 8.05
C TYR A 108 -1.40 -7.21 7.57
N ASN A 109 -1.39 -7.91 6.45
CA ASN A 109 -0.14 -8.40 5.86
C ASN A 109 0.57 -7.27 5.13
N TYR A 110 1.89 -7.33 5.10
CA TYR A 110 2.66 -6.33 4.40
C TYR A 110 3.77 -7.00 3.62
N ILE A 111 4.19 -6.39 2.52
CA ILE A 111 5.16 -7.04 1.65
C ILE A 111 6.51 -6.34 1.73
N HIS A 112 7.57 -7.14 1.83
CA HIS A 112 8.92 -6.64 2.02
C HIS A 112 9.83 -7.00 0.85
N ILE A 113 10.79 -6.13 0.56
CA ILE A 113 11.83 -6.43 -0.42
C ILE A 113 12.97 -7.17 0.27
N GLY A 1 14.56 14.24 -17.68
CA GLY A 1 14.04 15.28 -16.77
C GLY A 1 13.04 14.73 -15.78
N SER A 2 11.98 14.12 -16.29
CA SER A 2 10.96 13.51 -15.44
C SER A 2 11.49 12.25 -14.80
N SER A 3 11.62 12.26 -13.49
CA SER A 3 12.13 11.10 -12.77
C SER A 3 10.97 10.33 -12.12
N ILE A 4 10.43 9.36 -12.85
CA ILE A 4 9.36 8.52 -12.35
C ILE A 4 9.87 7.10 -12.14
N SER A 5 10.66 6.63 -13.10
CA SER A 5 11.25 5.29 -13.07
C SER A 5 10.21 4.20 -13.31
N HIS A 6 10.65 3.07 -13.85
CA HIS A 6 9.79 1.90 -14.06
C HIS A 6 8.65 2.21 -15.05
N SER A 7 8.81 3.28 -15.81
CA SER A 7 7.80 3.74 -16.77
C SER A 7 6.49 4.09 -16.05
N GLY A 8 6.59 4.34 -14.75
CA GLY A 8 5.42 4.63 -13.96
C GLY A 8 4.95 3.43 -13.17
N ASN A 9 3.65 3.33 -12.96
CA ASN A 9 3.10 2.21 -12.20
C ASN A 9 1.97 1.53 -12.97
N LEU A 10 1.80 1.96 -14.21
CA LEU A 10 0.77 1.42 -15.11
C LEU A 10 -0.66 1.64 -14.59
N TYR A 11 -0.79 2.29 -13.44
CA TYR A 11 -2.08 2.41 -12.80
C TYR A 11 -2.71 3.78 -13.03
N THR A 12 -3.94 3.92 -12.56
CA THR A 12 -4.72 5.13 -12.76
C THR A 12 -4.22 6.25 -11.84
N ALA A 13 -4.30 7.47 -12.34
CA ALA A 13 -3.85 8.64 -11.59
C ALA A 13 -4.49 8.73 -10.22
N GLY A 14 -3.68 8.53 -9.18
CA GLY A 14 -4.17 8.67 -7.82
C GLY A 14 -4.99 7.47 -7.38
N GLN A 15 -4.52 6.28 -7.68
CA GLN A 15 -5.16 5.05 -7.18
C GLN A 15 -4.56 4.64 -5.85
N CYS A 16 -5.29 3.82 -5.09
CA CYS A 16 -4.80 3.28 -3.83
C CYS A 16 -3.48 2.55 -4.02
N THR A 17 -3.48 1.62 -4.97
CA THR A 17 -2.28 0.85 -5.27
C THR A 17 -1.27 1.70 -6.02
N TRP A 18 -1.74 2.76 -6.63
CA TRP A 18 -0.88 3.65 -7.39
C TRP A 18 -0.04 4.51 -6.44
N TYR A 19 -0.70 5.10 -5.45
CA TYR A 19 -0.05 6.01 -4.52
C TYR A 19 1.02 5.29 -3.69
N VAL A 20 0.73 4.06 -3.32
CA VAL A 20 1.67 3.24 -2.58
C VAL A 20 2.99 3.09 -3.34
N TYR A 21 2.87 2.86 -4.65
CA TYR A 21 4.03 2.66 -5.50
C TYR A 21 4.79 3.98 -5.66
N ASP A 22 4.05 5.07 -5.72
CA ASP A 22 4.63 6.41 -5.78
C ASP A 22 5.42 6.71 -4.51
N LYS A 23 4.81 6.42 -3.37
CA LYS A 23 5.42 6.69 -2.07
C LYS A 23 6.69 5.86 -1.86
N VAL A 24 6.71 4.63 -2.36
CA VAL A 24 7.90 3.80 -2.23
C VAL A 24 8.91 4.13 -3.34
N GLY A 25 8.51 4.99 -4.26
CA GLY A 25 9.40 5.38 -5.34
C GLY A 25 9.68 4.24 -6.30
N GLY A 26 8.65 3.44 -6.58
CA GLY A 26 8.79 2.33 -7.51
C GLY A 26 9.68 1.23 -6.96
N GLU A 27 9.90 1.23 -5.65
CA GLU A 27 10.78 0.28 -5.00
C GLU A 27 10.23 -1.14 -5.10
N ILE A 28 8.96 -1.31 -4.76
CA ILE A 28 8.31 -2.62 -4.84
C ILE A 28 6.96 -2.50 -5.55
N GLY A 29 6.61 -3.52 -6.33
CA GLY A 29 5.24 -3.63 -6.78
C GLY A 29 5.05 -3.54 -8.27
N SER A 30 4.01 -2.80 -8.67
CA SER A 30 3.53 -2.67 -10.06
C SER A 30 3.02 -4.00 -10.64
N THR A 31 3.75 -5.08 -10.39
CA THR A 31 3.36 -6.40 -10.87
C THR A 31 2.52 -7.13 -9.83
N TRP A 32 2.06 -6.40 -8.81
CA TRP A 32 1.27 -7.01 -7.74
C TRP A 32 -0.22 -7.08 -8.10
N GLY A 33 -0.58 -6.49 -9.24
CA GLY A 33 -1.97 -6.45 -9.62
C GLY A 33 -2.72 -5.37 -8.89
N ASN A 34 -3.68 -5.78 -8.07
CA ASN A 34 -4.43 -4.87 -7.26
C ASN A 34 -4.38 -5.32 -5.81
N ALA A 35 -4.86 -4.48 -4.90
CA ALA A 35 -4.71 -4.70 -3.46
C ALA A 35 -5.15 -6.10 -3.02
N ASN A 36 -6.33 -6.52 -3.47
CA ASN A 36 -6.89 -7.82 -3.12
C ASN A 36 -5.92 -8.97 -3.43
N ASN A 37 -5.14 -8.81 -4.48
CA ASN A 37 -4.27 -9.88 -4.96
C ASN A 37 -2.83 -9.64 -4.51
N TRP A 38 -2.63 -8.63 -3.66
CA TRP A 38 -1.30 -8.22 -3.22
C TRP A 38 -0.47 -9.38 -2.69
N ALA A 39 -0.92 -10.00 -1.61
CA ALA A 39 -0.15 -11.04 -0.96
C ALA A 39 0.25 -12.15 -1.93
N ALA A 40 -0.64 -12.47 -2.85
CA ALA A 40 -0.36 -13.49 -3.85
C ALA A 40 0.69 -13.02 -4.84
N ALA A 41 0.45 -11.85 -5.44
CA ALA A 41 1.34 -11.32 -6.47
C ALA A 41 2.70 -10.95 -5.88
N ALA A 42 2.68 -10.35 -4.70
CA ALA A 42 3.90 -9.94 -4.01
C ALA A 42 4.79 -11.16 -3.73
N GLN A 43 4.18 -12.21 -3.17
CA GLN A 43 4.93 -13.44 -2.86
C GLN A 43 5.49 -14.07 -4.13
N GLY A 44 4.66 -14.14 -5.18
CA GLY A 44 5.11 -14.68 -6.43
C GLY A 44 6.25 -13.88 -7.04
N ALA A 45 6.20 -12.57 -6.86
CA ALA A 45 7.23 -11.67 -7.38
C ALA A 45 8.51 -11.76 -6.58
N GLY A 46 8.42 -12.38 -5.40
CA GLY A 46 9.61 -12.60 -4.59
C GLY A 46 9.69 -11.66 -3.40
N PHE A 47 8.60 -10.99 -3.08
CA PHE A 47 8.57 -10.08 -1.94
C PHE A 47 8.47 -10.87 -0.65
N THR A 48 8.98 -10.28 0.41
CA THR A 48 8.85 -10.87 1.73
C THR A 48 7.56 -10.37 2.37
N VAL A 49 6.55 -11.22 2.39
CA VAL A 49 5.23 -10.82 2.89
C VAL A 49 5.04 -11.28 4.32
N ASN A 50 4.91 -10.33 5.21
CA ASN A 50 4.62 -10.59 6.60
C ASN A 50 3.35 -9.82 6.95
N HIS A 51 3.21 -9.43 8.19
CA HIS A 51 2.09 -8.61 8.60
C HIS A 51 2.43 -7.77 9.83
N THR A 52 3.23 -6.75 9.61
CA THR A 52 3.66 -5.84 10.65
C THR A 52 4.08 -4.51 10.03
N PRO A 53 3.18 -3.53 9.99
CA PRO A 53 3.45 -2.22 9.38
C PRO A 53 4.55 -1.44 10.10
N SER A 54 5.27 -0.64 9.33
CA SER A 54 6.33 0.21 9.84
C SER A 54 6.71 1.19 8.72
N LYS A 55 7.55 2.16 9.02
CA LYS A 55 7.93 3.17 8.04
C LYS A 55 8.45 2.53 6.75
N GLY A 56 7.73 2.73 5.66
CA GLY A 56 8.15 2.20 4.38
C GLY A 56 7.44 0.91 4.04
N ALA A 57 6.61 0.43 4.95
CA ALA A 57 5.84 -0.78 4.71
C ALA A 57 4.48 -0.43 4.13
N ILE A 58 3.61 -1.43 4.02
CA ILE A 58 2.28 -1.22 3.47
C ILE A 58 1.23 -1.88 4.36
N LEU A 59 0.00 -1.91 3.89
CA LEU A 59 -1.10 -2.52 4.62
C LEU A 59 -1.88 -3.41 3.65
N GLN A 60 -2.76 -4.25 4.17
CA GLN A 60 -3.55 -5.13 3.32
C GLN A 60 -4.79 -5.64 4.03
N SER A 61 -5.91 -5.59 3.32
CA SER A 61 -7.15 -6.19 3.75
C SER A 61 -7.75 -6.95 2.57
N SER A 62 -8.28 -8.13 2.81
CA SER A 62 -8.77 -8.99 1.75
C SER A 62 -10.05 -8.46 1.12
N GLU A 63 -10.75 -7.59 1.83
CA GLU A 63 -12.04 -7.10 1.38
C GLU A 63 -11.95 -5.70 0.80
N GLY A 64 -13.10 -5.16 0.42
CA GLY A 64 -13.15 -3.86 -0.22
C GLY A 64 -13.66 -3.96 -1.64
N PRO A 65 -13.42 -2.95 -2.48
CA PRO A 65 -13.84 -3.00 -3.88
C PRO A 65 -12.92 -3.89 -4.71
N PHE A 66 -11.67 -3.96 -4.27
CA PHE A 66 -10.66 -4.80 -4.89
C PHE A 66 -9.44 -4.88 -3.97
N GLY A 67 -9.70 -4.85 -2.67
CA GLY A 67 -8.64 -4.94 -1.68
C GLY A 67 -8.38 -3.63 -0.98
N HIS A 68 -7.46 -3.63 -0.03
CA HIS A 68 -7.12 -2.43 0.72
C HIS A 68 -5.65 -2.40 1.07
N VAL A 69 -4.84 -1.71 0.27
CA VAL A 69 -3.44 -1.55 0.60
C VAL A 69 -3.09 -0.08 0.79
N ALA A 70 -2.58 0.24 1.96
CA ALA A 70 -2.23 1.60 2.31
C ALA A 70 -0.77 1.67 2.71
N TYR A 71 -0.06 2.64 2.17
CA TYR A 71 1.36 2.77 2.43
C TYR A 71 1.60 3.30 3.84
N VAL A 72 2.50 2.63 4.55
CA VAL A 72 2.80 2.97 5.94
C VAL A 72 3.92 4.00 6.00
N GLU A 73 3.64 5.13 6.66
CA GLU A 73 4.66 6.15 6.82
C GLU A 73 5.37 5.99 8.15
N SER A 74 4.67 5.48 9.15
CA SER A 74 5.24 5.29 10.48
C SER A 74 4.27 4.63 11.44
N VAL A 75 4.79 3.83 12.35
CA VAL A 75 4.00 3.32 13.46
C VAL A 75 4.21 4.22 14.68
N ASN A 76 3.12 4.60 15.33
CA ASN A 76 3.19 5.55 16.42
C ASN A 76 3.50 4.86 17.73
N SER A 77 3.77 5.65 18.76
CA SER A 77 4.12 5.13 20.07
C SER A 77 2.91 4.53 20.80
N ASP A 78 1.72 4.76 20.26
CA ASP A 78 0.50 4.21 20.84
C ASP A 78 0.21 2.82 20.30
N GLY A 79 1.07 2.37 19.41
CA GLY A 79 0.84 1.09 18.75
C GLY A 79 0.08 1.27 17.46
N SER A 80 -0.62 2.39 17.38
CA SER A 80 -1.38 2.74 16.19
C SER A 80 -0.44 3.11 15.04
N VAL A 81 -0.85 2.78 13.83
CA VAL A 81 0.00 2.98 12.66
C VAL A 81 -0.55 4.07 11.76
N THR A 82 0.30 5.01 11.40
CA THR A 82 -0.07 6.09 10.50
C THR A 82 0.18 5.68 9.06
N ILE A 83 -0.90 5.56 8.29
CA ILE A 83 -0.81 5.16 6.89
C ILE A 83 -1.40 6.22 5.99
N SER A 84 -0.87 6.31 4.78
CA SER A 84 -1.39 7.25 3.79
C SER A 84 -1.58 6.55 2.46
N GLU A 85 -2.82 6.23 2.17
CA GLU A 85 -3.20 5.69 0.88
C GLU A 85 -3.97 6.77 0.13
N MET A 86 -4.08 6.65 -1.18
CA MET A 86 -4.81 7.63 -1.95
C MET A 86 -5.95 6.96 -2.68
N ASN A 87 -7.09 7.62 -2.71
CA ASN A 87 -8.29 7.11 -3.38
C ASN A 87 -8.91 5.97 -2.57
N TYR A 88 -8.23 4.82 -2.52
CA TYR A 88 -8.76 3.60 -1.90
C TYR A 88 -10.05 3.14 -2.59
N SER A 89 -11.13 3.88 -2.39
CA SER A 89 -12.43 3.52 -2.94
C SER A 89 -13.27 4.77 -3.16
N GLY A 90 -14.06 4.77 -4.22
CA GLY A 90 -14.99 5.86 -4.46
C GLY A 90 -14.48 6.84 -5.48
N GLY A 91 -13.54 7.68 -5.06
CA GLY A 91 -13.01 8.70 -5.95
C GLY A 91 -11.50 8.67 -6.04
N PRO A 92 -10.92 9.30 -7.05
CA PRO A 92 -9.47 9.39 -7.21
C PRO A 92 -8.87 10.51 -6.35
N PHE A 93 -7.69 10.25 -5.82
CA PHE A 93 -6.91 11.24 -5.07
C PHE A 93 -7.46 11.51 -3.68
N SER A 94 -8.53 10.84 -3.28
CA SER A 94 -9.00 10.96 -1.90
C SER A 94 -8.02 10.30 -0.96
N VAL A 95 -7.03 11.04 -0.49
CA VAL A 95 -6.00 10.48 0.36
C VAL A 95 -6.64 9.94 1.63
N SER A 96 -6.81 8.63 1.68
CA SER A 96 -7.46 7.99 2.80
C SER A 96 -6.52 7.95 4.00
N SER A 97 -6.57 9.02 4.77
CA SER A 97 -5.74 9.14 5.97
C SER A 97 -6.36 8.33 7.11
N ARG A 98 -5.77 7.18 7.41
CA ARG A 98 -6.26 6.33 8.48
C ARG A 98 -5.16 6.06 9.49
N THR A 99 -5.58 5.69 10.69
CA THR A 99 -4.65 5.29 11.73
C THR A 99 -5.03 3.89 12.23
N ILE A 100 -4.21 2.91 11.90
CA ILE A 100 -4.51 1.52 12.19
C ILE A 100 -4.32 1.20 13.66
N SER A 101 -5.33 0.59 14.26
CA SER A 101 -5.23 0.13 15.63
C SER A 101 -4.31 -1.08 15.70
N ALA A 102 -3.45 -1.13 16.72
CA ALA A 102 -2.47 -2.21 16.87
C ALA A 102 -3.12 -3.59 16.75
N SER A 103 -4.35 -3.70 17.25
CA SER A 103 -5.09 -4.95 17.20
C SER A 103 -5.18 -5.49 15.76
N GLU A 104 -5.48 -4.60 14.83
CA GLU A 104 -5.61 -5.00 13.43
C GLU A 104 -4.29 -4.82 12.69
N ALA A 105 -3.37 -4.07 13.30
CA ALA A 105 -2.04 -3.88 12.72
C ALA A 105 -1.29 -5.21 12.67
N GLY A 106 -1.51 -6.03 13.69
CA GLY A 106 -0.91 -7.35 13.72
C GLY A 106 -1.57 -8.32 12.76
N ASN A 107 -2.72 -7.92 12.22
CA ASN A 107 -3.47 -8.74 11.27
C ASN A 107 -3.09 -8.39 9.84
N TYR A 108 -3.15 -7.10 9.52
CA TYR A 108 -2.96 -6.63 8.16
C TYR A 108 -1.59 -7.00 7.61
N ASN A 109 -1.59 -7.57 6.42
CA ASN A 109 -0.37 -8.00 5.76
C ASN A 109 0.35 -6.81 5.15
N TYR A 110 1.63 -6.98 4.90
CA TYR A 110 2.41 -5.98 4.20
C TYR A 110 3.52 -6.67 3.43
N ILE A 111 4.04 -6.00 2.42
CA ILE A 111 5.01 -6.62 1.56
C ILE A 111 6.26 -5.77 1.47
N HIS A 112 7.41 -6.40 1.65
CA HIS A 112 8.69 -5.70 1.50
C HIS A 112 9.69 -6.61 0.79
N ILE A 113 10.44 -6.05 -0.14
CA ILE A 113 11.38 -6.81 -0.93
C ILE A 113 12.45 -7.47 -0.05
N GLY A 1 17.57 7.43 -18.50
CA GLY A 1 16.35 6.78 -19.03
C GLY A 1 15.19 6.91 -18.07
N SER A 2 14.01 7.19 -18.60
CA SER A 2 12.80 7.34 -17.78
C SER A 2 12.38 6.00 -17.20
N SER A 3 12.76 4.92 -17.87
CA SER A 3 12.48 3.58 -17.39
C SER A 3 13.65 2.67 -17.75
N ILE A 4 14.51 2.43 -16.76
CA ILE A 4 15.67 1.55 -16.94
C ILE A 4 16.02 0.90 -15.61
N SER A 5 15.97 1.70 -14.55
CA SER A 5 16.16 1.19 -13.20
C SER A 5 14.80 0.90 -12.58
N HIS A 6 14.58 1.38 -11.35
CA HIS A 6 13.28 1.22 -10.71
C HIS A 6 12.25 2.05 -11.45
N SER A 7 11.25 1.38 -12.02
CA SER A 7 10.22 2.04 -12.80
C SER A 7 9.48 3.10 -11.97
N GLY A 8 9.34 4.30 -12.54
CA GLY A 8 8.77 5.42 -11.83
C GLY A 8 7.38 5.14 -11.29
N ASN A 9 6.40 5.05 -12.19
CA ASN A 9 5.05 4.70 -11.78
C ASN A 9 4.26 4.16 -12.95
N LEU A 10 3.63 3.02 -12.76
CA LEU A 10 2.96 2.32 -13.86
C LEU A 10 1.44 2.49 -13.84
N TYR A 11 0.85 2.43 -12.66
CA TYR A 11 -0.61 2.31 -12.54
C TYR A 11 -1.32 3.59 -12.98
N THR A 12 -2.66 3.55 -12.88
CA THR A 12 -3.56 4.58 -13.38
C THR A 12 -3.17 6.01 -12.94
N ALA A 13 -3.82 6.50 -11.88
CA ALA A 13 -3.61 7.83 -11.37
C ALA A 13 -4.46 8.06 -10.14
N GLY A 14 -3.84 8.51 -9.06
CA GLY A 14 -4.56 8.83 -7.84
C GLY A 14 -5.02 7.59 -7.09
N GLN A 15 -4.84 6.41 -7.69
CA GLN A 15 -5.31 5.15 -7.11
C GLN A 15 -4.57 4.83 -5.82
N CYS A 16 -5.14 3.94 -5.02
CA CYS A 16 -4.51 3.51 -3.78
C CYS A 16 -3.22 2.78 -4.07
N THR A 17 -3.27 1.86 -5.03
CA THR A 17 -2.10 1.10 -5.43
C THR A 17 -1.13 1.99 -6.19
N TRP A 18 -1.67 3.08 -6.73
CA TRP A 18 -0.88 4.06 -7.47
C TRP A 18 -0.07 4.92 -6.51
N TYR A 19 -0.74 5.47 -5.50
CA TYR A 19 -0.07 6.31 -4.51
C TYR A 19 1.01 5.52 -3.79
N VAL A 20 0.69 4.27 -3.46
CA VAL A 20 1.64 3.38 -2.83
C VAL A 20 2.91 3.25 -3.66
N TYR A 21 2.73 3.02 -4.95
CA TYR A 21 3.84 2.78 -5.85
C TYR A 21 4.72 4.02 -5.99
N ASP A 22 4.10 5.19 -6.01
CA ASP A 22 4.84 6.44 -6.13
C ASP A 22 5.68 6.72 -4.88
N LYS A 23 5.12 6.40 -3.72
CA LYS A 23 5.80 6.65 -2.45
C LYS A 23 6.96 5.69 -2.24
N VAL A 24 6.83 4.48 -2.75
CA VAL A 24 7.89 3.48 -2.60
C VAL A 24 8.96 3.65 -3.68
N GLY A 25 8.80 4.67 -4.51
CA GLY A 25 9.79 4.97 -5.53
C GLY A 25 9.81 3.93 -6.64
N GLY A 26 8.68 3.28 -6.86
CA GLY A 26 8.59 2.26 -7.88
C GLY A 26 9.48 1.07 -7.60
N GLU A 27 9.63 0.74 -6.33
CA GLU A 27 10.50 -0.35 -5.92
C GLU A 27 9.77 -1.70 -6.02
N ILE A 28 8.74 -1.88 -5.22
CA ILE A 28 8.14 -3.20 -5.08
C ILE A 28 6.90 -3.36 -5.94
N GLY A 29 6.62 -4.60 -6.33
CA GLY A 29 5.35 -4.94 -6.92
C GLY A 29 5.31 -4.70 -8.42
N SER A 30 5.11 -3.43 -8.79
CA SER A 30 4.91 -2.97 -10.18
C SER A 30 3.71 -3.63 -10.89
N THR A 31 3.63 -4.94 -10.83
CA THR A 31 2.59 -5.70 -11.50
C THR A 31 1.80 -6.53 -10.47
N TRP A 32 1.77 -6.06 -9.23
CA TRP A 32 1.09 -6.77 -8.15
C TRP A 32 -0.42 -6.82 -8.38
N GLY A 33 -0.91 -5.97 -9.27
CA GLY A 33 -2.33 -5.95 -9.54
C GLY A 33 -3.07 -5.00 -8.64
N ASN A 34 -3.87 -5.57 -7.74
CA ASN A 34 -4.65 -4.78 -6.80
C ASN A 34 -4.33 -5.22 -5.37
N ALA A 35 -4.97 -4.57 -4.42
CA ALA A 35 -4.63 -4.73 -3.01
C ALA A 35 -5.01 -6.10 -2.45
N ASN A 36 -6.20 -6.57 -2.79
CA ASN A 36 -6.70 -7.84 -2.25
C ASN A 36 -5.94 -9.04 -2.83
N ASN A 37 -5.06 -8.76 -3.77
CA ASN A 37 -4.25 -9.79 -4.41
C ASN A 37 -2.78 -9.51 -4.15
N TRP A 38 -2.51 -8.48 -3.34
CA TRP A 38 -1.15 -8.01 -3.10
C TRP A 38 -0.24 -9.13 -2.66
N ALA A 39 -0.53 -9.70 -1.50
CA ALA A 39 0.29 -10.77 -0.93
C ALA A 39 0.65 -11.82 -1.97
N ALA A 40 -0.34 -12.24 -2.74
CA ALA A 40 -0.14 -13.30 -3.73
C ALA A 40 0.77 -12.85 -4.87
N ALA A 41 0.60 -11.60 -5.31
CA ALA A 41 1.43 -11.04 -6.37
C ALA A 41 2.81 -10.69 -5.83
N ALA A 42 2.83 -10.17 -4.61
CA ALA A 42 4.06 -9.83 -3.92
C ALA A 42 4.95 -11.06 -3.77
N GLN A 43 4.35 -12.17 -3.35
CA GLN A 43 5.07 -13.42 -3.21
C GLN A 43 5.50 -13.95 -4.58
N GLY A 44 4.71 -13.62 -5.59
CA GLY A 44 5.08 -13.98 -6.95
C GLY A 44 6.33 -13.27 -7.39
N ALA A 45 6.53 -12.06 -6.87
CA ALA A 45 7.76 -11.31 -7.09
C ALA A 45 8.86 -11.82 -6.15
N GLY A 46 8.47 -12.17 -4.94
CA GLY A 46 9.41 -12.72 -3.99
C GLY A 46 9.45 -11.97 -2.67
N PHE A 47 8.34 -11.32 -2.33
CA PHE A 47 8.27 -10.55 -1.08
C PHE A 47 7.87 -11.46 0.08
N THR A 48 8.20 -11.02 1.28
CA THR A 48 7.83 -11.74 2.50
C THR A 48 6.60 -11.09 3.14
N VAL A 49 5.43 -11.66 2.94
CA VAL A 49 4.22 -11.04 3.43
C VAL A 49 3.86 -11.56 4.82
N ASN A 50 3.65 -10.63 5.75
CA ASN A 50 3.26 -10.96 7.13
C ASN A 50 3.25 -9.74 8.00
N HIS A 51 4.24 -8.88 7.78
CA HIS A 51 4.69 -7.99 8.83
C HIS A 51 3.63 -7.04 9.30
N THR A 52 3.49 -7.01 10.60
CA THR A 52 2.89 -5.92 11.29
C THR A 52 3.43 -4.59 10.74
N PRO A 53 2.55 -3.66 10.32
CA PRO A 53 2.94 -2.42 9.62
C PRO A 53 4.04 -1.62 10.30
N SER A 54 4.75 -0.84 9.48
CA SER A 54 5.91 -0.07 9.93
C SER A 54 6.16 1.03 8.91
N LYS A 55 7.06 1.97 9.21
CA LYS A 55 7.29 3.10 8.31
C LYS A 55 7.97 2.64 7.03
N GLY A 56 7.71 3.37 5.96
CA GLY A 56 8.32 3.08 4.68
C GLY A 56 7.86 1.76 4.10
N ALA A 57 6.60 1.42 4.37
CA ALA A 57 6.02 0.17 3.90
C ALA A 57 4.58 0.38 3.50
N ILE A 58 3.86 -0.72 3.33
CA ILE A 58 2.46 -0.64 2.92
C ILE A 58 1.63 -1.62 3.74
N LEU A 59 0.35 -1.30 3.89
CA LEU A 59 -0.55 -2.10 4.70
C LEU A 59 -1.66 -2.68 3.81
N GLN A 60 -1.83 -4.01 3.84
CA GLN A 60 -2.84 -4.66 3.01
C GLN A 60 -3.98 -5.26 3.81
N SER A 61 -5.19 -5.02 3.35
CA SER A 61 -6.39 -5.66 3.84
C SER A 61 -6.94 -6.59 2.77
N SER A 62 -7.51 -7.72 3.19
CA SER A 62 -8.02 -8.71 2.26
C SER A 62 -9.40 -8.32 1.71
N GLU A 63 -10.11 -7.49 2.48
CA GLU A 63 -11.45 -7.09 2.10
C GLU A 63 -11.43 -5.79 1.31
N GLY A 64 -12.49 -5.55 0.56
CA GLY A 64 -12.59 -4.35 -0.25
C GLY A 64 -12.72 -4.68 -1.73
N PRO A 65 -13.35 -3.80 -2.54
CA PRO A 65 -13.54 -4.02 -3.98
C PRO A 65 -12.23 -4.38 -4.67
N PHE A 66 -11.21 -3.57 -4.43
CA PHE A 66 -9.88 -3.85 -4.95
C PHE A 66 -8.96 -4.21 -3.78
N GLY A 67 -9.55 -4.31 -2.61
CA GLY A 67 -8.78 -4.54 -1.40
C GLY A 67 -8.28 -3.24 -0.80
N HIS A 68 -7.45 -3.33 0.22
CA HIS A 68 -6.87 -2.14 0.85
C HIS A 68 -5.36 -2.22 0.88
N VAL A 69 -4.68 -1.41 0.09
CA VAL A 69 -3.28 -1.18 0.35
C VAL A 69 -3.04 0.30 0.61
N ALA A 70 -2.75 0.59 1.86
CA ALA A 70 -2.45 1.93 2.27
C ALA A 70 -0.99 2.04 2.60
N TYR A 71 -0.32 2.98 1.99
CA TYR A 71 1.10 3.15 2.21
C TYR A 71 1.33 3.68 3.63
N VAL A 72 2.17 2.99 4.37
CA VAL A 72 2.40 3.30 5.76
C VAL A 72 3.50 4.32 5.91
N GLU A 73 3.18 5.46 6.49
CA GLU A 73 4.15 6.52 6.68
C GLU A 73 5.06 6.17 7.84
N SER A 74 4.50 5.56 8.87
CA SER A 74 5.23 5.26 10.09
C SER A 74 4.32 4.62 11.13
N VAL A 75 4.93 4.03 12.15
CA VAL A 75 4.19 3.51 13.29
C VAL A 75 4.28 4.50 14.45
N ASN A 76 3.20 4.64 15.19
CA ASN A 76 3.16 5.62 16.27
C ASN A 76 3.66 5.00 17.57
N SER A 77 3.79 5.83 18.60
CA SER A 77 4.32 5.41 19.89
C SER A 77 3.36 4.47 20.61
N ASP A 78 2.14 4.37 20.12
CA ASP A 78 1.12 3.58 20.80
C ASP A 78 0.93 2.22 20.14
N GLY A 79 1.65 2.00 19.05
CA GLY A 79 1.54 0.73 18.34
C GLY A 79 0.66 0.84 17.12
N SER A 80 -0.14 1.89 17.08
CA SER A 80 -0.99 2.15 15.93
C SER A 80 -0.17 2.77 14.80
N VAL A 81 -0.51 2.46 13.57
CA VAL A 81 0.28 2.93 12.43
C VAL A 81 -0.47 3.99 11.64
N THR A 82 0.27 4.97 11.16
CA THR A 82 -0.28 6.02 10.33
C THR A 82 -0.11 5.67 8.86
N ILE A 83 -1.23 5.52 8.17
CA ILE A 83 -1.21 5.10 6.77
C ILE A 83 -1.85 6.14 5.89
N SER A 84 -1.55 6.09 4.60
CA SER A 84 -2.15 6.98 3.64
C SER A 84 -2.39 6.26 2.31
N GLU A 85 -3.65 6.13 1.95
CA GLU A 85 -4.02 5.56 0.67
C GLU A 85 -4.89 6.55 -0.10
N MET A 86 -4.39 7.04 -1.21
CA MET A 86 -5.14 7.98 -2.04
C MET A 86 -6.24 7.27 -2.80
N ASN A 87 -7.38 7.94 -2.90
CA ASN A 87 -8.55 7.44 -3.60
C ASN A 87 -9.13 6.19 -2.97
N TYR A 88 -8.38 5.07 -3.08
CA TYR A 88 -8.87 3.75 -2.70
C TYR A 88 -10.07 3.35 -3.56
N SER A 89 -11.20 3.98 -3.30
CA SER A 89 -12.44 3.70 -4.01
C SER A 89 -13.49 4.71 -3.59
N GLY A 90 -13.51 5.87 -4.25
CA GLY A 90 -14.46 6.90 -3.88
C GLY A 90 -14.14 8.25 -4.48
N GLY A 91 -12.99 8.79 -4.13
CA GLY A 91 -12.60 10.11 -4.61
C GLY A 91 -11.15 10.16 -5.02
N PRO A 92 -10.86 10.62 -6.25
CA PRO A 92 -9.49 10.71 -6.77
C PRO A 92 -8.59 11.56 -5.87
N PHE A 93 -7.52 10.93 -5.39
CA PHE A 93 -6.50 11.58 -4.57
C PHE A 93 -7.00 11.87 -3.16
N SER A 94 -8.16 11.35 -2.82
CA SER A 94 -8.65 11.46 -1.46
C SER A 94 -7.82 10.57 -0.56
N VAL A 95 -6.73 11.12 -0.06
CA VAL A 95 -5.87 10.41 0.86
C VAL A 95 -6.68 9.97 2.09
N SER A 96 -6.91 8.68 2.20
CA SER A 96 -7.64 8.14 3.33
C SER A 96 -6.83 8.31 4.60
N SER A 97 -7.27 9.23 5.45
CA SER A 97 -6.58 9.51 6.68
C SER A 97 -7.02 8.54 7.77
N ARG A 98 -6.26 7.47 7.91
CA ARG A 98 -6.66 6.37 8.76
C ARG A 98 -5.49 5.91 9.63
N THR A 99 -5.80 5.55 10.87
CA THR A 99 -4.81 5.05 11.79
C THR A 99 -5.17 3.63 12.23
N ILE A 100 -4.33 2.67 11.87
CA ILE A 100 -4.59 1.28 12.17
C ILE A 100 -4.13 0.94 13.58
N SER A 101 -5.04 0.47 14.41
CA SER A 101 -4.69 0.01 15.74
C SER A 101 -3.89 -1.29 15.64
N ALA A 102 -3.00 -1.52 16.60
CA ALA A 102 -2.13 -2.71 16.60
C ALA A 102 -2.91 -4.00 16.37
N SER A 103 -4.06 -4.13 17.03
CA SER A 103 -4.88 -5.34 16.93
C SER A 103 -5.34 -5.58 15.50
N GLU A 104 -5.89 -4.54 14.88
CA GLU A 104 -6.32 -4.60 13.49
C GLU A 104 -5.11 -4.78 12.58
N ALA A 105 -4.02 -4.11 12.93
CA ALA A 105 -2.78 -4.21 12.17
C ALA A 105 -2.27 -5.64 12.13
N GLY A 106 -2.63 -6.41 13.16
CA GLY A 106 -2.18 -7.78 13.27
C GLY A 106 -2.67 -8.70 12.15
N ASN A 107 -3.77 -8.36 11.48
CA ASN A 107 -4.28 -9.24 10.43
C ASN A 107 -3.79 -8.84 9.06
N TYR A 108 -3.26 -7.63 8.94
CA TYR A 108 -2.89 -7.11 7.65
C TYR A 108 -1.52 -7.62 7.20
N ASN A 109 -1.19 -7.38 5.94
CA ASN A 109 0.06 -7.90 5.37
C ASN A 109 0.97 -6.78 4.88
N TYR A 110 2.14 -6.69 5.50
CA TYR A 110 3.24 -5.86 5.01
C TYR A 110 4.15 -6.77 4.22
N ILE A 111 4.41 -6.40 2.99
CA ILE A 111 5.21 -7.24 2.12
C ILE A 111 6.68 -6.85 2.19
N HIS A 112 7.47 -7.73 2.80
CA HIS A 112 8.89 -7.50 3.00
C HIS A 112 9.68 -7.59 1.70
N ILE A 113 10.69 -6.75 1.58
CA ILE A 113 11.57 -6.77 0.44
C ILE A 113 12.71 -7.76 0.68
N GLY A 1 12.95 4.61 -22.60
CA GLY A 1 12.45 5.46 -21.50
C GLY A 1 13.57 6.13 -20.74
N SER A 2 13.25 7.19 -20.02
CA SER A 2 14.23 7.90 -19.22
C SER A 2 13.54 8.87 -18.26
N SER A 3 13.98 8.85 -17.02
CA SER A 3 13.56 9.83 -16.01
C SER A 3 12.08 9.69 -15.66
N ILE A 4 11.60 10.62 -14.83
CA ILE A 4 10.20 10.63 -14.42
C ILE A 4 9.46 11.72 -15.19
N SER A 5 9.86 11.90 -16.44
CA SER A 5 9.30 12.92 -17.30
C SER A 5 7.81 12.64 -17.56
N HIS A 6 7.51 11.41 -17.94
CA HIS A 6 6.14 10.97 -18.03
C HIS A 6 5.65 10.62 -16.63
N SER A 7 6.19 9.53 -16.10
CA SER A 7 5.95 9.12 -14.74
C SER A 7 6.77 7.88 -14.42
N GLY A 8 7.01 7.63 -13.14
CA GLY A 8 7.70 6.43 -12.73
C GLY A 8 6.73 5.39 -12.26
N ASN A 9 5.44 5.68 -12.43
CA ASN A 9 4.39 4.78 -12.00
C ASN A 9 3.67 4.22 -13.23
N LEU A 10 3.36 2.93 -13.19
CA LEU A 10 2.75 2.26 -14.32
C LEU A 10 1.23 2.18 -14.20
N TYR A 11 0.70 2.56 -13.05
CA TYR A 11 -0.72 2.39 -12.77
C TYR A 11 -1.53 3.59 -13.29
N THR A 12 -2.78 3.67 -12.86
CA THR A 12 -3.73 4.67 -13.36
C THR A 12 -3.36 6.09 -12.90
N ALA A 13 -4.01 6.53 -11.83
CA ALA A 13 -3.80 7.85 -11.27
C ALA A 13 -4.57 8.01 -9.98
N GLY A 14 -3.87 8.37 -8.91
CA GLY A 14 -4.51 8.62 -7.64
C GLY A 14 -5.17 7.39 -7.05
N GLN A 15 -4.77 6.22 -7.53
CA GLN A 15 -5.35 4.96 -7.05
C GLN A 15 -4.68 4.54 -5.76
N CYS A 16 -5.33 3.64 -5.03
CA CYS A 16 -4.79 3.13 -3.77
C CYS A 16 -3.45 2.44 -4.02
N THR A 17 -3.41 1.60 -5.05
CA THR A 17 -2.20 0.89 -5.39
C THR A 17 -1.20 1.84 -6.06
N TRP A 18 -1.74 2.81 -6.77
CA TRP A 18 -0.94 3.80 -7.48
C TRP A 18 -0.15 4.66 -6.49
N TYR A 19 -0.84 5.16 -5.47
CA TYR A 19 -0.21 6.02 -4.49
C TYR A 19 0.89 5.27 -3.75
N VAL A 20 0.59 4.03 -3.35
CA VAL A 20 1.57 3.19 -2.67
C VAL A 20 2.83 3.02 -3.54
N TYR A 21 2.63 2.73 -4.82
CA TYR A 21 3.74 2.53 -5.74
C TYR A 21 4.53 3.82 -5.92
N ASP A 22 3.83 4.94 -5.88
CA ASP A 22 4.47 6.25 -6.02
C ASP A 22 5.31 6.57 -4.79
N LYS A 23 4.76 6.30 -3.61
CA LYS A 23 5.44 6.59 -2.35
C LYS A 23 6.75 5.82 -2.23
N VAL A 24 6.74 4.56 -2.66
CA VAL A 24 7.93 3.72 -2.56
C VAL A 24 8.91 4.05 -3.69
N GLY A 25 8.55 5.00 -4.53
CA GLY A 25 9.41 5.43 -5.62
C GLY A 25 9.49 4.40 -6.73
N GLY A 26 8.42 3.65 -6.92
CA GLY A 26 8.39 2.61 -7.94
C GLY A 26 9.46 1.57 -7.72
N GLU A 27 9.66 1.19 -6.47
CA GLU A 27 10.73 0.27 -6.11
C GLU A 27 10.20 -1.16 -5.96
N ILE A 28 8.95 -1.31 -5.57
CA ILE A 28 8.40 -2.64 -5.35
C ILE A 28 7.03 -2.79 -6.01
N GLY A 29 6.78 -3.97 -6.58
CA GLY A 29 5.45 -4.35 -6.99
C GLY A 29 4.85 -3.51 -8.09
N SER A 30 5.35 -3.67 -9.31
CA SER A 30 4.70 -3.07 -10.46
C SER A 30 3.77 -4.10 -11.08
N THR A 31 3.84 -5.31 -10.56
CA THR A 31 3.08 -6.43 -11.09
C THR A 31 2.17 -7.04 -10.03
N TRP A 32 2.00 -6.35 -8.91
CA TRP A 32 1.21 -6.90 -7.80
C TRP A 32 -0.29 -6.92 -8.15
N GLY A 33 -0.66 -6.21 -9.20
CA GLY A 33 -2.05 -6.14 -9.58
C GLY A 33 -2.79 -5.07 -8.83
N ASN A 34 -3.75 -5.50 -8.02
CA ASN A 34 -4.53 -4.60 -7.21
C ASN A 34 -4.54 -5.07 -5.77
N ALA A 35 -5.18 -4.29 -4.90
CA ALA A 35 -5.13 -4.50 -3.45
C ALA A 35 -5.47 -5.93 -3.01
N ASN A 36 -6.32 -6.60 -3.77
CA ASN A 36 -6.78 -7.95 -3.41
C ASN A 36 -5.74 -8.99 -3.74
N ASN A 37 -4.98 -8.72 -4.79
CA ASN A 37 -4.08 -9.70 -5.37
C ASN A 37 -2.64 -9.44 -4.90
N TRP A 38 -2.52 -8.54 -3.93
CA TRP A 38 -1.21 -8.07 -3.47
C TRP A 38 -0.32 -9.19 -3.00
N ALA A 39 -0.65 -9.77 -1.85
CA ALA A 39 0.20 -10.78 -1.21
C ALA A 39 0.58 -11.88 -2.20
N ALA A 40 -0.37 -12.29 -3.03
CA ALA A 40 -0.12 -13.34 -4.02
C ALA A 40 0.90 -12.88 -5.07
N ALA A 41 0.63 -11.74 -5.70
CA ALA A 41 1.49 -11.21 -6.74
C ALA A 41 2.85 -10.81 -6.18
N ALA A 42 2.83 -10.24 -4.98
CA ALA A 42 4.04 -9.84 -4.29
C ALA A 42 4.94 -11.04 -4.03
N GLN A 43 4.34 -12.14 -3.59
CA GLN A 43 5.08 -13.38 -3.36
C GLN A 43 5.59 -13.94 -4.67
N GLY A 44 4.79 -13.81 -5.72
CA GLY A 44 5.21 -14.24 -7.04
C GLY A 44 6.41 -13.46 -7.54
N ALA A 45 6.44 -12.16 -7.23
CA ALA A 45 7.57 -11.31 -7.57
C ALA A 45 8.76 -11.61 -6.67
N GLY A 46 8.47 -11.98 -5.43
CA GLY A 46 9.53 -12.35 -4.51
C GLY A 46 9.61 -11.42 -3.31
N PHE A 47 8.47 -11.10 -2.71
CA PHE A 47 8.46 -10.30 -1.49
C PHE A 47 8.19 -11.21 -0.30
N THR A 48 8.89 -10.98 0.80
CA THR A 48 8.63 -11.69 2.04
C THR A 48 7.46 -11.03 2.75
N VAL A 49 6.31 -11.69 2.79
CA VAL A 49 5.16 -11.09 3.43
C VAL A 49 5.00 -11.62 4.86
N ASN A 50 4.75 -10.70 5.76
CA ASN A 50 4.33 -11.02 7.11
C ASN A 50 3.03 -10.28 7.28
N HIS A 51 2.80 -9.73 8.46
CA HIS A 51 1.68 -8.83 8.65
C HIS A 51 1.86 -7.98 9.91
N THR A 52 2.55 -6.86 9.72
CA THR A 52 2.81 -5.91 10.80
C THR A 52 3.25 -4.57 10.20
N PRO A 53 2.38 -3.55 10.18
CA PRO A 53 2.72 -2.22 9.66
C PRO A 53 3.95 -1.63 10.36
N SER A 54 4.77 -0.92 9.60
CA SER A 54 6.02 -0.37 10.12
C SER A 54 6.41 0.87 9.32
N LYS A 55 7.20 1.75 9.93
CA LYS A 55 7.61 2.99 9.28
C LYS A 55 8.46 2.69 8.06
N GLY A 56 7.86 2.80 6.88
CA GLY A 56 8.58 2.54 5.65
C GLY A 56 8.08 1.31 4.94
N ALA A 57 7.09 0.65 5.53
CA ALA A 57 6.49 -0.53 4.92
C ALA A 57 5.10 -0.22 4.36
N ILE A 58 4.32 -1.26 4.11
CA ILE A 58 3.03 -1.10 3.49
C ILE A 58 1.96 -1.85 4.28
N LEU A 59 0.71 -1.71 3.87
CA LEU A 59 -0.42 -2.33 4.55
C LEU A 59 -1.31 -3.01 3.52
N GLN A 60 -1.88 -4.17 3.86
CA GLN A 60 -2.70 -4.91 2.89
C GLN A 60 -3.74 -5.78 3.58
N SER A 61 -4.93 -5.78 2.99
CA SER A 61 -6.00 -6.67 3.37
C SER A 61 -6.78 -7.06 2.12
N SER A 62 -7.21 -8.30 2.03
CA SER A 62 -7.90 -8.77 0.84
C SER A 62 -9.40 -8.49 0.90
N GLU A 63 -9.88 -8.13 2.08
CA GLU A 63 -11.31 -7.81 2.25
C GLU A 63 -11.62 -6.44 1.68
N GLY A 64 -12.91 -6.17 1.48
CA GLY A 64 -13.33 -4.88 0.94
C GLY A 64 -13.87 -5.02 -0.47
N PRO A 65 -13.66 -4.02 -1.34
CA PRO A 65 -14.06 -4.09 -2.73
C PRO A 65 -13.04 -4.89 -3.53
N PHE A 66 -11.90 -4.26 -3.77
CA PHE A 66 -10.73 -4.99 -4.22
C PHE A 66 -10.01 -5.49 -2.98
N GLY A 67 -9.49 -4.55 -2.22
CA GLY A 67 -8.76 -4.87 -1.02
C GLY A 67 -8.38 -3.61 -0.28
N HIS A 68 -7.34 -3.68 0.52
CA HIS A 68 -6.87 -2.53 1.28
C HIS A 68 -5.36 -2.46 1.24
N VAL A 69 -4.81 -1.69 0.31
CA VAL A 69 -3.38 -1.44 0.33
C VAL A 69 -3.09 0.02 0.58
N ALA A 70 -2.37 0.27 1.66
CA ALA A 70 -2.04 1.62 2.07
C ALA A 70 -0.58 1.68 2.44
N TYR A 71 0.09 2.71 2.00
CA TYR A 71 1.50 2.87 2.32
C TYR A 71 1.66 3.37 3.75
N VAL A 72 2.51 2.70 4.51
CA VAL A 72 2.69 3.02 5.92
C VAL A 72 3.83 4.00 6.10
N GLU A 73 3.50 5.21 6.53
CA GLU A 73 4.50 6.24 6.67
C GLU A 73 5.19 6.14 8.03
N SER A 74 4.49 5.59 9.01
CA SER A 74 5.03 5.45 10.35
C SER A 74 4.10 4.65 11.25
N VAL A 75 4.68 3.87 12.14
CA VAL A 75 3.91 3.23 13.20
C VAL A 75 4.30 3.88 14.52
N ASN A 76 3.32 4.39 15.23
CA ASN A 76 3.58 5.17 16.43
C ASN A 76 3.81 4.25 17.63
N SER A 77 4.57 4.74 18.61
CA SER A 77 4.84 3.98 19.82
C SER A 77 3.55 3.82 20.64
N ASP A 78 2.56 4.63 20.31
CA ASP A 78 1.23 4.52 20.90
C ASP A 78 0.58 3.19 20.53
N GLY A 79 1.01 2.63 19.41
CA GLY A 79 0.39 1.42 18.90
C GLY A 79 -0.46 1.71 17.68
N SER A 80 -0.87 2.97 17.56
CA SER A 80 -1.59 3.41 16.39
C SER A 80 -0.64 3.58 15.21
N VAL A 81 -1.09 3.18 14.03
CA VAL A 81 -0.25 3.21 12.85
C VAL A 81 -0.70 4.31 11.89
N THR A 82 0.25 5.12 11.44
CA THR A 82 -0.03 6.22 10.54
C THR A 82 0.23 5.81 9.10
N ILE A 83 -0.85 5.70 8.32
CA ILE A 83 -0.76 5.28 6.93
C ILE A 83 -1.37 6.32 6.01
N SER A 84 -1.01 6.25 4.73
CA SER A 84 -1.56 7.13 3.73
C SER A 84 -1.95 6.35 2.47
N GLU A 85 -3.24 6.34 2.19
CA GLU A 85 -3.80 5.68 1.02
C GLU A 85 -4.62 6.69 0.20
N MET A 86 -4.20 6.95 -1.03
CA MET A 86 -4.90 7.92 -1.86
C MET A 86 -6.09 7.30 -2.56
N ASN A 87 -7.26 7.90 -2.35
CA ASN A 87 -8.52 7.48 -2.97
C ASN A 87 -9.02 6.16 -2.39
N TYR A 88 -8.19 5.12 -2.50
CA TYR A 88 -8.55 3.78 -2.05
C TYR A 88 -9.68 3.22 -2.91
N SER A 89 -10.87 3.78 -2.76
CA SER A 89 -12.03 3.40 -3.54
C SER A 89 -13.16 4.38 -3.23
N GLY A 90 -13.22 5.48 -3.97
CA GLY A 90 -14.24 6.47 -3.72
C GLY A 90 -13.89 7.83 -4.30
N GLY A 91 -13.27 8.68 -3.48
CA GLY A 91 -12.95 10.03 -3.90
C GLY A 91 -11.61 10.13 -4.59
N PRO A 92 -11.59 10.48 -5.88
CA PRO A 92 -10.37 10.54 -6.68
C PRO A 92 -9.31 11.45 -6.07
N PHE A 93 -8.15 10.86 -5.75
CA PHE A 93 -7.01 11.56 -5.18
C PHE A 93 -7.27 12.03 -3.75
N SER A 94 -8.40 11.68 -3.19
CA SER A 94 -8.65 11.97 -1.79
C SER A 94 -7.80 11.05 -0.94
N VAL A 95 -6.60 11.50 -0.61
CA VAL A 95 -5.70 10.73 0.20
C VAL A 95 -6.33 10.48 1.58
N SER A 96 -6.83 9.26 1.77
CA SER A 96 -7.54 8.91 2.97
C SER A 96 -6.61 8.87 4.17
N SER A 97 -6.83 9.79 5.10
CA SER A 97 -6.08 9.79 6.34
C SER A 97 -6.63 8.71 7.28
N ARG A 98 -5.79 7.73 7.58
CA ARG A 98 -6.22 6.62 8.43
C ARG A 98 -5.21 6.35 9.53
N THR A 99 -5.64 5.62 10.54
CA THR A 99 -4.79 5.25 11.65
C THR A 99 -5.28 3.94 12.24
N ILE A 100 -4.47 2.89 12.12
CA ILE A 100 -4.89 1.58 12.59
C ILE A 100 -4.44 1.36 14.02
N SER A 101 -5.33 0.84 14.84
CA SER A 101 -4.95 0.40 16.18
C SER A 101 -4.17 -0.92 16.06
N ALA A 102 -3.29 -1.17 17.02
CA ALA A 102 -2.40 -2.33 16.98
C ALA A 102 -3.15 -3.63 16.68
N SER A 103 -4.31 -3.81 17.30
CA SER A 103 -5.11 -5.02 17.13
C SER A 103 -5.47 -5.24 15.67
N GLU A 104 -6.04 -4.23 15.03
CA GLU A 104 -6.45 -4.34 13.63
C GLU A 104 -5.23 -4.23 12.71
N ALA A 105 -4.18 -3.61 13.21
CA ALA A 105 -2.95 -3.45 12.45
C ALA A 105 -2.35 -4.81 12.11
N GLY A 106 -2.37 -5.72 13.09
CA GLY A 106 -1.85 -7.06 12.88
C GLY A 106 -2.70 -7.88 11.91
N ASN A 107 -3.85 -7.33 11.51
CA ASN A 107 -4.74 -8.00 10.56
C ASN A 107 -4.28 -7.75 9.13
N TYR A 108 -3.46 -6.73 8.95
CA TYR A 108 -2.99 -6.35 7.63
C TYR A 108 -1.63 -6.96 7.32
N ASN A 109 -1.50 -7.53 6.13
CA ASN A 109 -0.24 -8.10 5.67
C ASN A 109 0.60 -7.01 5.02
N TYR A 110 1.90 -7.25 4.91
CA TYR A 110 2.76 -6.32 4.19
C TYR A 110 3.82 -7.11 3.44
N ILE A 111 4.46 -6.47 2.48
CA ILE A 111 5.36 -7.17 1.60
C ILE A 111 6.75 -6.56 1.62
N HIS A 112 7.72 -7.35 2.06
CA HIS A 112 9.10 -6.91 2.19
C HIS A 112 9.91 -7.25 0.95
N ILE A 113 10.80 -6.36 0.57
CA ILE A 113 11.74 -6.60 -0.50
C ILE A 113 13.08 -7.04 0.07
N GLY A 1 -3.85 0.85 -20.75
CA GLY A 1 -3.07 0.79 -22.00
C GLY A 1 -1.76 1.54 -21.89
N SER A 2 -1.23 1.97 -23.03
CA SER A 2 0.04 2.68 -23.07
C SER A 2 -0.15 4.17 -22.83
N SER A 3 -1.38 4.59 -22.60
CA SER A 3 -1.69 6.00 -22.41
C SER A 3 -1.31 6.46 -21.00
N ILE A 4 -0.03 6.73 -20.81
CA ILE A 4 0.46 7.29 -19.55
C ILE A 4 1.30 8.53 -19.85
N SER A 5 1.28 9.49 -18.95
CA SER A 5 1.99 10.73 -19.17
C SER A 5 2.29 11.43 -17.84
N HIS A 6 3.57 11.67 -17.60
CA HIS A 6 4.04 12.38 -16.39
C HIS A 6 3.78 11.54 -15.14
N SER A 7 3.51 10.25 -15.32
CA SER A 7 3.26 9.36 -14.22
C SER A 7 4.53 8.57 -13.91
N GLY A 8 4.95 8.59 -12.65
CA GLY A 8 6.10 7.83 -12.24
C GLY A 8 5.76 6.38 -11.99
N ASN A 9 4.47 6.08 -11.97
CA ASN A 9 3.98 4.73 -11.71
C ASN A 9 3.25 4.19 -12.93
N LEU A 10 3.24 2.87 -13.05
CA LEU A 10 2.64 2.18 -14.18
C LEU A 10 1.11 2.26 -14.14
N TYR A 11 0.57 2.53 -12.96
CA TYR A 11 -0.87 2.55 -12.76
C TYR A 11 -1.47 3.84 -13.33
N THR A 12 -2.74 4.09 -13.01
CA THR A 12 -3.46 5.23 -13.55
C THR A 12 -2.93 6.56 -13.02
N ALA A 13 -3.52 7.04 -11.94
CA ALA A 13 -3.14 8.32 -11.33
C ALA A 13 -3.94 8.55 -10.06
N GLY A 14 -3.24 8.85 -8.98
CA GLY A 14 -3.88 9.12 -7.71
C GLY A 14 -4.74 7.96 -7.23
N GLN A 15 -4.36 6.76 -7.59
CA GLN A 15 -5.11 5.57 -7.22
C GLN A 15 -4.59 4.95 -5.93
N CYS A 16 -5.38 4.04 -5.37
CA CYS A 16 -5.03 3.35 -4.13
C CYS A 16 -3.72 2.57 -4.29
N THR A 17 -3.54 1.95 -5.45
CA THR A 17 -2.34 1.17 -5.70
C THR A 17 -1.32 2.01 -6.47
N TRP A 18 -1.67 3.26 -6.72
CA TRP A 18 -0.78 4.19 -7.41
C TRP A 18 0.05 4.96 -6.39
N TYR A 19 -0.62 5.49 -5.36
CA TYR A 19 0.05 6.26 -4.33
C TYR A 19 1.11 5.42 -3.62
N VAL A 20 0.77 4.15 -3.41
CA VAL A 20 1.68 3.22 -2.76
C VAL A 20 2.99 3.08 -3.53
N TYR A 21 2.90 2.75 -4.82
CA TYR A 21 4.10 2.51 -5.62
C TYR A 21 4.90 3.79 -5.79
N ASP A 22 4.22 4.94 -5.75
CA ASP A 22 4.88 6.22 -5.86
C ASP A 22 5.69 6.51 -4.59
N LYS A 23 5.06 6.31 -3.44
CA LYS A 23 5.69 6.61 -2.15
C LYS A 23 6.88 5.69 -1.87
N VAL A 24 6.83 4.47 -2.39
CA VAL A 24 7.93 3.53 -2.20
C VAL A 24 9.05 3.76 -3.23
N GLY A 25 8.91 4.84 -3.98
CA GLY A 25 9.94 5.22 -4.93
C GLY A 25 9.99 4.32 -6.14
N GLY A 26 8.89 3.64 -6.42
CA GLY A 26 8.85 2.72 -7.54
C GLY A 26 9.72 1.51 -7.31
N GLU A 27 9.53 0.88 -6.17
CA GLU A 27 10.34 -0.28 -5.81
C GLU A 27 9.56 -1.57 -5.99
N ILE A 28 8.68 -1.87 -5.05
CA ILE A 28 8.04 -3.18 -5.01
C ILE A 28 6.71 -3.20 -5.75
N GLY A 29 6.50 -4.25 -6.53
CA GLY A 29 5.18 -4.55 -7.05
C GLY A 29 4.76 -3.70 -8.24
N SER A 30 5.44 -3.84 -9.35
CA SER A 30 5.00 -3.21 -10.59
C SER A 30 3.90 -4.05 -11.25
N THR A 31 3.73 -5.26 -10.74
CA THR A 31 2.78 -6.20 -11.30
C THR A 31 2.00 -6.90 -10.19
N TRP A 32 1.76 -6.20 -9.08
CA TRP A 32 1.08 -6.80 -7.93
C TRP A 32 -0.44 -6.87 -8.16
N GLY A 33 -0.91 -6.20 -9.19
CA GLY A 33 -2.34 -6.16 -9.46
C GLY A 33 -3.03 -5.11 -8.62
N ASN A 34 -3.97 -5.56 -7.80
CA ASN A 34 -4.62 -4.68 -6.84
C ASN A 34 -4.56 -5.28 -5.44
N ALA A 35 -5.18 -4.60 -4.49
CA ALA A 35 -4.99 -4.86 -3.07
C ALA A 35 -5.25 -6.31 -2.64
N ASN A 36 -6.37 -6.87 -3.07
CA ASN A 36 -6.73 -8.23 -2.64
C ASN A 36 -5.84 -9.29 -3.30
N ASN A 37 -5.08 -8.86 -4.29
CA ASN A 37 -4.19 -9.75 -5.03
C ASN A 37 -2.75 -9.51 -4.61
N TRP A 38 -2.58 -8.52 -3.73
CA TRP A 38 -1.26 -8.07 -3.31
C TRP A 38 -0.38 -9.20 -2.81
N ALA A 39 -0.75 -9.80 -1.69
CA ALA A 39 0.08 -10.82 -1.05
C ALA A 39 0.45 -11.94 -2.03
N ALA A 40 -0.47 -12.25 -2.94
CA ALA A 40 -0.22 -13.29 -3.93
C ALA A 40 0.82 -12.82 -4.96
N ALA A 41 0.58 -11.65 -5.54
CA ALA A 41 1.49 -11.10 -6.55
C ALA A 41 2.82 -10.72 -5.93
N ALA A 42 2.75 -10.19 -4.73
CA ALA A 42 3.92 -9.76 -3.97
C ALA A 42 4.86 -10.92 -3.71
N GLN A 43 4.34 -11.99 -3.11
CA GLN A 43 5.15 -13.15 -2.79
C GLN A 43 5.63 -13.84 -4.06
N GLY A 44 4.86 -13.68 -5.12
CA GLY A 44 5.28 -14.19 -6.42
C GLY A 44 6.41 -13.38 -7.01
N ALA A 45 6.59 -12.17 -6.51
CA ALA A 45 7.69 -11.30 -6.90
C ALA A 45 8.84 -11.43 -5.92
N GLY A 46 8.65 -12.27 -4.90
CA GLY A 46 9.72 -12.55 -3.96
C GLY A 46 9.63 -11.71 -2.68
N PHE A 47 8.49 -11.05 -2.46
CA PHE A 47 8.32 -10.25 -1.26
C PHE A 47 7.95 -11.14 -0.08
N THR A 48 8.38 -10.75 1.10
CA THR A 48 8.06 -11.50 2.30
C THR A 48 6.98 -10.77 3.09
N VAL A 49 5.94 -11.50 3.48
CA VAL A 49 4.85 -10.90 4.23
C VAL A 49 4.86 -11.43 5.68
N ASN A 50 4.89 -10.50 6.63
CA ASN A 50 4.94 -10.86 8.04
C ASN A 50 3.79 -10.19 8.77
N HIS A 51 2.93 -9.56 7.99
CA HIS A 51 1.84 -8.71 8.46
C HIS A 51 2.23 -7.86 9.68
N THR A 52 3.02 -6.83 9.43
CA THR A 52 3.50 -5.94 10.47
C THR A 52 3.90 -4.61 9.85
N PRO A 53 2.99 -3.62 9.83
CA PRO A 53 3.25 -2.31 9.21
C PRO A 53 4.47 -1.60 9.81
N SER A 54 5.11 -0.76 9.00
CA SER A 54 6.33 -0.08 9.39
C SER A 54 6.49 1.17 8.54
N LYS A 55 7.29 2.12 9.00
CA LYS A 55 7.47 3.38 8.30
C LYS A 55 8.16 3.15 6.96
N GLY A 56 7.41 3.24 5.88
CA GLY A 56 7.95 2.98 4.55
C GLY A 56 7.41 1.71 3.95
N ALA A 57 6.62 0.98 4.72
CA ALA A 57 5.99 -0.25 4.23
C ALA A 57 4.57 0.03 3.78
N ILE A 58 3.81 -1.01 3.51
CA ILE A 58 2.43 -0.85 3.06
C ILE A 58 1.49 -1.76 3.82
N LEU A 59 0.27 -1.28 4.03
CA LEU A 59 -0.75 -2.01 4.76
C LEU A 59 -1.71 -2.69 3.77
N GLN A 60 -1.94 -4.00 3.91
CA GLN A 60 -2.71 -4.77 2.93
C GLN A 60 -3.81 -5.62 3.56
N SER A 61 -4.97 -5.63 2.91
CA SER A 61 -6.10 -6.46 3.31
C SER A 61 -6.68 -7.15 2.08
N SER A 62 -7.23 -8.33 2.29
CA SER A 62 -7.80 -9.11 1.19
C SER A 62 -9.27 -8.79 0.97
N GLU A 63 -9.92 -8.26 2.00
CA GLU A 63 -11.34 -7.93 1.88
C GLU A 63 -11.51 -6.51 1.35
N GLY A 64 -12.72 -6.20 0.91
CA GLY A 64 -12.99 -4.91 0.32
C GLY A 64 -13.34 -5.03 -1.15
N PRO A 65 -13.74 -3.92 -1.79
CA PRO A 65 -14.12 -3.93 -3.22
C PRO A 65 -12.95 -4.30 -4.12
N PHE A 66 -11.75 -4.00 -3.66
CA PHE A 66 -10.53 -4.32 -4.39
C PHE A 66 -9.47 -4.82 -3.42
N GLY A 67 -9.84 -4.85 -2.14
CA GLY A 67 -8.89 -5.11 -1.08
C GLY A 67 -8.57 -3.83 -0.33
N HIS A 68 -7.46 -3.82 0.39
CA HIS A 68 -7.05 -2.62 1.13
C HIS A 68 -5.53 -2.47 1.11
N VAL A 69 -4.97 -1.67 0.20
CA VAL A 69 -3.58 -1.34 0.31
C VAL A 69 -3.39 0.15 0.54
N ALA A 70 -2.81 0.45 1.69
CA ALA A 70 -2.53 1.81 2.08
C ALA A 70 -1.08 1.89 2.51
N TYR A 71 -0.36 2.84 1.95
CA TYR A 71 1.04 2.96 2.25
C TYR A 71 1.25 3.47 3.67
N VAL A 72 2.16 2.82 4.38
CA VAL A 72 2.40 3.13 5.78
C VAL A 72 3.41 4.26 5.91
N GLU A 73 2.94 5.41 6.37
CA GLU A 73 3.80 6.57 6.50
C GLU A 73 4.67 6.47 7.74
N SER A 74 4.15 5.80 8.77
CA SER A 74 4.83 5.67 10.05
C SER A 74 3.99 4.88 11.04
N VAL A 75 4.64 4.15 11.93
CA VAL A 75 3.95 3.48 13.01
C VAL A 75 4.24 4.21 14.33
N ASN A 76 3.19 4.52 15.07
CA ASN A 76 3.31 5.36 16.25
C ASN A 76 3.80 4.58 17.45
N SER A 77 4.24 5.30 18.46
CA SER A 77 4.79 4.70 19.67
C SER A 77 3.72 3.95 20.47
N ASP A 78 2.45 4.32 20.26
CA ASP A 78 1.34 3.69 20.97
C ASP A 78 0.92 2.38 20.32
N GLY A 79 1.56 2.04 19.20
CA GLY A 79 1.21 0.83 18.49
C GLY A 79 0.30 1.12 17.32
N SER A 80 -0.36 2.27 17.36
CA SER A 80 -1.23 2.70 16.26
C SER A 80 -0.38 3.02 15.03
N VAL A 81 -0.92 2.73 13.87
CA VAL A 81 -0.17 2.91 12.63
C VAL A 81 -0.79 3.99 11.76
N THR A 82 0.01 4.94 11.33
CA THR A 82 -0.44 6.02 10.47
C THR A 82 -0.21 5.64 9.01
N ILE A 83 -1.29 5.37 8.30
CA ILE A 83 -1.19 5.01 6.90
C ILE A 83 -1.83 6.09 6.03
N SER A 84 -1.40 6.16 4.80
CA SER A 84 -1.97 7.09 3.85
C SER A 84 -2.40 6.37 2.58
N GLU A 85 -3.69 6.40 2.34
CA GLU A 85 -4.29 5.74 1.18
C GLU A 85 -4.97 6.76 0.28
N MET A 86 -4.31 7.10 -0.82
CA MET A 86 -4.83 8.08 -1.76
C MET A 86 -5.98 7.49 -2.59
N ASN A 87 -7.11 8.19 -2.56
CA ASN A 87 -8.32 7.81 -3.30
C ASN A 87 -8.98 6.61 -2.65
N TYR A 88 -8.29 5.45 -2.65
CA TYR A 88 -8.83 4.23 -2.07
C TYR A 88 -10.17 3.89 -2.75
N SER A 89 -10.21 4.10 -4.06
CA SER A 89 -11.43 3.99 -4.88
C SER A 89 -12.58 4.80 -4.26
N GLY A 90 -12.47 6.11 -4.39
CA GLY A 90 -13.47 7.00 -3.86
C GLY A 90 -13.28 8.43 -4.33
N GLY A 91 -12.64 9.24 -3.49
CA GLY A 91 -12.36 10.61 -3.86
C GLY A 91 -11.01 10.75 -4.55
N PRO A 92 -10.99 11.30 -5.77
CA PRO A 92 -9.75 11.43 -6.55
C PRO A 92 -8.65 12.19 -5.80
N PHE A 93 -7.54 11.49 -5.59
CA PHE A 93 -6.35 12.05 -4.94
C PHE A 93 -6.59 12.37 -3.47
N SER A 94 -7.72 11.91 -2.91
CA SER A 94 -7.95 12.07 -1.49
C SER A 94 -6.97 11.19 -0.73
N VAL A 95 -5.82 11.74 -0.42
CA VAL A 95 -4.84 11.04 0.40
C VAL A 95 -5.42 10.84 1.81
N SER A 96 -6.11 9.73 1.99
CA SER A 96 -6.85 9.47 3.21
C SER A 96 -5.93 9.25 4.38
N SER A 97 -6.20 9.97 5.45
CA SER A 97 -5.44 9.85 6.68
C SER A 97 -6.10 8.82 7.59
N ARG A 98 -5.52 7.64 7.67
CA ARG A 98 -6.13 6.54 8.39
C ARG A 98 -5.17 5.98 9.44
N THR A 99 -5.72 5.54 10.57
CA THR A 99 -4.92 5.02 11.66
C THR A 99 -5.32 3.58 11.97
N ILE A 100 -4.36 2.67 11.84
CA ILE A 100 -4.60 1.27 12.12
C ILE A 100 -4.21 0.94 13.56
N SER A 101 -5.16 0.50 14.36
CA SER A 101 -4.86 0.00 15.70
C SER A 101 -3.97 -1.24 15.60
N ALA A 102 -3.10 -1.44 16.60
CA ALA A 102 -2.15 -2.55 16.58
C ALA A 102 -2.83 -3.90 16.38
N SER A 103 -3.99 -4.07 16.99
CA SER A 103 -4.75 -5.31 16.86
C SER A 103 -5.15 -5.56 15.41
N GLU A 104 -5.67 -4.52 14.76
CA GLU A 104 -6.09 -4.61 13.37
C GLU A 104 -4.85 -4.67 12.47
N ALA A 105 -3.74 -4.12 12.96
CA ALA A 105 -2.47 -4.17 12.23
C ALA A 105 -1.94 -5.59 12.17
N GLY A 106 -2.30 -6.38 13.18
CA GLY A 106 -1.96 -7.80 13.18
C GLY A 106 -2.81 -8.58 12.19
N ASN A 107 -3.82 -7.92 11.64
CA ASN A 107 -4.69 -8.53 10.64
C ASN A 107 -4.12 -8.33 9.24
N TYR A 108 -3.73 -7.10 8.94
CA TYR A 108 -3.32 -6.75 7.61
C TYR A 108 -1.88 -7.18 7.33
N ASN A 109 -1.66 -7.70 6.13
CA ASN A 109 -0.33 -8.13 5.71
C ASN A 109 0.46 -6.94 5.18
N TYR A 110 1.76 -7.11 5.03
CA TYR A 110 2.60 -6.10 4.42
C TYR A 110 3.68 -6.80 3.63
N ILE A 111 4.08 -6.21 2.52
CA ILE A 111 5.01 -6.86 1.63
C ILE A 111 6.31 -6.08 1.54
N HIS A 112 7.41 -6.73 1.83
CA HIS A 112 8.70 -6.08 1.72
C HIS A 112 9.73 -7.04 1.12
N ILE A 113 10.80 -6.48 0.59
CA ILE A 113 11.88 -7.26 0.06
C ILE A 113 12.66 -7.92 1.18
N GLY A 1 20.75 7.14 -6.17
CA GLY A 1 20.10 8.15 -7.03
C GLY A 1 18.83 8.68 -6.41
N SER A 2 18.68 10.00 -6.44
CA SER A 2 17.53 10.65 -5.83
C SER A 2 16.77 11.48 -6.87
N SER A 3 17.04 11.22 -8.14
CA SER A 3 16.38 11.95 -9.22
C SER A 3 15.01 11.34 -9.55
N ILE A 4 13.96 12.03 -9.16
CA ILE A 4 12.59 11.58 -9.42
C ILE A 4 11.59 12.66 -9.03
N SER A 5 10.95 13.25 -10.03
CA SER A 5 9.91 14.23 -9.81
C SER A 5 8.55 13.66 -10.20
N HIS A 6 8.16 12.59 -9.48
CA HIS A 6 6.99 11.77 -9.82
C HIS A 6 6.93 11.52 -11.32
N SER A 7 7.75 10.58 -11.78
CA SER A 7 7.93 10.32 -13.19
C SER A 7 6.79 9.47 -13.75
N GLY A 8 5.77 9.23 -12.93
CA GLY A 8 4.63 8.44 -13.37
C GLY A 8 4.76 6.99 -12.97
N ASN A 9 3.64 6.29 -12.94
CA ASN A 9 3.64 4.88 -12.60
C ASN A 9 2.97 4.07 -13.69
N LEU A 10 3.04 2.75 -13.57
CA LEU A 10 2.32 1.88 -14.49
C LEU A 10 0.81 2.05 -14.34
N TYR A 11 0.40 2.39 -13.13
CA TYR A 11 -1.02 2.48 -12.80
C TYR A 11 -1.60 3.83 -13.22
N THR A 12 -2.83 4.10 -12.78
CA THR A 12 -3.61 5.23 -13.27
C THR A 12 -3.05 6.58 -12.80
N ALA A 13 -3.64 7.14 -11.75
CA ALA A 13 -3.23 8.44 -11.23
C ALA A 13 -3.97 8.74 -9.93
N GLY A 14 -3.25 8.67 -8.82
CA GLY A 14 -3.83 8.97 -7.54
C GLY A 14 -4.71 7.85 -7.01
N GLN A 15 -4.44 6.63 -7.45
CA GLN A 15 -5.23 5.48 -7.02
C GLN A 15 -4.60 4.84 -5.79
N CYS A 16 -5.23 3.80 -5.26
CA CYS A 16 -4.77 3.16 -4.02
C CYS A 16 -3.39 2.53 -4.20
N THR A 17 -3.28 1.59 -5.12
CA THR A 17 -2.02 0.92 -5.39
C THR A 17 -1.04 1.87 -6.07
N TRP A 18 -1.59 2.91 -6.69
CA TRP A 18 -0.78 3.92 -7.36
C TRP A 18 -0.03 4.76 -6.33
N TYR A 19 -0.77 5.26 -5.33
CA TYR A 19 -0.18 6.10 -4.29
C TYR A 19 0.90 5.35 -3.54
N VAL A 20 0.60 4.10 -3.19
CA VAL A 20 1.55 3.22 -2.53
C VAL A 20 2.83 3.08 -3.35
N TYR A 21 2.67 2.77 -4.63
CA TYR A 21 3.81 2.53 -5.52
C TYR A 21 4.66 3.80 -5.68
N ASP A 22 4.00 4.95 -5.71
CA ASP A 22 4.70 6.23 -5.84
C ASP A 22 5.47 6.56 -4.57
N LYS A 23 4.83 6.37 -3.42
CA LYS A 23 5.42 6.70 -2.13
C LYS A 23 6.62 5.83 -1.81
N VAL A 24 6.68 4.64 -2.39
CA VAL A 24 7.83 3.76 -2.19
C VAL A 24 8.88 4.00 -3.28
N GLY A 25 8.61 4.95 -4.17
CA GLY A 25 9.53 5.28 -5.23
C GLY A 25 9.70 4.15 -6.23
N GLY A 26 8.68 3.32 -6.35
CA GLY A 26 8.75 2.17 -7.24
C GLY A 26 9.65 1.08 -6.71
N GLU A 27 9.90 1.09 -5.40
CA GLU A 27 10.75 0.10 -4.75
C GLU A 27 10.19 -1.30 -4.97
N ILE A 28 8.98 -1.51 -4.51
CA ILE A 28 8.31 -2.79 -4.70
C ILE A 28 7.04 -2.58 -5.52
N GLY A 29 6.60 -3.60 -6.22
CA GLY A 29 5.31 -3.53 -6.86
C GLY A 29 5.35 -3.93 -8.32
N SER A 30 4.48 -3.27 -9.10
CA SER A 30 4.31 -3.49 -10.54
C SER A 30 3.69 -4.86 -10.85
N THR A 31 4.13 -5.89 -10.15
CA THR A 31 3.65 -7.25 -10.39
C THR A 31 2.67 -7.71 -9.32
N TRP A 32 2.28 -6.81 -8.42
CA TRP A 32 1.39 -7.20 -7.32
C TRP A 32 -0.08 -7.18 -7.75
N GLY A 33 -0.36 -6.68 -8.94
CA GLY A 33 -1.72 -6.60 -9.41
C GLY A 33 -2.46 -5.44 -8.80
N ASN A 34 -3.54 -5.75 -8.10
CA ASN A 34 -4.26 -4.75 -7.33
C ASN A 34 -4.25 -5.12 -5.86
N ALA A 35 -4.94 -4.31 -5.06
CA ALA A 35 -4.83 -4.41 -3.60
C ALA A 35 -5.18 -5.79 -3.05
N ASN A 36 -6.32 -6.34 -3.43
CA ASN A 36 -6.77 -7.61 -2.87
C ASN A 36 -6.00 -8.80 -3.46
N ASN A 37 -5.12 -8.51 -4.42
CA ASN A 37 -4.31 -9.53 -5.07
C ASN A 37 -2.87 -9.44 -4.55
N TRP A 38 -2.65 -8.48 -3.66
CA TRP A 38 -1.31 -8.13 -3.17
C TRP A 38 -0.53 -9.31 -2.61
N ALA A 39 -0.96 -9.81 -1.44
CA ALA A 39 -0.21 -10.83 -0.72
C ALA A 39 0.17 -12.00 -1.63
N ALA A 40 -0.73 -12.37 -2.52
CA ALA A 40 -0.49 -13.47 -3.44
C ALA A 40 0.53 -13.08 -4.50
N ALA A 41 0.34 -11.92 -5.13
CA ALA A 41 1.21 -11.45 -6.18
C ALA A 41 2.58 -11.07 -5.66
N ALA A 42 2.61 -10.42 -4.51
CA ALA A 42 3.85 -9.99 -3.88
C ALA A 42 4.79 -11.18 -3.68
N GLN A 43 4.23 -12.32 -3.26
CA GLN A 43 5.03 -13.52 -3.04
C GLN A 43 5.55 -14.07 -4.36
N GLY A 44 4.72 -14.01 -5.40
CA GLY A 44 5.12 -14.46 -6.71
C GLY A 44 6.16 -13.54 -7.32
N ALA A 45 6.06 -12.26 -6.99
CA ALA A 45 7.02 -11.26 -7.44
C ALA A 45 8.36 -11.46 -6.75
N GLY A 46 8.31 -11.91 -5.50
CA GLY A 46 9.53 -12.17 -4.77
C GLY A 46 9.70 -11.27 -3.56
N PHE A 47 8.59 -10.74 -3.04
CA PHE A 47 8.64 -9.90 -1.86
C PHE A 47 8.50 -10.75 -0.62
N THR A 48 9.07 -10.29 0.48
CA THR A 48 8.91 -10.97 1.76
C THR A 48 7.61 -10.51 2.41
N VAL A 49 6.64 -11.42 2.47
CA VAL A 49 5.32 -11.10 2.97
C VAL A 49 5.22 -11.33 4.47
N ASN A 50 4.93 -10.27 5.20
CA ASN A 50 4.73 -10.32 6.62
C ASN A 50 3.37 -9.71 6.88
N HIS A 51 3.15 -9.31 8.11
CA HIS A 51 1.92 -8.64 8.47
C HIS A 51 2.10 -7.80 9.73
N THR A 52 2.90 -6.77 9.61
CA THR A 52 3.18 -5.84 10.70
C THR A 52 3.65 -4.50 10.11
N PRO A 53 2.72 -3.56 9.90
CA PRO A 53 3.03 -2.27 9.29
C PRO A 53 4.04 -1.45 10.08
N SER A 54 4.78 -0.61 9.36
CA SER A 54 5.81 0.23 9.94
C SER A 54 6.20 1.27 8.90
N LYS A 55 7.04 2.22 9.26
CA LYS A 55 7.45 3.26 8.32
C LYS A 55 8.18 2.65 7.13
N GLY A 56 7.64 2.86 5.93
CA GLY A 56 8.23 2.29 4.74
C GLY A 56 7.60 0.96 4.37
N ALA A 57 6.51 0.64 5.04
CA ALA A 57 5.79 -0.59 4.78
C ALA A 57 4.42 -0.30 4.19
N ILE A 58 3.56 -1.30 4.12
CA ILE A 58 2.23 -1.12 3.54
C ILE A 58 1.17 -1.78 4.42
N LEU A 59 -0.05 -1.81 3.92
CA LEU A 59 -1.17 -2.44 4.62
C LEU A 59 -1.97 -3.26 3.61
N GLN A 60 -2.78 -4.20 4.09
CA GLN A 60 -3.56 -5.06 3.20
C GLN A 60 -4.79 -5.64 3.87
N SER A 61 -5.92 -5.46 3.21
CA SER A 61 -7.17 -6.07 3.58
C SER A 61 -7.89 -6.52 2.32
N SER A 62 -8.67 -7.59 2.43
CA SER A 62 -9.40 -8.12 1.29
C SER A 62 -10.91 -7.95 1.48
N GLU A 63 -11.28 -6.95 2.27
CA GLU A 63 -12.69 -6.69 2.57
C GLU A 63 -13.32 -5.79 1.49
N GLY A 64 -12.82 -5.90 0.27
CA GLY A 64 -13.32 -5.06 -0.81
C GLY A 64 -13.04 -5.65 -2.17
N PRO A 65 -13.71 -5.15 -3.22
CA PRO A 65 -13.56 -5.67 -4.59
C PRO A 65 -12.15 -5.46 -5.16
N PHE A 66 -11.59 -4.29 -4.92
CA PHE A 66 -10.24 -3.99 -5.35
C PHE A 66 -9.24 -4.35 -4.26
N GLY A 67 -9.74 -4.45 -3.03
CA GLY A 67 -8.89 -4.71 -1.89
C GLY A 67 -8.48 -3.43 -1.19
N HIS A 68 -7.72 -3.56 -0.12
CA HIS A 68 -7.31 -2.40 0.64
C HIS A 68 -5.81 -2.44 0.94
N VAL A 69 -5.02 -1.76 0.14
CA VAL A 69 -3.62 -1.57 0.49
C VAL A 69 -3.32 -0.09 0.66
N ALA A 70 -2.67 0.24 1.76
CA ALA A 70 -2.33 1.62 2.06
C ALA A 70 -0.90 1.71 2.55
N TYR A 71 -0.17 2.70 2.07
CA TYR A 71 1.24 2.83 2.39
C TYR A 71 1.43 3.39 3.80
N VAL A 72 2.36 2.80 4.53
CA VAL A 72 2.61 3.20 5.91
C VAL A 72 3.76 4.21 5.98
N GLU A 73 3.48 5.38 6.54
CA GLU A 73 4.47 6.44 6.58
C GLU A 73 5.21 6.49 7.90
N SER A 74 4.63 5.87 8.93
CA SER A 74 5.23 5.88 10.26
C SER A 74 4.45 5.00 11.23
N VAL A 75 5.12 4.57 12.28
CA VAL A 75 4.48 3.86 13.38
C VAL A 75 4.44 4.78 14.60
N ASN A 76 3.33 4.77 15.31
CA ASN A 76 3.11 5.69 16.41
C ASN A 76 3.69 5.13 17.70
N SER A 77 3.65 5.93 18.76
CA SER A 77 4.23 5.58 20.03
C SER A 77 3.38 4.54 20.77
N ASP A 78 2.07 4.57 20.54
CA ASP A 78 1.15 3.66 21.21
C ASP A 78 1.22 2.26 20.59
N GLY A 79 1.64 2.19 19.34
CA GLY A 79 1.70 0.91 18.65
C GLY A 79 0.92 0.93 17.35
N SER A 80 0.04 1.90 17.22
CA SER A 80 -0.71 2.06 15.99
C SER A 80 0.19 2.63 14.88
N VAL A 81 -0.20 2.46 13.65
CA VAL A 81 0.57 2.98 12.53
C VAL A 81 -0.21 4.03 11.76
N THR A 82 0.50 5.03 11.26
CA THR A 82 -0.10 6.07 10.46
C THR A 82 0.08 5.76 8.98
N ILE A 83 -1.01 5.38 8.33
CA ILE A 83 -0.96 5.01 6.93
C ILE A 83 -1.57 6.11 6.06
N SER A 84 -1.20 6.12 4.80
CA SER A 84 -1.81 7.01 3.84
C SER A 84 -2.10 6.27 2.55
N GLU A 85 -3.28 6.52 2.02
CA GLU A 85 -3.72 5.95 0.76
C GLU A 85 -4.36 7.05 -0.05
N MET A 86 -4.77 6.75 -1.28
CA MET A 86 -5.39 7.76 -2.11
C MET A 86 -6.42 7.11 -3.03
N ASN A 87 -7.62 7.70 -3.06
CA ASN A 87 -8.73 7.23 -3.90
C ASN A 87 -9.34 5.94 -3.35
N TYR A 88 -8.48 4.93 -3.19
CA TYR A 88 -8.91 3.61 -2.71
C TYR A 88 -9.78 2.93 -3.78
N SER A 89 -11.05 3.29 -3.80
CA SER A 89 -11.98 2.81 -4.79
C SER A 89 -13.20 3.72 -4.84
N GLY A 90 -13.03 4.95 -4.35
CA GLY A 90 -14.15 5.85 -4.21
C GLY A 90 -13.85 7.24 -4.74
N GLY A 91 -13.45 8.14 -3.84
CA GLY A 91 -13.22 9.52 -4.23
C GLY A 91 -11.84 9.73 -4.82
N PRO A 92 -11.77 10.20 -6.07
CA PRO A 92 -10.50 10.44 -6.75
C PRO A 92 -9.57 11.38 -5.99
N PHE A 93 -8.38 10.88 -5.69
CA PHE A 93 -7.33 11.66 -5.03
C PHE A 93 -7.69 12.00 -3.59
N SER A 94 -8.65 11.28 -3.03
CA SER A 94 -8.89 11.38 -1.61
C SER A 94 -7.74 10.72 -0.87
N VAL A 95 -6.78 11.52 -0.44
CA VAL A 95 -5.70 11.02 0.38
C VAL A 95 -6.26 10.59 1.73
N SER A 96 -6.71 9.34 1.80
CA SER A 96 -7.41 8.84 2.97
C SER A 96 -6.44 8.55 4.10
N SER A 97 -6.54 9.33 5.15
CA SER A 97 -5.70 9.17 6.33
C SER A 97 -6.39 8.28 7.36
N ARG A 98 -5.72 7.19 7.75
CA ARG A 98 -6.28 6.27 8.73
C ARG A 98 -5.23 5.91 9.77
N THR A 99 -5.69 5.52 10.94
CA THR A 99 -4.80 5.04 11.99
C THR A 99 -5.07 3.56 12.25
N ILE A 100 -4.07 2.73 12.00
CA ILE A 100 -4.22 1.30 12.22
C ILE A 100 -3.69 0.91 13.58
N SER A 101 -4.57 0.55 14.50
CA SER A 101 -4.16 0.11 15.82
C SER A 101 -3.38 -1.18 15.70
N ALA A 102 -2.47 -1.43 16.65
CA ALA A 102 -1.73 -2.68 16.68
C ALA A 102 -2.67 -3.89 16.59
N SER A 103 -3.88 -3.70 17.10
CA SER A 103 -4.92 -4.71 17.04
C SER A 103 -5.16 -5.16 15.60
N GLU A 104 -5.39 -4.19 14.70
CA GLU A 104 -5.61 -4.49 13.29
C GLU A 104 -4.30 -4.68 12.57
N ALA A 105 -3.26 -4.06 13.07
CA ALA A 105 -1.93 -4.13 12.46
C ALA A 105 -1.44 -5.57 12.38
N GLY A 106 -1.80 -6.37 13.38
CA GLY A 106 -1.43 -7.78 13.36
C GLY A 106 -2.25 -8.58 12.36
N ASN A 107 -3.34 -7.99 11.87
CA ASN A 107 -4.24 -8.66 10.94
C ASN A 107 -3.86 -8.37 9.50
N TYR A 108 -3.52 -7.12 9.22
CA TYR A 108 -3.23 -6.69 7.86
C TYR A 108 -1.83 -7.13 7.42
N ASN A 109 -1.73 -7.59 6.18
CA ASN A 109 -0.45 -8.00 5.62
C ASN A 109 0.31 -6.80 5.07
N TYR A 110 1.61 -6.89 5.06
CA TYR A 110 2.44 -5.89 4.40
C TYR A 110 3.60 -6.60 3.71
N ILE A 111 4.10 -6.02 2.66
CA ILE A 111 5.10 -6.69 1.85
C ILE A 111 6.39 -5.88 1.79
N HIS A 112 7.50 -6.52 2.09
CA HIS A 112 8.79 -5.85 2.02
C HIS A 112 9.79 -6.73 1.28
N ILE A 113 10.56 -6.14 0.39
CA ILE A 113 11.52 -6.88 -0.40
C ILE A 113 12.67 -7.39 0.48
#